data_1KYA
#
_entry.id   1KYA
#
_cell.length_a   87.720
_cell.length_b   110.520
_cell.length_c   123.201
_cell.angle_alpha   90
_cell.angle_beta   103.436
_cell.angle_gamma   90
#
_symmetry.space_group_name_H-M   'P 1 21 1'
#
loop_
_entity.id
_entity.type
_entity.pdbx_description
1 polymer LACCASE
2 non-polymer 2-acetamido-2-deoxy-beta-D-glucopyranose
3 non-polymer 'COPPER (II) ION'
4 non-polymer TETRAHYDROPYRAN
5 non-polymer 2,5-DIMETHYLANILINE
6 water water
#
_entity_poly.entity_id   1
_entity_poly.type   'polypeptide(L)'
_entity_poly.pdbx_seq_one_letter_code
;GIGPVADLTITNAAVSPDGFSRQAVVVNGGTPGPLITGNMGDRFQLNVIDNLTNHTMLKSTSIHWHGFFQKGTNWADGPA
FINQCPISSGHSFLYDFQVPDQAGTFWYHSHLSTQYCDGLRGPFVVYDPNDPAADLYDVDNDDTVITLVDWYHVAAKLGP
AFPLGADATLINGKGRSPSTTTADLSVISVTPGKRYRFRLVSLSCDPNYTFSIDGHNMTIIETDSINTAPLVVDSIQIFA
AQRYSFVLEANQAVDNYWIRANPNFGNVGFTGGINSAILRYDGAAAVEPTTTQTTSTAPLNEVNLHPLVATAVPGSPVAG
GVDLAINMAFNFNGTNFFINGASFTPPTVPVLLQIISGAQNAQDLLPSGSVYSLPSNADIEISFPATAAAPGAPHPFHLH
GHAFAVVRSAGSTVYNYDNPIFRDVVSTGTPAAGDNVTIRFRTDNPGPWFLHCHIDFHLEAGFAVVFAEDIPDVASANPV
PQAWSDLCPTYDARDPSDQ
;
_entity_poly.pdbx_strand_id   A,B,C,D
#
# COMPACT_ATOMS: atom_id res chain seq x y z
N GLY A 1 32.47 -33.50 -48.21
CA GLY A 1 31.90 -33.78 -46.92
C GLY A 1 31.38 -32.51 -46.27
N ILE A 2 31.08 -32.54 -44.98
CA ILE A 2 30.57 -31.30 -44.34
C ILE A 2 31.68 -30.49 -43.65
N GLY A 3 32.01 -29.37 -44.33
CA GLY A 3 33.04 -28.43 -43.89
C GLY A 3 33.37 -28.35 -42.42
N PRO A 4 34.46 -27.65 -42.06
CA PRO A 4 34.95 -27.47 -40.68
C PRO A 4 33.88 -27.01 -39.69
N VAL A 5 32.88 -26.29 -40.19
CA VAL A 5 31.79 -25.81 -39.33
C VAL A 5 30.53 -26.53 -39.76
N ALA A 6 29.90 -27.23 -38.81
CA ALA A 6 28.69 -27.98 -39.11
C ALA A 6 27.94 -28.44 -37.89
N ASP A 7 26.67 -28.77 -38.10
CA ASP A 7 25.83 -29.25 -37.03
C ASP A 7 25.70 -30.78 -37.09
N LEU A 8 25.73 -31.40 -35.92
CA LEU A 8 25.60 -32.84 -35.82
C LEU A 8 24.41 -33.09 -34.89
N THR A 9 23.25 -33.27 -35.52
CA THR A 9 21.98 -33.50 -34.82
C THR A 9 21.82 -34.99 -34.50
N ILE A 10 21.85 -35.32 -33.23
CA ILE A 10 21.73 -36.70 -32.79
C ILE A 10 20.27 -37.07 -32.45
N THR A 11 19.79 -38.15 -33.06
CA THR A 11 18.43 -38.61 -32.83
C THR A 11 18.35 -40.13 -32.88
N ASN A 12 17.17 -40.67 -32.60
CA ASN A 12 16.93 -42.09 -32.62
C ASN A 12 16.17 -42.36 -33.91
N ALA A 13 16.36 -43.54 -34.50
CA ALA A 13 15.67 -43.88 -35.72
C ALA A 13 15.80 -45.37 -36.01
N ALA A 14 14.78 -45.92 -36.65
CA ALA A 14 14.79 -47.32 -37.03
C ALA A 14 15.75 -47.35 -38.23
N VAL A 15 16.59 -48.37 -38.33
CA VAL A 15 17.52 -48.44 -39.43
C VAL A 15 17.78 -49.90 -39.79
N SER A 16 18.30 -50.14 -40.98
CA SER A 16 18.54 -51.51 -41.43
C SER A 16 19.71 -51.65 -42.42
N PRO A 17 20.93 -51.29 -41.99
CA PRO A 17 22.11 -51.38 -42.87
C PRO A 17 22.41 -52.78 -43.41
N ASP A 18 21.95 -53.82 -42.70
CA ASP A 18 22.17 -55.20 -43.13
C ASP A 18 20.85 -55.89 -43.47
N GLY A 19 19.77 -55.11 -43.56
CA GLY A 19 18.48 -55.69 -43.89
C GLY A 19 17.57 -55.90 -42.68
N PHE A 20 18.16 -55.87 -41.50
CA PHE A 20 17.40 -56.06 -40.28
C PHE A 20 17.05 -54.71 -39.67
N SER A 21 15.77 -54.46 -39.49
CA SER A 21 15.33 -53.19 -38.92
C SER A 21 15.51 -53.15 -37.41
N ARG A 22 16.12 -52.09 -36.91
CA ARG A 22 16.32 -51.93 -35.48
C ARG A 22 16.53 -50.47 -35.13
N GLN A 23 16.05 -50.08 -33.97
CA GLN A 23 16.22 -48.71 -33.49
C GLN A 23 17.69 -48.49 -33.16
N ALA A 24 18.17 -47.27 -33.38
CA ALA A 24 19.56 -46.95 -33.12
C ALA A 24 19.75 -45.45 -32.91
N VAL A 25 20.99 -45.07 -32.62
CA VAL A 25 21.38 -43.68 -32.44
C VAL A 25 21.93 -43.25 -33.79
N VAL A 26 21.34 -42.22 -34.36
CA VAL A 26 21.71 -41.73 -35.68
C VAL A 26 22.21 -40.28 -35.68
N VAL A 27 23.12 -39.98 -36.60
CA VAL A 27 23.70 -38.64 -36.73
C VAL A 27 23.24 -38.05 -38.06
N ASN A 28 22.49 -36.94 -37.99
CA ASN A 28 21.98 -36.28 -39.17
C ASN A 28 21.20 -37.26 -40.05
N GLY A 29 20.54 -38.23 -39.42
CA GLY A 29 19.77 -39.20 -40.17
C GLY A 29 20.35 -40.59 -40.39
N GLY A 30 21.68 -40.75 -40.27
CA GLY A 30 22.28 -42.07 -40.52
C GLY A 30 23.19 -42.59 -39.41
N THR A 31 23.30 -43.91 -39.27
CA THR A 31 24.14 -44.50 -38.23
C THR A 31 25.57 -44.27 -38.59
N PRO A 32 26.10 -44.90 -39.64
CA PRO A 32 27.46 -44.50 -39.92
C PRO A 32 27.33 -43.05 -40.13
N GLY A 33 27.66 -42.21 -39.15
CA GLY A 33 27.52 -40.77 -39.29
C GLY A 33 28.14 -40.18 -40.54
N PRO A 34 27.75 -38.95 -40.90
CA PRO A 34 28.25 -38.24 -42.07
C PRO A 34 29.76 -38.04 -42.01
N LEU A 35 30.43 -38.16 -43.14
CA LEU A 35 31.86 -37.96 -43.22
C LEU A 35 32.14 -36.47 -42.94
N ILE A 36 32.96 -36.21 -41.93
CA ILE A 36 33.34 -34.85 -41.57
C ILE A 36 34.72 -34.60 -42.17
N THR A 37 34.90 -33.46 -42.85
CA THR A 37 36.19 -33.14 -43.44
C THR A 37 36.61 -31.68 -43.23
N GLY A 38 37.90 -31.43 -43.47
CA GLY A 38 38.49 -30.11 -43.32
C GLY A 38 39.95 -30.20 -43.70
N ASN A 39 40.64 -29.06 -43.73
CA ASN A 39 42.06 -29.06 -44.09
C ASN A 39 42.93 -28.80 -42.87
N MET A 40 44.17 -29.27 -42.92
CA MET A 40 45.11 -29.06 -41.83
C MET A 40 45.15 -27.56 -41.50
N GLY A 41 45.01 -27.23 -40.22
CA GLY A 41 45.05 -25.85 -39.82
C GLY A 41 43.65 -25.27 -39.59
N ASP A 42 42.65 -25.92 -40.20
CA ASP A 42 41.28 -25.49 -40.04
C ASP A 42 40.80 -25.52 -38.62
N ARG A 43 40.04 -24.51 -38.27
CA ARG A 43 39.44 -24.50 -36.93
C ARG A 43 38.11 -25.31 -37.06
N PHE A 44 37.81 -26.30 -36.18
CA PHE A 44 36.55 -27.09 -36.33
C PHE A 44 35.53 -26.64 -35.29
N GLN A 45 34.32 -26.38 -35.75
CA GLN A 45 33.25 -25.94 -34.89
C GLN A 45 32.08 -26.85 -35.21
N LEU A 46 32.06 -27.97 -34.49
CA LEU A 46 31.05 -29.00 -34.65
C LEU A 46 30.03 -28.85 -33.52
N ASN A 47 28.83 -28.41 -33.90
CA ASN A 47 27.76 -28.21 -32.93
C ASN A 47 26.94 -29.48 -32.80
N VAL A 48 27.05 -30.14 -31.65
CA VAL A 48 26.32 -31.39 -31.41
C VAL A 48 24.97 -31.10 -30.78
N ILE A 49 23.92 -31.32 -31.56
CA ILE A 49 22.56 -31.08 -31.12
C ILE A 49 21.94 -32.41 -30.68
N ASP A 50 21.73 -32.55 -29.38
CA ASP A 50 21.16 -33.77 -28.81
C ASP A 50 19.63 -33.79 -28.75
N ASN A 51 19.02 -34.52 -29.68
CA ASN A 51 17.57 -34.66 -29.69
C ASN A 51 17.19 -36.12 -29.52
N LEU A 52 17.93 -36.84 -28.68
CA LEU A 52 17.67 -38.24 -28.41
C LEU A 52 16.42 -38.33 -27.54
N THR A 53 15.71 -39.45 -27.63
CA THR A 53 14.49 -39.62 -26.84
C THR A 53 14.45 -40.99 -26.18
N ASN A 54 15.38 -41.84 -26.60
CA ASN A 54 15.46 -43.21 -26.13
C ASN A 54 16.45 -43.48 -24.99
N HIS A 55 15.92 -43.62 -23.77
CA HIS A 55 16.76 -43.84 -22.60
C HIS A 55 17.63 -45.09 -22.65
N THR A 56 17.11 -46.19 -23.18
CA THR A 56 17.87 -47.44 -23.23
C THR A 56 19.16 -47.33 -24.07
N MET A 57 19.23 -46.36 -24.96
CA MET A 57 20.43 -46.14 -25.75
C MET A 57 21.11 -44.85 -25.25
N LEU A 58 20.47 -44.30 -24.21
CA LEU A 58 20.88 -43.11 -23.40
C LEU A 58 20.63 -41.71 -23.96
N LYS A 59 19.61 -41.01 -23.59
CA LYS A 59 19.34 -39.69 -24.18
C LYS A 59 20.46 -38.69 -24.11
N SER A 60 21.44 -38.97 -23.29
CA SER A 60 22.58 -38.08 -23.17
C SER A 60 23.64 -38.55 -24.15
N THR A 61 24.60 -37.69 -24.45
CA THR A 61 25.68 -38.06 -25.35
C THR A 61 26.88 -37.17 -25.16
N SER A 62 28.01 -37.66 -25.66
CA SER A 62 29.27 -36.93 -25.59
C SER A 62 30.08 -37.47 -26.77
N ILE A 63 30.76 -36.58 -27.49
CA ILE A 63 31.51 -37.05 -28.64
C ILE A 63 33.01 -36.82 -28.63
N HIS A 64 33.73 -37.89 -28.91
CA HIS A 64 35.17 -37.83 -28.96
C HIS A 64 35.64 -37.78 -30.41
N TRP A 65 36.68 -37.00 -30.67
CA TRP A 65 37.23 -36.85 -32.00
C TRP A 65 38.52 -37.62 -31.98
N HIS A 66 38.43 -38.89 -32.38
CA HIS A 66 39.55 -39.82 -32.33
C HIS A 66 40.77 -39.45 -33.14
N GLY A 67 41.88 -39.30 -32.43
CA GLY A 67 43.14 -38.96 -33.05
C GLY A 67 43.62 -37.54 -32.81
N PHE A 68 42.69 -36.58 -32.70
CA PHE A 68 43.07 -35.18 -32.49
C PHE A 68 43.63 -34.95 -31.11
N PHE A 69 44.77 -34.26 -31.03
CA PHE A 69 45.42 -34.01 -29.74
C PHE A 69 44.67 -33.07 -28.79
N GLN A 70 43.88 -32.17 -29.37
CA GLN A 70 43.09 -31.25 -28.56
C GLN A 70 43.94 -30.41 -27.60
N LYS A 71 45.18 -30.11 -27.98
CA LYS A 71 46.05 -29.31 -27.11
C LYS A 71 45.39 -27.94 -26.86
N GLY A 72 45.17 -27.62 -25.59
CA GLY A 72 44.55 -26.36 -25.23
C GLY A 72 43.05 -26.46 -25.19
N THR A 73 42.51 -27.60 -25.61
CA THR A 73 41.07 -27.82 -25.62
C THR A 73 40.72 -29.21 -25.06
N ASN A 74 41.31 -29.54 -23.92
CA ASN A 74 41.08 -30.82 -23.26
C ASN A 74 39.59 -31.05 -22.95
N TRP A 75 38.85 -29.96 -22.78
CA TRP A 75 37.43 -30.04 -22.47
C TRP A 75 36.58 -30.56 -23.64
N ALA A 76 37.15 -30.57 -24.84
CA ALA A 76 36.43 -31.01 -26.03
C ALA A 76 36.82 -32.41 -26.47
N ASP A 77 37.58 -33.13 -25.65
CA ASP A 77 38.03 -34.46 -26.02
C ASP A 77 36.88 -35.47 -26.07
N GLY A 78 35.85 -35.26 -25.26
CA GLY A 78 34.71 -36.17 -25.29
C GLY A 78 34.49 -37.17 -24.15
N PRO A 79 35.53 -37.88 -23.71
CA PRO A 79 35.34 -38.85 -22.60
C PRO A 79 34.41 -38.35 -21.48
N ALA A 80 33.28 -39.02 -21.34
CA ALA A 80 32.30 -38.69 -20.31
C ALA A 80 32.87 -38.89 -18.92
N PHE A 81 32.73 -37.86 -18.07
CA PHE A 81 33.21 -37.89 -16.69
C PHE A 81 34.74 -37.83 -16.58
N ILE A 82 35.38 -37.61 -17.73
CA ILE A 82 36.82 -37.47 -17.79
C ILE A 82 37.11 -36.01 -18.18
N ASN A 83 36.55 -35.59 -19.31
CA ASN A 83 36.77 -34.23 -19.78
C ASN A 83 35.49 -33.38 -19.84
N GLN A 84 34.35 -33.96 -19.48
CA GLN A 84 33.09 -33.24 -19.51
C GLN A 84 31.95 -34.12 -19.02
N CYS A 85 30.83 -33.49 -18.72
CA CYS A 85 29.64 -34.22 -18.31
C CYS A 85 28.89 -34.40 -19.63
N PRO A 86 28.05 -35.43 -19.74
CA PRO A 86 27.33 -35.62 -21.00
C PRO A 86 26.43 -34.43 -21.35
N ILE A 87 26.10 -34.31 -22.63
CA ILE A 87 25.20 -33.25 -23.08
C ILE A 87 23.84 -33.85 -22.73
N SER A 88 22.86 -33.01 -22.43
CA SER A 88 21.54 -33.51 -22.08
C SER A 88 20.60 -33.38 -23.28
N SER A 89 19.63 -34.29 -23.37
CA SER A 89 18.67 -34.23 -24.46
C SER A 89 18.00 -32.86 -24.44
N GLY A 90 17.65 -32.34 -25.60
CA GLY A 90 17.02 -31.04 -25.66
C GLY A 90 18.05 -29.91 -25.59
N HIS A 91 19.32 -30.27 -25.50
CA HIS A 91 20.40 -29.30 -25.42
C HIS A 91 21.43 -29.55 -26.52
N SER A 92 22.30 -28.57 -26.75
CA SER A 92 23.36 -28.70 -27.73
C SER A 92 24.62 -28.15 -27.11
N PHE A 93 25.77 -28.64 -27.58
CA PHE A 93 27.05 -28.20 -27.08
C PHE A 93 27.99 -28.04 -28.27
N LEU A 94 28.86 -27.02 -28.21
CA LEU A 94 29.77 -26.76 -29.32
C LEU A 94 31.19 -27.27 -29.09
N TYR A 95 31.64 -28.16 -29.97
CA TYR A 95 33.01 -28.64 -29.89
C TYR A 95 33.74 -27.72 -30.84
N ASP A 96 34.62 -26.90 -30.29
CA ASP A 96 35.38 -25.91 -31.05
C ASP A 96 36.86 -26.05 -30.77
N PHE A 97 37.58 -26.60 -31.73
CA PHE A 97 39.01 -26.83 -31.57
C PHE A 97 39.71 -26.68 -32.91
N GLN A 98 41.03 -26.50 -32.86
CA GLN A 98 41.83 -26.34 -34.08
C GLN A 98 42.70 -27.55 -34.35
N VAL A 99 42.97 -27.83 -35.62
CA VAL A 99 43.79 -29.02 -35.94
C VAL A 99 45.04 -28.64 -36.78
N PRO A 100 46.09 -28.11 -36.06
CA PRO A 100 47.44 -27.58 -36.63
C PRO A 100 48.53 -28.29 -37.39
N ASP A 101 49.17 -29.16 -36.62
CA ASP A 101 50.22 -30.00 -37.15
C ASP A 101 49.64 -31.42 -37.25
N GLN A 102 48.38 -31.54 -37.67
CA GLN A 102 47.76 -32.86 -37.82
C GLN A 102 47.01 -32.96 -39.16
N ALA A 103 47.06 -34.14 -39.76
CA ALA A 103 46.39 -34.37 -41.04
C ALA A 103 46.40 -35.86 -41.34
N GLY A 104 45.25 -36.39 -41.75
CA GLY A 104 45.16 -37.81 -42.04
C GLY A 104 43.75 -38.31 -41.80
N THR A 105 43.62 -39.59 -41.46
CA THR A 105 42.32 -40.17 -41.24
C THR A 105 41.96 -40.36 -39.77
N PHE A 106 40.74 -39.97 -39.42
CA PHE A 106 40.25 -40.07 -38.05
C PHE A 106 38.79 -40.50 -38.09
N TRP A 107 38.12 -40.37 -36.95
CA TRP A 107 36.69 -40.66 -36.83
C TRP A 107 36.16 -40.07 -35.53
N TYR A 108 34.84 -39.98 -35.45
CA TYR A 108 34.21 -39.45 -34.25
C TYR A 108 33.18 -40.47 -33.79
N HIS A 109 32.90 -40.47 -32.50
CA HIS A 109 31.96 -41.42 -31.95
C HIS A 109 31.64 -41.09 -30.51
N SER A 110 30.44 -41.45 -30.09
CA SER A 110 30.06 -41.18 -28.72
C SER A 110 31.13 -41.77 -27.81
N HIS A 111 31.41 -41.08 -26.72
CA HIS A 111 32.37 -41.57 -25.74
C HIS A 111 31.63 -41.61 -24.41
N LEU A 112 30.38 -42.06 -24.46
CA LEU A 112 29.55 -42.22 -23.30
C LEU A 112 29.13 -43.67 -23.28
N SER A 113 29.62 -44.40 -22.31
CA SER A 113 29.27 -45.79 -22.24
C SER A 113 29.60 -46.47 -23.54
N THR A 114 28.66 -47.38 -23.92
CA THR A 114 28.72 -48.21 -25.16
C THR A 114 27.82 -47.62 -26.25
N GLN A 115 27.36 -46.39 -26.05
CA GLN A 115 26.53 -45.70 -27.02
C GLN A 115 27.05 -45.66 -28.46
N TYR A 116 28.37 -45.65 -28.67
CA TYR A 116 28.83 -45.61 -30.04
C TYR A 116 28.55 -46.95 -30.75
N CYS A 117 28.33 -48.02 -29.98
CA CYS A 117 28.01 -49.30 -30.60
C CYS A 117 26.61 -49.24 -31.16
N ASP A 118 25.74 -48.45 -30.52
CA ASP A 118 24.36 -48.31 -30.98
C ASP A 118 24.21 -47.38 -32.17
N GLY A 119 25.30 -46.85 -32.72
CA GLY A 119 25.20 -46.02 -33.94
C GLY A 119 25.90 -44.63 -33.97
N LEU A 120 26.23 -44.00 -32.86
CA LEU A 120 26.86 -42.69 -32.88
C LEU A 120 28.35 -42.77 -33.20
N ARG A 121 28.64 -42.89 -34.49
CA ARG A 121 30.01 -42.99 -34.98
C ARG A 121 30.07 -42.63 -36.46
N GLY A 122 31.16 -41.97 -36.85
CA GLY A 122 31.32 -41.59 -38.23
C GLY A 122 32.77 -41.28 -38.55
N PRO A 123 33.15 -41.27 -39.85
CA PRO A 123 34.52 -41.01 -40.29
C PRO A 123 34.85 -39.50 -40.32
N PHE A 124 36.11 -39.18 -40.01
CA PHE A 124 36.56 -37.79 -39.95
C PHE A 124 37.90 -37.70 -40.69
N VAL A 125 37.96 -36.89 -41.75
CA VAL A 125 39.19 -36.76 -42.52
C VAL A 125 39.67 -35.32 -42.63
N VAL A 126 40.96 -35.13 -42.33
CA VAL A 126 41.58 -33.82 -42.42
C VAL A 126 42.65 -33.90 -43.49
N TYR A 127 42.37 -33.24 -44.63
CA TYR A 127 43.28 -33.22 -45.75
C TYR A 127 44.46 -32.28 -45.57
N ASP A 128 45.55 -32.60 -46.27
CA ASP A 128 46.75 -31.79 -46.22
C ASP A 128 46.94 -31.17 -47.62
N PRO A 129 46.78 -29.84 -47.72
CA PRO A 129 46.92 -29.13 -49.00
C PRO A 129 48.24 -29.42 -49.71
N ASN A 130 49.28 -29.73 -48.95
CA ASN A 130 50.60 -30.04 -49.50
C ASN A 130 51.06 -31.41 -49.02
N ASP A 131 50.18 -32.40 -49.11
CA ASP A 131 50.45 -33.77 -48.69
C ASP A 131 51.71 -34.34 -49.38
N PRO A 132 52.66 -34.86 -48.60
CA PRO A 132 53.90 -35.43 -49.16
C PRO A 132 53.65 -36.57 -50.16
N ALA A 133 52.63 -37.36 -49.89
CA ALA A 133 52.29 -38.50 -50.75
C ALA A 133 51.25 -38.17 -51.81
N ALA A 134 51.01 -36.89 -52.04
CA ALA A 134 50.03 -36.48 -53.03
C ALA A 134 50.32 -37.04 -54.43
N ASP A 135 51.60 -37.07 -54.79
CA ASP A 135 51.99 -37.57 -56.10
C ASP A 135 51.79 -39.08 -56.28
N LEU A 136 51.44 -39.79 -55.21
CA LEU A 136 51.25 -41.23 -55.29
C LEU A 136 49.84 -41.67 -55.65
N TYR A 137 48.92 -40.73 -55.79
CA TYR A 137 47.54 -41.11 -56.13
C TYR A 137 46.77 -40.02 -56.90
N ASP A 138 45.70 -40.42 -57.58
CA ASP A 138 44.88 -39.52 -58.37
C ASP A 138 43.58 -39.09 -57.72
N VAL A 139 42.93 -39.99 -56.97
CA VAL A 139 41.66 -39.67 -56.35
C VAL A 139 41.68 -39.83 -54.83
N ASP A 140 41.09 -38.86 -54.14
CA ASP A 140 41.04 -38.86 -52.69
C ASP A 140 39.91 -37.90 -52.27
N ASN A 141 38.71 -38.44 -52.13
CA ASN A 141 37.55 -37.64 -51.76
C ASN A 141 36.59 -38.41 -50.85
N ASP A 142 35.31 -38.09 -50.95
CA ASP A 142 34.27 -38.74 -50.14
C ASP A 142 34.08 -40.21 -50.47
N ASP A 143 34.39 -40.59 -51.71
CA ASP A 143 34.21 -41.97 -52.13
C ASP A 143 35.39 -42.92 -51.94
N THR A 144 36.49 -42.46 -51.38
CA THR A 144 37.63 -43.35 -51.18
C THR A 144 37.78 -43.61 -49.69
N VAL A 145 36.78 -43.20 -48.92
CA VAL A 145 36.77 -43.43 -47.48
C VAL A 145 36.05 -44.75 -47.28
N ILE A 146 36.65 -45.66 -46.52
CA ILE A 146 36.06 -46.97 -46.27
C ILE A 146 35.93 -47.18 -44.77
N THR A 147 34.69 -47.32 -44.31
CA THR A 147 34.44 -47.53 -42.88
C THR A 147 34.03 -48.96 -42.56
N LEU A 148 34.53 -49.48 -41.45
CA LEU A 148 34.21 -50.84 -41.03
C LEU A 148 33.43 -50.80 -39.72
N VAL A 149 32.28 -51.46 -39.71
CA VAL A 149 31.42 -51.45 -38.53
C VAL A 149 30.90 -52.83 -38.11
N ASP A 150 30.95 -53.10 -36.80
CA ASP A 150 30.44 -54.34 -36.22
C ASP A 150 28.98 -54.08 -35.77
N TRP A 151 28.02 -54.47 -36.61
CA TRP A 151 26.60 -54.24 -36.33
C TRP A 151 25.84 -55.35 -35.60
N TYR A 152 25.17 -54.97 -34.51
CA TYR A 152 24.40 -55.92 -33.70
C TYR A 152 22.92 -55.70 -33.88
N HIS A 153 22.16 -56.79 -33.83
CA HIS A 153 20.72 -56.68 -33.99
C HIS A 153 20.10 -56.25 -32.66
N VAL A 154 20.78 -56.59 -31.58
CA VAL A 154 20.31 -56.23 -30.24
C VAL A 154 21.10 -55.03 -29.73
N ALA A 155 20.40 -54.10 -29.09
CA ALA A 155 21.04 -52.91 -28.55
C ALA A 155 22.15 -53.26 -27.57
N ALA A 156 23.13 -52.37 -27.44
CA ALA A 156 24.27 -52.56 -26.55
C ALA A 156 23.90 -52.90 -25.10
N LYS A 157 23.00 -52.13 -24.48
CA LYS A 157 22.63 -52.42 -23.10
C LYS A 157 21.64 -53.57 -22.93
N LEU A 158 21.11 -54.10 -24.02
CA LEU A 158 20.14 -55.20 -23.96
C LEU A 158 20.72 -56.58 -24.24
N GLY A 159 21.83 -56.63 -24.97
CA GLY A 159 22.45 -57.91 -25.26
C GLY A 159 23.42 -58.34 -24.18
N PRO A 160 24.34 -59.27 -24.49
CA PRO A 160 25.32 -59.73 -23.51
C PRO A 160 26.28 -58.59 -23.13
N ALA A 161 26.90 -58.69 -21.95
CA ALA A 161 27.86 -57.67 -21.53
C ALA A 161 29.03 -57.79 -22.49
N PHE A 162 29.29 -59.02 -22.92
CA PHE A 162 30.38 -59.29 -23.87
C PHE A 162 29.82 -60.14 -25.00
N PRO A 163 29.23 -59.50 -26.03
CA PRO A 163 28.61 -60.11 -27.22
C PRO A 163 29.27 -61.34 -27.83
N LEU A 164 30.58 -61.27 -28.06
CA LEU A 164 31.30 -62.40 -28.65
C LEU A 164 30.92 -62.60 -30.14
N GLY A 165 30.76 -61.49 -30.86
CA GLY A 165 30.42 -61.58 -32.26
C GLY A 165 29.30 -60.64 -32.69
N ALA A 166 29.48 -59.98 -33.83
CA ALA A 166 28.47 -59.06 -34.34
C ALA A 166 27.61 -59.82 -35.35
N ASP A 167 26.37 -59.41 -35.51
CA ASP A 167 25.48 -60.08 -36.45
C ASP A 167 25.89 -59.82 -37.90
N ALA A 168 26.60 -58.72 -38.14
CA ALA A 168 27.02 -58.39 -39.49
C ALA A 168 28.09 -57.31 -39.52
N THR A 169 28.99 -57.44 -40.49
CA THR A 169 30.03 -56.46 -40.68
C THR A 169 29.48 -55.46 -41.68
N LEU A 170 29.64 -54.19 -41.37
CA LEU A 170 29.19 -53.13 -42.25
C LEU A 170 30.38 -52.44 -42.91
N ILE A 171 30.41 -52.43 -44.25
CA ILE A 171 31.47 -51.76 -44.98
C ILE A 171 30.78 -50.57 -45.63
N ASN A 172 31.21 -49.36 -45.27
CA ASN A 172 30.61 -48.14 -45.76
C ASN A 172 29.09 -48.13 -45.51
N GLY A 173 28.71 -48.57 -44.32
CA GLY A 173 27.30 -48.56 -43.95
C GLY A 173 26.44 -49.74 -44.36
N LYS A 174 26.94 -50.58 -45.26
CA LYS A 174 26.14 -51.72 -45.70
C LYS A 174 26.83 -53.05 -45.48
N GLY A 175 26.03 -54.12 -45.50
CA GLY A 175 26.56 -55.46 -45.31
C GLY A 175 25.44 -56.46 -45.13
N ARG A 176 25.81 -57.71 -44.91
CA ARG A 176 24.83 -58.76 -44.73
C ARG A 176 25.06 -59.59 -43.47
N SER A 177 23.97 -60.15 -42.96
CA SER A 177 23.99 -61.05 -41.80
C SER A 177 23.66 -62.41 -42.40
N PRO A 178 24.02 -63.52 -41.71
CA PRO A 178 23.74 -64.86 -42.22
C PRO A 178 22.28 -65.07 -42.61
N SER A 179 21.42 -64.19 -42.11
CA SER A 179 19.99 -64.26 -42.35
C SER A 179 19.42 -63.25 -43.37
N THR A 180 20.28 -62.39 -43.91
CA THR A 180 19.85 -61.39 -44.86
C THR A 180 20.88 -61.29 -45.99
N THR A 181 21.13 -62.42 -46.63
CA THR A 181 22.12 -62.50 -47.69
C THR A 181 21.76 -61.79 -49.00
N THR A 182 20.57 -61.17 -49.07
CA THR A 182 20.21 -60.45 -50.29
C THR A 182 20.22 -58.95 -50.02
N ALA A 183 20.68 -58.56 -48.83
CA ALA A 183 20.75 -57.13 -48.49
C ALA A 183 21.78 -56.47 -49.40
N ASP A 184 21.50 -55.22 -49.78
CA ASP A 184 22.38 -54.45 -50.66
C ASP A 184 23.77 -54.25 -50.09
N LEU A 185 24.77 -54.41 -50.95
CA LEU A 185 26.15 -54.24 -50.52
C LEU A 185 26.67 -52.87 -50.95
N SER A 186 27.74 -52.41 -50.31
CA SER A 186 28.31 -51.12 -50.69
C SER A 186 29.13 -51.36 -51.94
N VAL A 187 29.17 -50.36 -52.80
CA VAL A 187 29.94 -50.46 -54.02
C VAL A 187 30.93 -49.30 -54.08
N ILE A 188 32.19 -49.65 -54.33
CA ILE A 188 33.26 -48.66 -54.42
C ILE A 188 33.74 -48.66 -55.86
N SER A 189 33.61 -47.51 -56.51
CA SER A 189 33.98 -47.38 -57.89
C SER A 189 35.40 -46.92 -58.09
N VAL A 190 36.05 -47.47 -59.12
CA VAL A 190 37.40 -47.12 -59.50
C VAL A 190 37.40 -47.09 -61.01
N THR A 191 38.20 -46.19 -61.59
CA THR A 191 38.27 -46.12 -63.04
C THR A 191 39.64 -46.65 -63.46
N PRO A 192 39.69 -47.44 -64.55
CA PRO A 192 40.93 -48.01 -65.05
C PRO A 192 42.08 -46.99 -65.12
N GLY A 193 43.28 -47.44 -64.75
CA GLY A 193 44.44 -46.57 -64.80
C GLY A 193 44.56 -45.55 -63.69
N LYS A 194 43.52 -45.40 -62.87
CA LYS A 194 43.59 -44.44 -61.78
C LYS A 194 44.04 -45.02 -60.45
N ARG A 195 44.74 -44.20 -59.69
CA ARG A 195 45.25 -44.59 -58.38
C ARG A 195 44.34 -43.90 -57.35
N TYR A 196 43.99 -44.63 -56.31
CA TYR A 196 43.11 -44.10 -55.28
C TYR A 196 43.68 -44.18 -53.88
N ARG A 197 43.52 -43.10 -53.12
CA ARG A 197 43.96 -43.13 -51.75
C ARG A 197 42.75 -43.55 -50.92
N PHE A 198 42.64 -44.83 -50.61
CA PHE A 198 41.52 -45.30 -49.79
C PHE A 198 41.85 -45.10 -48.31
N ARG A 199 40.90 -44.54 -47.58
CA ARG A 199 41.08 -44.30 -46.15
C ARG A 199 40.24 -45.29 -45.36
N LEU A 200 40.92 -46.35 -44.88
CA LEU A 200 40.30 -47.43 -44.12
C LEU A 200 40.23 -47.06 -42.64
N VAL A 201 39.01 -47.00 -42.12
CA VAL A 201 38.79 -46.66 -40.71
C VAL A 201 37.93 -47.69 -40.02
N SER A 202 38.38 -48.15 -38.86
CA SER A 202 37.58 -49.08 -38.10
C SER A 202 36.80 -48.29 -37.05
N LEU A 203 35.47 -48.39 -37.13
CA LEU A 203 34.59 -47.73 -36.18
C LEU A 203 34.06 -48.86 -35.29
N SER A 204 34.80 -49.96 -35.26
CA SER A 204 34.40 -51.12 -34.47
C SER A 204 34.36 -50.95 -32.96
N CYS A 205 33.46 -51.71 -32.34
CA CYS A 205 33.32 -51.72 -30.91
C CYS A 205 34.04 -52.93 -30.24
N ASP A 206 34.41 -54.01 -31.00
CA ASP A 206 35.05 -55.23 -30.46
C ASP A 206 35.95 -55.98 -31.48
N PRO A 207 35.36 -56.37 -32.65
CA PRO A 207 36.12 -57.07 -33.76
C PRO A 207 37.31 -56.40 -34.35
N ASN A 208 38.32 -57.15 -34.64
CA ASN A 208 39.35 -56.57 -35.47
C ASN A 208 39.05 -57.22 -36.82
N TYR A 209 39.48 -56.60 -37.91
CA TYR A 209 39.19 -57.15 -39.22
C TYR A 209 40.43 -57.42 -40.07
N THR A 210 40.36 -58.48 -40.83
CA THR A 210 41.38 -58.84 -41.76
C THR A 210 40.84 -58.36 -43.09
N PHE A 211 41.35 -57.22 -43.55
CA PHE A 211 40.86 -56.60 -44.77
C PHE A 211 41.69 -56.94 -46.00
N SER A 212 41.01 -57.28 -47.09
CA SER A 212 41.69 -57.60 -48.34
C SER A 212 40.80 -57.35 -49.53
N ILE A 213 41.39 -57.21 -50.70
CA ILE A 213 40.66 -56.98 -51.94
C ILE A 213 41.15 -57.97 -53.00
N ASP A 214 40.26 -58.84 -53.47
CA ASP A 214 40.64 -59.82 -54.47
C ASP A 214 41.38 -59.22 -55.66
N GLY A 215 42.50 -59.84 -56.02
CA GLY A 215 43.29 -59.42 -57.18
C GLY A 215 44.05 -58.11 -57.08
N HIS A 216 44.03 -57.47 -55.92
CA HIS A 216 44.71 -56.19 -55.77
C HIS A 216 45.65 -56.12 -54.59
N ASN A 217 46.72 -55.33 -54.75
CA ASN A 217 47.69 -55.11 -53.68
C ASN A 217 47.32 -53.77 -53.07
N MET A 218 47.97 -53.42 -51.97
CA MET A 218 47.68 -52.14 -51.32
C MET A 218 48.96 -51.51 -50.75
N THR A 219 49.22 -50.24 -51.11
CA THR A 219 50.40 -49.55 -50.60
C THR A 219 50.02 -48.61 -49.45
N ILE A 220 50.34 -49.02 -48.23
CA ILE A 220 50.04 -48.22 -47.06
C ILE A 220 50.89 -46.96 -47.04
N ILE A 221 50.24 -45.81 -46.85
CA ILE A 221 50.95 -44.53 -46.78
C ILE A 221 50.59 -43.75 -45.51
N GLU A 222 49.76 -44.36 -44.66
CA GLU A 222 49.34 -43.72 -43.42
C GLU A 222 48.85 -44.71 -42.38
N THR A 223 49.25 -44.52 -41.13
CA THR A 223 48.76 -45.38 -40.05
C THR A 223 48.38 -44.51 -38.86
N ASP A 224 47.10 -44.58 -38.49
CA ASP A 224 46.56 -43.80 -37.37
C ASP A 224 46.94 -42.33 -37.47
N SER A 225 46.78 -41.76 -38.66
CA SER A 225 47.08 -40.34 -38.86
C SER A 225 48.55 -39.97 -39.05
N ILE A 226 49.45 -40.95 -38.97
CA ILE A 226 50.87 -40.66 -39.16
C ILE A 226 51.36 -41.06 -40.55
N ASN A 227 51.95 -40.11 -41.28
CA ASN A 227 52.48 -40.42 -42.61
C ASN A 227 53.48 -41.57 -42.48
N THR A 228 53.29 -42.57 -43.33
CA THR A 228 54.11 -43.77 -43.28
C THR A 228 54.87 -44.04 -44.57
N ALA A 229 56.09 -44.55 -44.44
CA ALA A 229 56.88 -44.89 -45.61
C ALA A 229 56.04 -45.89 -46.40
N PRO A 230 55.96 -45.74 -47.73
CA PRO A 230 55.17 -46.66 -48.55
C PRO A 230 55.52 -48.13 -48.26
N LEU A 231 54.49 -48.94 -48.03
CA LEU A 231 54.66 -50.37 -47.74
C LEU A 231 53.63 -51.15 -48.55
N VAL A 232 54.10 -51.99 -49.47
CA VAL A 232 53.20 -52.78 -50.29
C VAL A 232 52.68 -53.97 -49.51
N VAL A 233 51.36 -54.07 -49.41
CA VAL A 233 50.74 -55.13 -48.64
C VAL A 233 49.65 -55.92 -49.37
N ASP A 234 49.47 -57.15 -48.88
CA ASP A 234 48.53 -58.14 -49.38
C ASP A 234 47.17 -58.07 -48.68
N SER A 235 47.24 -57.89 -47.37
CA SER A 235 46.04 -57.80 -46.54
C SER A 235 46.38 -56.98 -45.29
N ILE A 236 45.35 -56.45 -44.67
CA ILE A 236 45.55 -55.62 -43.49
C ILE A 236 44.69 -56.09 -42.35
N GLN A 237 45.31 -56.29 -41.19
CA GLN A 237 44.55 -56.67 -40.02
C GLN A 237 44.42 -55.36 -39.26
N ILE A 238 43.21 -54.84 -39.20
CA ILE A 238 42.95 -53.56 -38.54
C ILE A 238 42.11 -53.75 -37.28
N PHE A 239 42.63 -53.26 -36.15
CA PHE A 239 41.92 -53.37 -34.90
C PHE A 239 40.99 -52.19 -34.69
N ALA A 240 40.13 -52.30 -33.69
CA ALA A 240 39.16 -51.26 -33.37
C ALA A 240 39.80 -49.87 -33.27
N ALA A 241 39.20 -48.90 -33.94
CA ALA A 241 39.65 -47.52 -33.94
C ALA A 241 40.93 -47.23 -34.72
N GLN A 242 41.57 -48.22 -35.31
CA GLN A 242 42.76 -47.94 -36.09
C GLN A 242 42.37 -47.37 -37.47
N ARG A 243 43.35 -46.83 -38.18
CA ARG A 243 43.14 -46.29 -39.52
C ARG A 243 44.37 -46.59 -40.39
N TYR A 244 44.16 -46.66 -41.69
CA TYR A 244 45.24 -46.87 -42.64
C TYR A 244 44.82 -46.25 -43.96
N SER A 245 45.69 -45.50 -44.57
CA SER A 245 45.46 -45.02 -45.91
C SER A 245 46.29 -45.93 -46.75
N PHE A 246 45.72 -46.48 -47.83
CA PHE A 246 46.47 -47.35 -48.72
C PHE A 246 46.11 -46.96 -50.13
N VAL A 247 47.10 -46.99 -51.02
CA VAL A 247 46.88 -46.62 -52.40
C VAL A 247 46.60 -47.87 -53.20
N LEU A 248 45.57 -47.80 -54.03
CA LEU A 248 45.19 -48.91 -54.88
C LEU A 248 45.13 -48.41 -56.31
N GLU A 249 45.79 -49.13 -57.21
CA GLU A 249 45.79 -48.79 -58.63
C GLU A 249 44.81 -49.68 -59.36
N ALA A 250 43.84 -49.06 -60.03
CA ALA A 250 42.85 -49.83 -60.77
C ALA A 250 43.55 -50.30 -62.05
N ASN A 251 44.45 -51.27 -61.88
CA ASN A 251 45.22 -51.81 -62.99
C ASN A 251 44.88 -53.24 -63.39
N GLN A 252 43.83 -53.80 -62.80
CA GLN A 252 43.40 -55.15 -63.14
C GLN A 252 42.31 -55.08 -64.20
N ALA A 253 41.92 -56.22 -64.74
CA ALA A 253 40.88 -56.26 -65.77
C ALA A 253 39.56 -55.67 -65.25
N VAL A 254 38.90 -54.89 -66.09
CA VAL A 254 37.62 -54.30 -65.72
C VAL A 254 36.72 -55.43 -65.25
N ASP A 255 36.29 -55.37 -64.00
CA ASP A 255 35.44 -56.40 -63.44
C ASP A 255 34.99 -56.02 -62.03
N ASN A 256 34.26 -56.91 -61.38
CA ASN A 256 33.79 -56.68 -60.02
C ASN A 256 34.69 -57.52 -59.12
N TYR A 257 35.21 -56.92 -58.05
CA TYR A 257 36.08 -57.67 -57.13
C TYR A 257 35.55 -57.61 -55.69
N TRP A 258 35.64 -58.75 -54.99
CA TRP A 258 35.17 -58.80 -53.62
C TRP A 258 36.11 -58.06 -52.68
N ILE A 259 35.53 -57.22 -51.84
CA ILE A 259 36.25 -56.47 -50.81
C ILE A 259 35.88 -57.19 -49.50
N ARG A 260 36.87 -57.83 -48.88
CA ARG A 260 36.63 -58.61 -47.67
C ARG A 260 37.10 -57.97 -46.38
N ALA A 261 36.30 -58.12 -45.34
CA ALA A 261 36.62 -57.60 -44.01
C ALA A 261 36.17 -58.70 -43.06
N ASN A 262 37.03 -59.70 -42.89
CA ASN A 262 36.75 -60.85 -42.05
C ASN A 262 37.05 -60.60 -40.56
N PRO A 263 36.02 -60.62 -39.71
CA PRO A 263 36.20 -60.39 -38.27
C PRO A 263 36.85 -61.59 -37.56
N ASN A 264 37.53 -61.33 -36.45
CA ASN A 264 38.21 -62.40 -35.72
C ASN A 264 37.24 -63.37 -35.03
N PHE A 265 36.01 -62.92 -34.79
CA PHE A 265 34.99 -63.78 -34.18
C PHE A 265 33.60 -63.28 -34.52
N GLY A 266 32.59 -64.13 -34.32
CA GLY A 266 31.22 -63.78 -34.66
C GLY A 266 30.88 -64.55 -35.92
N ASN A 267 30.30 -63.88 -36.93
CA ASN A 267 29.98 -64.57 -38.18
C ASN A 267 31.17 -64.40 -39.11
N VAL A 268 32.08 -65.37 -39.12
CA VAL A 268 33.27 -65.30 -39.95
C VAL A 268 33.01 -65.97 -41.29
N GLY A 269 33.90 -65.72 -42.25
CA GLY A 269 33.74 -66.30 -43.57
C GLY A 269 33.01 -65.34 -44.50
N PHE A 270 32.63 -65.84 -45.67
CA PHE A 270 31.96 -65.01 -46.67
C PHE A 270 30.75 -65.65 -47.33
N THR A 271 30.21 -66.69 -46.70
CA THR A 271 29.03 -67.37 -47.23
C THR A 271 27.88 -66.38 -47.38
N GLY A 272 27.25 -66.38 -48.55
CA GLY A 272 26.13 -65.50 -48.81
C GLY A 272 26.55 -64.05 -49.00
N GLY A 273 27.86 -63.83 -49.09
CA GLY A 273 28.34 -62.47 -49.28
C GLY A 273 28.49 -61.62 -48.02
N ILE A 274 28.38 -62.21 -46.83
CA ILE A 274 28.55 -61.44 -45.61
C ILE A 274 30.01 -60.98 -45.50
N ASN A 275 30.27 -60.04 -44.60
CA ASN A 275 31.62 -59.51 -44.40
C ASN A 275 32.24 -59.06 -45.73
N SER A 276 31.41 -58.58 -46.64
CA SER A 276 31.90 -58.18 -47.96
C SER A 276 31.32 -56.86 -48.54
N ALA A 277 32.00 -56.37 -49.57
CA ALA A 277 31.61 -55.17 -50.29
C ALA A 277 32.08 -55.36 -51.75
N ILE A 278 31.80 -54.39 -52.60
CA ILE A 278 32.18 -54.52 -54.01
C ILE A 278 33.06 -53.43 -54.62
N LEU A 279 34.14 -53.87 -55.25
CA LEU A 279 35.04 -52.98 -55.95
C LEU A 279 34.59 -53.15 -57.40
N ARG A 280 34.06 -52.07 -57.98
CA ARG A 280 33.57 -52.11 -59.34
C ARG A 280 34.28 -51.18 -60.33
N TYR A 281 34.98 -51.77 -61.30
CA TYR A 281 35.66 -50.96 -62.31
C TYR A 281 34.60 -50.37 -63.22
N ASP A 282 34.83 -49.15 -63.70
CA ASP A 282 33.88 -48.51 -64.61
C ASP A 282 33.78 -49.46 -65.79
N GLY A 283 32.57 -49.75 -66.24
CA GLY A 283 32.40 -50.65 -67.36
C GLY A 283 31.99 -52.03 -66.91
N ALA A 284 32.22 -52.33 -65.63
CA ALA A 284 31.84 -53.63 -65.11
C ALA A 284 30.34 -53.61 -64.89
N ALA A 285 29.70 -54.77 -65.06
CA ALA A 285 28.26 -54.89 -64.90
C ALA A 285 27.90 -54.74 -63.42
N ALA A 286 26.66 -54.34 -63.16
CA ALA A 286 26.20 -54.21 -61.78
C ALA A 286 25.74 -55.60 -61.31
N VAL A 287 26.69 -56.42 -60.90
CA VAL A 287 26.40 -57.78 -60.44
C VAL A 287 27.37 -58.06 -59.30
N GLU A 288 27.16 -59.18 -58.60
CA GLU A 288 28.06 -59.52 -57.52
C GLU A 288 29.35 -60.08 -58.10
N PRO A 289 30.47 -59.97 -57.37
CA PRO A 289 31.71 -60.51 -57.93
C PRO A 289 31.66 -62.04 -57.84
N THR A 290 32.66 -62.68 -58.44
CA THR A 290 32.79 -64.13 -58.40
C THR A 290 34.29 -64.43 -58.37
N THR A 291 35.06 -63.39 -58.07
CA THR A 291 36.51 -63.53 -57.96
C THR A 291 36.76 -64.33 -56.69
N THR A 292 37.84 -65.10 -56.65
CA THR A 292 38.15 -65.89 -55.47
C THR A 292 39.26 -65.27 -54.66
N GLN A 293 39.20 -65.50 -53.35
CA GLN A 293 40.21 -65.00 -52.44
C GLN A 293 41.45 -65.89 -52.56
N THR A 294 42.62 -65.28 -52.57
CA THR A 294 43.87 -66.04 -52.66
C THR A 294 44.63 -65.86 -51.35
N THR A 295 45.62 -66.71 -51.13
CA THR A 295 46.41 -66.65 -49.90
C THR A 295 47.21 -65.36 -49.81
N SER A 296 47.25 -64.78 -48.63
CA SER A 296 47.97 -63.55 -48.40
C SER A 296 49.46 -63.87 -48.23
N THR A 297 50.30 -63.31 -49.10
CA THR A 297 51.74 -63.52 -49.03
C THR A 297 52.51 -62.28 -48.58
N ALA A 298 51.80 -61.18 -48.35
CA ALA A 298 52.41 -59.94 -47.89
C ALA A 298 51.53 -59.29 -46.83
N PRO A 299 51.20 -60.04 -45.77
CA PRO A 299 50.36 -59.52 -44.69
C PRO A 299 51.01 -58.29 -44.07
N LEU A 300 50.20 -57.33 -43.65
CA LEU A 300 50.73 -56.16 -42.99
C LEU A 300 51.27 -56.61 -41.66
N ASN A 301 52.43 -56.11 -41.27
CA ASN A 301 53.00 -56.42 -39.98
C ASN A 301 53.43 -55.07 -39.43
N GLU A 302 52.82 -54.64 -38.33
CA GLU A 302 53.13 -53.35 -37.73
C GLU A 302 54.63 -53.06 -37.70
N VAL A 303 55.41 -54.10 -37.43
CA VAL A 303 56.86 -54.00 -37.36
C VAL A 303 57.47 -53.49 -38.66
N ASN A 304 56.75 -53.67 -39.76
CA ASN A 304 57.26 -53.21 -41.05
C ASN A 304 56.86 -51.74 -41.33
N LEU A 305 56.10 -51.14 -40.42
CA LEU A 305 55.66 -49.75 -40.58
C LEU A 305 56.65 -48.73 -40.01
N HIS A 306 56.99 -47.72 -40.81
CA HIS A 306 57.91 -46.70 -40.34
C HIS A 306 57.39 -45.34 -40.73
N PRO A 307 57.68 -44.32 -39.89
CA PRO A 307 57.22 -42.97 -40.19
C PRO A 307 57.80 -42.52 -41.52
N LEU A 308 57.05 -41.72 -42.26
CA LEU A 308 57.57 -41.23 -43.52
C LEU A 308 58.75 -40.32 -43.21
N VAL A 309 58.58 -39.47 -42.21
CA VAL A 309 59.60 -38.52 -41.80
C VAL A 309 60.34 -39.05 -40.56
N ALA A 310 61.66 -38.89 -40.53
CA ALA A 310 62.43 -39.36 -39.39
C ALA A 310 61.84 -38.74 -38.12
N THR A 311 61.47 -39.59 -37.18
CA THR A 311 60.89 -39.14 -35.93
C THR A 311 61.53 -39.89 -34.77
N ALA A 312 62.27 -39.16 -33.94
CA ALA A 312 62.98 -39.76 -32.81
C ALA A 312 62.08 -40.36 -31.74
N VAL A 313 62.47 -41.54 -31.26
CA VAL A 313 61.71 -42.19 -30.21
C VAL A 313 62.06 -41.49 -28.90
N PRO A 314 61.05 -40.99 -28.16
CA PRO A 314 61.38 -40.32 -26.90
C PRO A 314 62.20 -41.18 -25.97
N GLY A 315 63.09 -40.54 -25.21
CA GLY A 315 63.93 -41.27 -24.27
C GLY A 315 65.22 -41.80 -24.87
N SER A 316 65.75 -42.85 -24.24
CA SER A 316 66.99 -43.47 -24.68
C SER A 316 66.78 -44.90 -25.14
N PRO A 317 67.60 -45.36 -26.12
CA PRO A 317 67.56 -46.69 -26.72
C PRO A 317 67.90 -47.83 -25.77
N VAL A 318 67.19 -47.89 -24.65
CA VAL A 318 67.37 -48.94 -23.66
C VAL A 318 66.06 -49.11 -22.92
N ALA A 319 65.80 -50.33 -22.46
CA ALA A 319 64.58 -50.59 -21.70
C ALA A 319 64.54 -49.65 -20.51
N GLY A 320 63.42 -48.98 -20.30
CA GLY A 320 63.30 -48.07 -19.18
C GLY A 320 64.09 -46.78 -19.33
N GLY A 321 64.88 -46.68 -20.40
CA GLY A 321 65.66 -45.48 -20.63
C GLY A 321 64.70 -44.31 -20.85
N VAL A 322 63.93 -43.99 -19.82
CA VAL A 322 62.94 -42.93 -19.90
C VAL A 322 62.74 -42.29 -18.52
N ASP A 323 62.09 -41.12 -18.50
CA ASP A 323 61.82 -40.40 -17.26
C ASP A 323 60.87 -41.17 -16.34
N LEU A 324 59.74 -41.60 -16.89
CA LEU A 324 58.74 -42.33 -16.11
C LEU A 324 58.29 -43.58 -16.88
N ALA A 325 58.46 -44.74 -16.26
CA ALA A 325 58.05 -45.99 -16.89
C ALA A 325 56.94 -46.63 -16.07
N ILE A 326 55.89 -47.10 -16.74
CA ILE A 326 54.79 -47.73 -16.04
C ILE A 326 54.35 -49.01 -16.76
N ASN A 327 54.14 -50.06 -15.96
CA ASN A 327 53.70 -51.35 -16.47
C ASN A 327 52.22 -51.54 -16.09
N MET A 328 51.40 -51.95 -17.05
CA MET A 328 49.98 -52.15 -16.83
C MET A 328 49.68 -53.65 -16.68
N ALA A 329 49.50 -54.08 -15.43
CA ALA A 329 49.20 -55.44 -15.13
C ALA A 329 47.70 -55.61 -15.21
N PHE A 330 47.34 -56.34 -16.25
CA PHE A 330 45.97 -56.64 -16.64
C PHE A 330 45.24 -57.69 -15.79
N ASN A 331 43.90 -57.55 -15.53
CA ASN A 331 43.21 -58.58 -14.74
C ASN A 331 41.68 -58.60 -14.98
N PHE A 332 41.05 -59.71 -14.61
CA PHE A 332 39.63 -59.89 -14.83
C PHE A 332 39.09 -60.84 -13.77
N ASN A 333 37.93 -60.51 -13.21
CA ASN A 333 37.31 -61.33 -12.20
C ASN A 333 35.89 -61.70 -12.61
N GLY A 334 35.58 -61.59 -13.89
CA GLY A 334 34.29 -62.08 -14.39
C GLY A 334 33.42 -61.07 -15.15
N THR A 335 33.08 -60.04 -14.46
CA THR A 335 32.17 -59.11 -15.01
C THR A 335 32.86 -57.77 -15.26
N ASN A 336 34.02 -57.70 -14.66
CA ASN A 336 34.83 -56.50 -14.67
C ASN A 336 36.34 -56.68 -14.93
N PHE A 337 36.87 -55.67 -15.62
CA PHE A 337 38.28 -55.61 -15.99
C PHE A 337 39.11 -54.81 -14.99
N PHE A 338 40.40 -55.11 -14.92
CA PHE A 338 41.30 -54.43 -13.99
C PHE A 338 42.63 -54.04 -14.61
N ILE A 339 43.18 -52.94 -14.11
CA ILE A 339 44.49 -52.46 -14.52
C ILE A 339 45.22 -52.05 -13.26
N ASN A 340 46.26 -52.80 -12.91
CA ASN A 340 47.03 -52.55 -11.69
C ASN A 340 46.13 -52.61 -10.47
N GLY A 341 45.30 -53.65 -10.42
CA GLY A 341 44.40 -53.85 -9.29
C GLY A 341 43.22 -52.91 -9.19
N ALA A 342 43.00 -52.12 -10.23
CA ALA A 342 41.87 -51.18 -10.21
C ALA A 342 40.97 -51.38 -11.43
N SER A 343 39.67 -51.23 -11.20
CA SER A 343 38.69 -51.35 -12.26
C SER A 343 38.01 -50.01 -12.38
N PHE A 344 38.27 -49.31 -13.48
CA PHE A 344 37.69 -47.99 -13.69
C PHE A 344 36.18 -47.92 -13.55
N THR A 345 35.72 -46.82 -12.96
CA THR A 345 34.29 -46.55 -12.77
C THR A 345 34.16 -45.03 -12.77
N PRO A 346 33.40 -44.49 -13.74
CA PRO A 346 33.16 -43.05 -13.92
C PRO A 346 32.89 -42.26 -12.63
N PRO A 347 33.68 -41.20 -12.37
CA PRO A 347 33.45 -40.40 -11.16
C PRO A 347 32.27 -39.46 -11.46
N THR A 348 31.61 -38.95 -10.43
CA THR A 348 30.48 -38.05 -10.64
C THR A 348 30.91 -36.68 -11.17
N VAL A 349 32.07 -36.22 -10.71
CA VAL A 349 32.60 -34.94 -11.17
C VAL A 349 33.65 -35.27 -12.21
N PRO A 350 33.50 -34.75 -13.45
CA PRO A 350 34.52 -35.09 -14.45
C PRO A 350 35.93 -34.69 -13.99
N VAL A 351 36.91 -35.54 -14.30
CA VAL A 351 38.28 -35.31 -13.88
C VAL A 351 38.82 -33.92 -14.26
N LEU A 352 38.41 -33.39 -15.41
CA LEU A 352 38.90 -32.08 -15.81
C LEU A 352 38.39 -31.04 -14.81
N LEU A 353 37.12 -31.17 -14.43
CA LEU A 353 36.48 -30.27 -13.49
C LEU A 353 37.08 -30.42 -12.10
N GLN A 354 37.43 -31.66 -11.73
CA GLN A 354 38.04 -31.92 -10.44
C GLN A 354 39.32 -31.09 -10.32
N ILE A 355 40.16 -31.16 -11.35
CA ILE A 355 41.43 -30.43 -11.38
C ILE A 355 41.23 -28.91 -11.43
N ILE A 356 40.26 -28.47 -12.22
CA ILE A 356 40.01 -27.04 -12.32
C ILE A 356 39.50 -26.53 -10.97
N SER A 357 38.80 -27.39 -10.24
CA SER A 357 38.24 -27.03 -8.95
C SER A 357 39.24 -27.09 -7.80
N GLY A 358 40.46 -27.51 -8.10
CA GLY A 358 41.45 -27.58 -7.04
C GLY A 358 42.24 -28.86 -6.88
N ALA A 359 41.82 -29.94 -7.54
CA ALA A 359 42.54 -31.20 -7.45
C ALA A 359 44.03 -30.94 -7.65
N GLN A 360 44.85 -31.36 -6.68
CA GLN A 360 46.29 -31.14 -6.74
C GLN A 360 47.16 -32.32 -7.14
N ASN A 361 46.64 -33.54 -7.04
CA ASN A 361 47.43 -34.71 -7.42
C ASN A 361 46.61 -35.97 -7.66
N ALA A 362 47.30 -37.08 -7.92
CA ALA A 362 46.65 -38.35 -8.18
C ALA A 362 45.80 -38.81 -6.99
N GLN A 363 46.35 -38.66 -5.79
CA GLN A 363 45.64 -39.06 -4.57
C GLN A 363 44.27 -38.40 -4.45
N ASP A 364 44.17 -37.12 -4.84
CA ASP A 364 42.88 -36.43 -4.76
C ASP A 364 41.91 -36.87 -5.87
N LEU A 365 42.38 -36.83 -7.11
CA LEU A 365 41.57 -37.20 -8.26
C LEU A 365 40.84 -38.53 -8.13
N LEU A 366 39.57 -38.55 -8.54
CA LEU A 366 38.74 -39.74 -8.49
C LEU A 366 38.46 -40.24 -9.92
N PRO A 367 38.27 -41.55 -10.10
CA PRO A 367 38.30 -42.59 -9.07
C PRO A 367 39.71 -42.92 -8.59
N SER A 368 39.81 -43.31 -7.32
CA SER A 368 41.10 -43.64 -6.73
C SER A 368 41.68 -44.93 -7.34
N GLY A 369 42.99 -44.95 -7.57
CA GLY A 369 43.63 -46.11 -8.14
C GLY A 369 43.64 -46.17 -9.66
N SER A 370 42.88 -45.29 -10.30
CA SER A 370 42.81 -45.28 -11.76
C SER A 370 43.45 -44.04 -12.37
N VAL A 371 44.02 -43.18 -11.52
CA VAL A 371 44.63 -41.97 -12.02
C VAL A 371 46.13 -41.93 -11.74
N TYR A 372 46.89 -41.51 -12.75
CA TYR A 372 48.34 -41.42 -12.64
C TYR A 372 48.79 -40.00 -12.99
N SER A 373 49.73 -39.50 -12.21
CA SER A 373 50.28 -38.17 -12.45
C SER A 373 51.41 -38.32 -13.44
N LEU A 374 51.47 -37.38 -14.37
CA LEU A 374 52.52 -37.39 -15.37
C LEU A 374 53.17 -36.02 -15.40
N PRO A 375 54.48 -35.96 -15.17
CA PRO A 375 55.21 -34.69 -15.19
C PRO A 375 55.29 -34.19 -16.63
N SER A 376 55.24 -32.88 -16.80
CA SER A 376 55.31 -32.29 -18.13
C SER A 376 56.69 -32.42 -18.73
N ASN A 377 56.77 -32.25 -20.06
CA ASN A 377 58.04 -32.33 -20.77
C ASN A 377 58.91 -33.48 -20.28
N ALA A 378 58.39 -34.69 -20.38
CA ALA A 378 59.12 -35.88 -19.94
C ALA A 378 58.84 -37.04 -20.89
N ASP A 379 59.73 -38.02 -20.89
CA ASP A 379 59.55 -39.17 -21.76
C ASP A 379 58.88 -40.27 -20.96
N ILE A 380 57.85 -40.86 -21.56
CA ILE A 380 57.10 -41.93 -20.91
C ILE A 380 57.11 -43.23 -21.69
N GLU A 381 57.24 -44.33 -20.97
CA GLU A 381 57.24 -45.66 -21.55
C GLU A 381 56.23 -46.52 -20.78
N ILE A 382 55.31 -47.13 -21.51
CA ILE A 382 54.27 -47.95 -20.91
C ILE A 382 54.29 -49.35 -21.54
N SER A 383 54.08 -50.36 -20.71
CA SER A 383 54.07 -51.73 -21.18
C SER A 383 52.76 -52.44 -20.85
N PHE A 384 52.23 -53.19 -21.82
CA PHE A 384 50.98 -53.91 -21.68
C PHE A 384 51.21 -55.41 -21.82
N PRO A 385 51.83 -56.03 -20.77
CA PRO A 385 52.05 -57.52 -20.81
C PRO A 385 50.79 -58.33 -21.02
N ALA A 386 50.68 -59.02 -22.14
CA ALA A 386 49.53 -59.86 -22.37
C ALA A 386 49.51 -60.91 -21.27
N THR A 387 48.40 -61.04 -20.53
CA THR A 387 48.19 -62.00 -19.42
C THR A 387 46.87 -62.70 -19.71
N ALA A 388 46.74 -63.98 -19.46
CA ALA A 388 45.48 -64.62 -19.80
C ALA A 388 44.40 -64.33 -18.77
N ALA A 389 44.84 -63.58 -17.75
CA ALA A 389 43.97 -63.15 -16.67
C ALA A 389 42.97 -62.16 -17.25
N ALA A 390 43.26 -61.67 -18.45
CA ALA A 390 42.39 -60.71 -19.13
C ALA A 390 41.86 -61.29 -20.43
N PRO A 391 40.68 -61.94 -20.40
CA PRO A 391 40.06 -62.54 -21.59
C PRO A 391 39.67 -61.49 -22.62
N GLY A 392 39.64 -61.87 -23.88
CA GLY A 392 39.26 -60.93 -24.93
C GLY A 392 40.39 -60.45 -25.80
N ALA A 393 41.59 -60.98 -25.58
CA ALA A 393 42.74 -60.59 -26.37
C ALA A 393 42.48 -60.91 -27.85
N PRO A 394 43.12 -60.16 -28.75
CA PRO A 394 44.05 -59.07 -28.44
C PRO A 394 43.33 -57.76 -28.12
N HIS A 395 43.76 -57.10 -27.04
CA HIS A 395 43.17 -55.86 -26.60
C HIS A 395 43.84 -54.66 -27.24
N PRO A 396 43.10 -53.91 -28.05
CA PRO A 396 43.66 -52.72 -28.72
C PRO A 396 43.62 -51.56 -27.73
N PHE A 397 44.77 -51.11 -27.25
CA PHE A 397 44.75 -50.00 -26.31
C PHE A 397 44.94 -48.64 -26.99
N HIS A 398 44.24 -47.66 -26.44
CA HIS A 398 44.27 -46.33 -27.01
C HIS A 398 44.62 -45.23 -26.04
N LEU A 399 45.43 -44.29 -26.50
CA LEU A 399 45.85 -43.18 -25.66
C LEU A 399 45.30 -41.86 -26.22
N HIS A 400 44.65 -41.07 -25.39
CA HIS A 400 44.11 -39.78 -25.82
C HIS A 400 45.19 -38.69 -25.72
N GLY A 401 45.01 -37.64 -26.51
CA GLY A 401 45.91 -36.49 -26.49
C GLY A 401 47.31 -36.64 -27.07
N HIS A 402 47.71 -37.86 -27.40
CA HIS A 402 49.04 -38.08 -27.96
C HIS A 402 49.08 -39.22 -28.97
N ALA A 403 50.11 -39.20 -29.75
CA ALA A 403 50.42 -40.28 -30.68
C ALA A 403 51.61 -40.93 -30.02
N PHE A 404 51.70 -42.26 -29.99
CA PHE A 404 52.82 -42.87 -29.32
C PHE A 404 53.69 -43.69 -30.27
N ALA A 405 54.92 -43.97 -29.83
CA ALA A 405 55.85 -44.77 -30.60
C ALA A 405 55.72 -46.21 -30.11
N VAL A 406 55.55 -47.16 -31.03
CA VAL A 406 55.43 -48.55 -30.67
C VAL A 406 56.82 -49.19 -30.72
N VAL A 407 57.55 -49.12 -29.61
CA VAL A 407 58.89 -49.69 -29.57
C VAL A 407 58.87 -51.21 -29.70
N ARG A 408 57.79 -51.84 -29.24
CA ARG A 408 57.66 -53.30 -29.35
C ARG A 408 56.23 -53.67 -29.74
N SER A 409 56.07 -54.30 -30.91
CA SER A 409 54.75 -54.68 -31.40
C SER A 409 54.31 -56.08 -31.02
N ALA A 410 53.00 -56.31 -31.09
CA ALA A 410 52.42 -57.61 -30.78
C ALA A 410 52.98 -58.61 -31.75
N GLY A 411 53.24 -59.84 -31.29
CA GLY A 411 53.78 -60.89 -32.14
C GLY A 411 55.23 -60.70 -32.54
N SER A 412 55.95 -59.91 -31.74
CA SER A 412 57.36 -59.62 -31.99
C SER A 412 58.12 -59.46 -30.66
N THR A 413 59.38 -59.87 -30.65
CA THR A 413 60.21 -59.75 -29.44
C THR A 413 61.24 -58.64 -29.62
N VAL A 414 61.13 -57.90 -30.71
CA VAL A 414 62.05 -56.81 -31.00
C VAL A 414 61.68 -55.49 -30.34
N TYR A 415 62.70 -54.73 -29.96
CA TYR A 415 62.52 -53.40 -29.36
C TYR A 415 63.18 -52.42 -30.32
N ASN A 416 62.37 -51.68 -31.07
CA ASN A 416 62.89 -50.72 -32.03
C ASN A 416 62.93 -49.30 -31.44
N TYR A 417 64.13 -48.82 -31.12
CA TYR A 417 64.30 -47.48 -30.55
C TYR A 417 64.71 -46.45 -31.60
N ASP A 418 64.84 -46.90 -32.85
CA ASP A 418 65.24 -46.00 -33.93
C ASP A 418 64.24 -45.73 -35.04
N ASN A 419 63.49 -46.75 -35.44
CA ASN A 419 62.54 -46.67 -36.56
C ASN A 419 61.06 -47.01 -36.35
N PRO A 420 60.58 -47.16 -35.11
CA PRO A 420 59.17 -47.49 -34.93
C PRO A 420 58.12 -46.45 -35.37
N ILE A 421 56.99 -46.93 -35.88
CA ILE A 421 55.92 -46.01 -36.28
C ILE A 421 55.29 -45.44 -35.04
N PHE A 422 54.53 -44.37 -35.25
CA PHE A 422 53.81 -43.73 -34.18
C PHE A 422 52.35 -43.94 -34.58
N ARG A 423 51.49 -44.07 -33.58
CA ARG A 423 50.07 -44.26 -33.84
C ARG A 423 49.33 -44.03 -32.52
N ASP A 424 48.00 -44.11 -32.53
CA ASP A 424 47.27 -43.90 -31.30
C ASP A 424 46.50 -45.11 -30.77
N VAL A 425 46.45 -46.18 -31.56
CA VAL A 425 45.80 -47.42 -31.16
C VAL A 425 46.75 -48.58 -31.45
N VAL A 426 47.00 -49.41 -30.45
CA VAL A 426 47.90 -50.52 -30.66
C VAL A 426 47.43 -51.84 -30.04
N SER A 427 47.54 -52.92 -30.81
CA SER A 427 47.16 -54.24 -30.33
C SER A 427 48.20 -54.69 -29.30
N THR A 428 47.74 -55.11 -28.12
CA THR A 428 48.67 -55.55 -27.08
C THR A 428 48.91 -57.05 -27.16
N GLY A 429 48.67 -57.59 -28.34
CA GLY A 429 48.90 -59.01 -28.58
C GLY A 429 48.15 -59.96 -27.65
N THR A 430 48.71 -61.16 -27.51
CA THR A 430 48.13 -62.22 -26.68
C THR A 430 49.21 -63.08 -25.99
N PRO A 431 48.79 -63.78 -24.87
CA PRO A 431 49.71 -64.73 -24.02
C PRO A 431 50.45 -65.98 -24.53
N ALA A 432 50.17 -66.52 -25.69
CA ALA A 432 50.94 -67.70 -26.02
C ALA A 432 52.17 -67.25 -26.78
N ALA A 433 52.08 -66.00 -27.23
CA ALA A 433 53.16 -65.34 -27.96
C ALA A 433 54.07 -64.60 -26.99
N GLY A 434 53.68 -64.60 -25.71
CA GLY A 434 54.44 -63.92 -24.68
C GLY A 434 54.60 -62.45 -24.99
N ASP A 435 53.60 -61.87 -25.66
CA ASP A 435 53.66 -60.46 -26.03
C ASP A 435 53.87 -59.53 -24.85
N ASN A 436 54.42 -58.36 -25.15
CA ASN A 436 54.67 -57.37 -24.12
C ASN A 436 54.78 -56.02 -24.78
N VAL A 437 53.79 -55.72 -25.63
CA VAL A 437 53.71 -54.48 -26.37
C VAL A 437 54.11 -53.32 -25.49
N THR A 438 55.01 -52.49 -26.00
CA THR A 438 55.49 -51.35 -25.22
C THR A 438 55.51 -50.09 -26.06
N ILE A 439 55.03 -49.01 -25.47
CA ILE A 439 54.94 -47.73 -26.17
C ILE A 439 55.59 -46.59 -25.42
N ARG A 440 55.86 -45.52 -26.16
CA ARG A 440 56.48 -44.33 -25.56
C ARG A 440 55.89 -43.05 -26.12
N PHE A 441 55.87 -42.03 -25.28
CA PHE A 441 55.39 -40.71 -25.70
C PHE A 441 55.96 -39.63 -24.78
N ARG A 442 55.99 -38.41 -25.28
CA ARG A 442 56.49 -37.27 -24.53
C ARG A 442 55.28 -36.47 -24.04
N THR A 443 55.29 -36.07 -22.77
CA THR A 443 54.18 -35.31 -22.23
C THR A 443 54.26 -33.86 -22.72
N ASP A 444 53.62 -33.59 -23.86
CA ASP A 444 53.61 -32.26 -24.44
C ASP A 444 52.21 -31.66 -24.52
N ASN A 445 51.26 -32.27 -23.82
CA ASN A 445 49.87 -31.77 -23.84
C ASN A 445 49.26 -31.84 -22.43
N PRO A 446 49.30 -30.73 -21.68
CA PRO A 446 48.75 -30.68 -20.32
C PRO A 446 47.26 -30.98 -20.25
N GLY A 447 46.87 -31.79 -19.26
CA GLY A 447 45.47 -32.14 -19.10
C GLY A 447 45.20 -33.60 -18.80
N PRO A 448 43.96 -33.95 -18.43
CA PRO A 448 43.64 -35.35 -18.13
C PRO A 448 43.31 -36.07 -19.42
N TRP A 449 43.97 -37.21 -19.63
CA TRP A 449 43.77 -38.02 -20.84
C TRP A 449 43.44 -39.47 -20.53
N PHE A 450 42.47 -40.02 -21.26
CA PHE A 450 42.07 -41.41 -21.08
C PHE A 450 43.06 -42.36 -21.76
N LEU A 451 43.18 -43.56 -21.20
CA LEU A 451 44.00 -44.62 -21.71
C LEU A 451 43.15 -45.85 -21.46
N HIS A 452 42.74 -46.55 -22.50
CA HIS A 452 41.86 -47.70 -22.33
C HIS A 452 41.81 -48.63 -23.53
N CYS A 453 41.21 -49.79 -23.32
CA CYS A 453 41.07 -50.74 -24.40
C CYS A 453 39.95 -50.19 -25.28
N HIS A 454 40.12 -50.27 -26.59
CA HIS A 454 39.08 -49.74 -27.46
C HIS A 454 37.98 -50.71 -27.82
N ILE A 455 37.94 -51.83 -27.13
CA ILE A 455 36.84 -52.76 -27.26
C ILE A 455 35.83 -52.17 -26.29
N ASP A 456 34.90 -51.38 -26.82
CA ASP A 456 33.97 -50.68 -25.93
C ASP A 456 33.36 -51.48 -24.78
N PHE A 457 33.01 -52.74 -25.04
CA PHE A 457 32.42 -53.58 -24.01
C PHE A 457 33.39 -53.80 -22.83
N HIS A 458 34.68 -53.71 -23.10
CA HIS A 458 35.68 -53.88 -22.06
C HIS A 458 35.89 -52.56 -21.35
N LEU A 459 35.76 -51.46 -22.10
CA LEU A 459 35.91 -50.13 -21.51
C LEU A 459 34.78 -49.99 -20.50
N GLU A 460 33.58 -50.32 -20.94
CA GLU A 460 32.38 -50.24 -20.10
C GLU A 460 32.54 -51.09 -18.84
N ALA A 461 33.40 -52.10 -18.91
CA ALA A 461 33.61 -52.98 -17.77
C ALA A 461 34.79 -52.56 -16.89
N GLY A 462 35.28 -51.33 -17.12
CA GLY A 462 36.37 -50.81 -16.31
C GLY A 462 37.81 -50.99 -16.77
N PHE A 463 37.99 -51.51 -17.97
CA PHE A 463 39.34 -51.72 -18.50
C PHE A 463 39.95 -50.41 -18.98
N ALA A 464 40.13 -49.47 -18.06
CA ALA A 464 40.68 -48.15 -18.40
C ALA A 464 41.47 -47.50 -17.26
N VAL A 465 42.16 -46.42 -17.61
CA VAL A 465 42.96 -45.70 -16.66
C VAL A 465 42.99 -44.26 -17.17
N VAL A 466 43.36 -43.34 -16.28
CA VAL A 466 43.43 -41.93 -16.64
C VAL A 466 44.81 -41.37 -16.33
N PHE A 467 45.32 -40.56 -17.26
CA PHE A 467 46.62 -39.93 -17.05
C PHE A 467 46.37 -38.44 -16.81
N ALA A 468 46.72 -37.99 -15.62
CA ALA A 468 46.57 -36.58 -15.27
C ALA A 468 47.92 -35.97 -15.63
N GLU A 469 48.02 -35.44 -16.84
CA GLU A 469 49.27 -34.85 -17.33
C GLU A 469 49.49 -33.40 -16.92
N ASP A 470 50.59 -33.17 -16.21
CA ASP A 470 50.97 -31.84 -15.77
C ASP A 470 49.80 -31.08 -15.13
N ILE A 471 49.33 -31.60 -14.00
CA ILE A 471 48.21 -31.03 -13.26
C ILE A 471 48.30 -29.51 -13.02
N PRO A 472 49.48 -29.00 -12.64
CA PRO A 472 49.58 -27.55 -12.41
C PRO A 472 49.18 -26.68 -13.61
N ASP A 473 49.67 -27.02 -14.80
CA ASP A 473 49.35 -26.23 -15.99
C ASP A 473 47.97 -26.54 -16.60
N VAL A 474 47.32 -27.59 -16.12
CA VAL A 474 46.02 -28.00 -16.65
C VAL A 474 44.94 -26.92 -16.79
N ALA A 475 44.54 -26.31 -15.68
CA ALA A 475 43.50 -25.29 -15.71
C ALA A 475 43.85 -24.08 -16.60
N SER A 476 45.08 -23.60 -16.50
CA SER A 476 45.52 -22.47 -17.29
C SER A 476 45.64 -22.81 -18.78
N ALA A 477 46.18 -23.99 -19.06
CA ALA A 477 46.37 -24.45 -20.43
C ALA A 477 45.05 -24.70 -21.17
N ASN A 478 43.99 -25.06 -20.44
CA ASN A 478 42.72 -25.37 -21.08
C ASN A 478 41.52 -24.49 -20.68
N PRO A 479 41.50 -23.24 -21.13
CA PRO A 479 40.37 -22.36 -20.78
C PRO A 479 39.05 -23.03 -21.21
N VAL A 480 38.05 -23.05 -20.33
CA VAL A 480 36.78 -23.68 -20.66
C VAL A 480 35.62 -22.70 -20.89
N PRO A 481 34.88 -22.87 -21.99
CA PRO A 481 33.75 -22.00 -22.34
C PRO A 481 32.58 -22.20 -21.37
N GLN A 482 31.74 -21.17 -21.26
CA GLN A 482 30.59 -21.22 -20.36
C GLN A 482 29.74 -22.47 -20.58
N ALA A 483 29.44 -22.78 -21.83
CA ALA A 483 28.64 -23.96 -22.16
C ALA A 483 29.20 -25.23 -21.51
N TRP A 484 30.53 -25.33 -21.42
CA TRP A 484 31.15 -26.51 -20.80
C TRP A 484 30.85 -26.53 -19.30
N SER A 485 30.99 -25.37 -18.67
CA SER A 485 30.77 -25.27 -17.23
C SER A 485 29.30 -25.47 -16.86
N ASP A 486 28.41 -25.39 -17.84
CA ASP A 486 26.98 -25.60 -17.58
C ASP A 486 26.59 -27.08 -17.75
N LEU A 487 27.39 -27.83 -18.51
CA LEU A 487 27.13 -29.24 -18.77
C LEU A 487 26.75 -30.09 -17.55
N CYS A 488 27.59 -30.05 -16.52
CA CYS A 488 27.34 -30.84 -15.33
C CYS A 488 26.09 -30.45 -14.54
N PRO A 489 25.86 -29.14 -14.33
CA PRO A 489 24.67 -28.76 -13.58
C PRO A 489 23.38 -29.23 -14.26
N THR A 490 23.34 -29.10 -15.58
CA THR A 490 22.16 -29.51 -16.32
C THR A 490 22.04 -31.03 -16.39
N TYR A 491 23.18 -31.73 -16.38
CA TYR A 491 23.16 -33.18 -16.45
C TYR A 491 22.79 -33.83 -15.11
N ASP A 492 23.31 -33.28 -14.02
CA ASP A 492 23.06 -33.82 -12.69
C ASP A 492 21.64 -33.57 -12.22
N ALA A 493 20.99 -32.57 -12.80
CA ALA A 493 19.62 -32.24 -12.43
C ALA A 493 18.65 -33.28 -13.00
N ARG A 494 19.07 -33.93 -14.06
CA ARG A 494 18.26 -34.95 -14.73
C ARG A 494 18.01 -36.14 -13.81
N ASP A 495 16.82 -36.73 -13.92
CA ASP A 495 16.45 -37.91 -13.15
C ASP A 495 17.08 -39.10 -13.85
N PRO A 496 17.49 -40.14 -13.11
CA PRO A 496 18.12 -41.35 -13.65
C PRO A 496 17.55 -41.82 -15.02
N SER A 497 16.23 -41.81 -15.15
CA SER A 497 15.60 -42.25 -16.39
C SER A 497 15.25 -41.12 -17.35
N ASP A 498 14.76 -40.00 -16.81
CA ASP A 498 14.41 -38.82 -17.63
C ASP A 498 15.64 -38.31 -18.35
N GLN A 499 16.70 -39.12 -18.40
CA GLN A 499 17.94 -38.77 -19.07
C GLN A 499 17.68 -37.83 -20.23
N GLY B 1 -48.98 10.18 -31.10
CA GLY B 1 -49.39 9.84 -29.74
C GLY B 1 -49.92 11.08 -29.04
N ILE B 2 -50.20 11.00 -27.74
CA ILE B 2 -50.69 12.18 -27.05
C ILE B 2 -49.57 12.96 -26.37
N GLY B 3 -49.23 14.10 -26.99
CA GLY B 3 -48.17 15.03 -26.56
C GLY B 3 -47.81 15.10 -25.09
N PRO B 4 -46.71 15.75 -24.73
CA PRO B 4 -46.21 15.92 -23.37
C PRO B 4 -47.26 16.34 -22.33
N VAL B 5 -48.26 17.11 -22.77
CA VAL B 5 -49.33 17.59 -21.90
C VAL B 5 -50.62 16.89 -22.32
N ALA B 6 -51.21 16.13 -21.40
CA ALA B 6 -52.44 15.41 -21.72
C ALA B 6 -53.19 14.94 -20.48
N ASP B 7 -54.46 14.59 -20.67
CA ASP B 7 -55.27 14.10 -19.58
C ASP B 7 -55.41 12.60 -19.67
N LEU B 8 -55.36 11.94 -18.52
CA LEU B 8 -55.51 10.51 -18.46
C LEU B 8 -56.70 10.23 -17.54
N THR B 9 -57.87 10.09 -18.14
CA THR B 9 -59.11 9.84 -17.43
C THR B 9 -59.29 8.35 -17.17
N ILE B 10 -59.23 7.99 -15.89
CA ILE B 10 -59.35 6.59 -15.47
C ILE B 10 -60.80 6.23 -15.11
N THR B 11 -61.31 5.18 -15.76
CA THR B 11 -62.67 4.74 -15.50
C THR B 11 -62.76 3.20 -15.57
N ASN B 12 -63.93 2.67 -15.28
CA ASN B 12 -64.19 1.23 -15.35
C ASN B 12 -64.97 0.99 -16.65
N ALA B 13 -64.80 -0.17 -17.24
CA ALA B 13 -65.52 -0.48 -18.47
C ALA B 13 -65.41 -1.96 -18.81
N ALA B 14 -66.46 -2.48 -19.46
CA ALA B 14 -66.47 -3.87 -19.88
C ALA B 14 -65.57 -3.87 -21.12
N VAL B 15 -64.71 -4.88 -21.22
CA VAL B 15 -63.80 -4.93 -22.35
C VAL B 15 -63.57 -6.37 -22.76
N SER B 16 -63.08 -6.58 -23.98
CA SER B 16 -62.85 -7.95 -24.45
C SER B 16 -61.71 -8.08 -25.47
N PRO B 17 -60.46 -7.74 -25.07
CA PRO B 17 -59.31 -7.81 -25.97
C PRO B 17 -59.03 -9.21 -26.57
N ASP B 18 -59.49 -10.26 -25.87
CA ASP B 18 -59.29 -11.63 -26.33
C ASP B 18 -60.64 -12.31 -26.64
N GLY B 19 -61.71 -11.52 -26.70
CA GLY B 19 -63.01 -12.09 -27.01
C GLY B 19 -63.89 -12.31 -25.79
N PHE B 20 -63.28 -12.32 -24.62
CA PHE B 20 -64.01 -12.52 -23.38
C PHE B 20 -64.34 -11.17 -22.74
N SER B 21 -65.62 -10.91 -22.52
CA SER B 21 -66.03 -9.67 -21.91
C SER B 21 -65.81 -9.70 -20.41
N ARG B 22 -65.18 -8.64 -19.89
CA ARG B 22 -64.94 -8.54 -18.46
C ARG B 22 -64.70 -7.09 -18.06
N GLN B 23 -65.19 -6.71 -16.89
CA GLN B 23 -64.99 -5.36 -16.39
C GLN B 23 -63.50 -5.15 -16.09
N ALA B 24 -63.03 -3.92 -16.28
CA ALA B 24 -61.63 -3.63 -16.03
C ALA B 24 -61.40 -2.13 -15.81
N VAL B 25 -60.16 -1.78 -15.50
CA VAL B 25 -59.75 -0.40 -15.29
C VAL B 25 -59.22 0.07 -16.64
N VAL B 26 -59.83 1.12 -17.16
CA VAL B 26 -59.48 1.63 -18.47
C VAL B 26 -58.96 3.07 -18.46
N VAL B 27 -58.07 3.39 -19.39
CA VAL B 27 -57.48 4.74 -19.50
C VAL B 27 -57.96 5.36 -20.79
N ASN B 28 -58.70 6.47 -20.68
CA ASN B 28 -59.23 7.17 -21.84
C ASN B 28 -60.04 6.24 -22.73
N GLY B 29 -60.67 5.24 -22.13
CA GLY B 29 -61.47 4.30 -22.89
C GLY B 29 -60.92 2.90 -23.16
N GLY B 30 -59.60 2.73 -23.11
CA GLY B 30 -59.01 1.42 -23.42
C GLY B 30 -58.10 0.87 -22.30
N THR B 31 -57.99 -0.46 -22.22
CA THR B 31 -57.14 -1.06 -21.18
C THR B 31 -55.70 -0.84 -21.52
N PRO B 32 -55.21 -1.42 -22.63
CA PRO B 32 -53.89 -1.02 -23.03
C PRO B 32 -53.97 0.47 -23.11
N GLY B 33 -53.59 1.19 -22.10
CA GLY B 33 -53.72 2.63 -22.21
C GLY B 33 -53.15 3.25 -23.47
N PRO B 34 -53.51 4.52 -23.75
CA PRO B 34 -53.04 5.25 -24.93
C PRO B 34 -51.53 5.44 -24.89
N LEU B 35 -50.90 5.36 -26.05
CA LEU B 35 -49.46 5.55 -26.15
C LEU B 35 -49.14 7.01 -25.83
N ILE B 36 -48.31 7.23 -24.82
CA ILE B 36 -47.90 8.56 -24.42
C ILE B 36 -46.54 8.81 -25.03
N THR B 37 -46.36 9.96 -25.68
CA THR B 37 -45.08 10.31 -26.31
C THR B 37 -44.62 11.74 -26.06
N GLY B 38 -43.34 11.98 -26.34
CA GLY B 38 -42.75 13.30 -26.17
C GLY B 38 -41.28 13.20 -26.57
N ASN B 39 -40.58 14.34 -26.57
CA ASN B 39 -39.17 14.34 -26.95
C ASN B 39 -38.30 14.57 -25.75
N MET B 40 -37.05 14.10 -25.84
CA MET B 40 -36.08 14.26 -24.76
C MET B 40 -36.01 15.74 -24.40
N GLY B 41 -36.13 16.05 -23.11
CA GLY B 41 -36.09 17.43 -22.68
C GLY B 41 -37.46 18.02 -22.39
N ASP B 42 -38.49 17.43 -22.99
CA ASP B 42 -39.86 17.88 -22.79
C ASP B 42 -40.27 17.80 -21.32
N ARG B 43 -41.20 18.66 -20.96
CA ARG B 43 -41.81 18.65 -19.66
C ARG B 43 -43.16 17.95 -19.69
N PHE B 44 -43.31 16.88 -18.99
CA PHE B 44 -44.56 16.15 -19.05
C PHE B 44 -45.53 16.59 -17.95
N GLN B 45 -46.75 16.88 -18.38
CA GLN B 45 -47.79 17.31 -17.48
C GLN B 45 -48.98 16.41 -17.79
N LEU B 46 -48.99 15.27 -17.13
CA LEU B 46 -50.01 14.26 -17.30
C LEU B 46 -51.00 14.37 -16.15
N ASN B 47 -52.19 14.83 -16.49
CA ASN B 47 -53.25 15.01 -15.51
C ASN B 47 -54.07 13.74 -15.40
N VAL B 48 -53.96 13.07 -14.26
CA VAL B 48 -54.70 11.82 -14.04
C VAL B 48 -56.03 12.10 -13.37
N ILE B 49 -57.09 11.90 -14.14
CA ILE B 49 -58.44 12.14 -13.67
C ILE B 49 -59.08 10.82 -13.26
N ASP B 50 -59.22 10.63 -11.95
CA ASP B 50 -59.81 9.42 -11.40
C ASP B 50 -61.33 9.43 -11.31
N ASN B 51 -61.98 8.72 -12.23
CA ASN B 51 -63.43 8.60 -12.24
C ASN B 51 -63.82 7.12 -12.10
N LEU B 52 -63.06 6.37 -11.29
CA LEU B 52 -63.35 4.96 -11.07
C LEU B 52 -64.57 4.85 -10.17
N THR B 53 -65.29 3.74 -10.25
CA THR B 53 -66.49 3.58 -9.44
C THR B 53 -66.55 2.17 -8.84
N ASN B 54 -65.63 1.33 -9.29
CA ASN B 54 -65.55 -0.06 -8.87
C ASN B 54 -64.56 -0.36 -7.76
N HIS B 55 -65.07 -0.50 -6.53
CA HIS B 55 -64.21 -0.77 -5.38
C HIS B 55 -63.34 -2.02 -5.49
N THR B 56 -63.89 -3.12 -6.01
CA THR B 56 -63.12 -4.37 -6.10
C THR B 56 -61.85 -4.26 -6.96
N MET B 57 -61.82 -3.26 -7.82
CA MET B 57 -60.64 -3.02 -8.64
C MET B 57 -59.94 -1.75 -8.12
N LEU B 58 -60.50 -1.18 -7.03
CA LEU B 58 -60.00 -0.01 -6.21
C LEU B 58 -60.12 1.38 -6.80
N LYS B 59 -61.25 1.99 -6.45
CA LYS B 59 -61.64 3.34 -6.89
C LYS B 59 -60.52 4.36 -6.82
N SER B 60 -59.48 4.05 -6.04
CA SER B 60 -58.34 4.93 -5.94
C SER B 60 -57.29 4.48 -6.93
N THR B 61 -56.33 5.35 -7.21
CA THR B 61 -55.28 4.99 -8.15
C THR B 61 -54.06 5.88 -7.99
N SER B 62 -52.94 5.38 -8.49
CA SER B 62 -51.68 6.10 -8.44
C SER B 62 -50.90 5.58 -9.64
N ILE B 63 -50.23 6.47 -10.36
CA ILE B 63 -49.51 6.02 -11.53
C ILE B 63 -48.01 6.26 -11.53
N HIS B 64 -47.28 5.19 -11.85
CA HIS B 64 -45.84 5.25 -11.93
C HIS B 64 -45.41 5.33 -13.39
N TRP B 65 -44.37 6.10 -13.65
CA TRP B 65 -43.84 6.29 -15.00
C TRP B 65 -42.55 5.49 -15.03
N HIS B 66 -42.68 4.23 -15.44
CA HIS B 66 -41.58 3.28 -15.46
C HIS B 66 -40.35 3.65 -16.29
N GLY B 67 -39.23 3.82 -15.61
CA GLY B 67 -37.97 4.16 -16.27
C GLY B 67 -37.46 5.56 -15.98
N PHE B 68 -38.37 6.51 -15.82
CA PHE B 68 -38.00 7.90 -15.56
C PHE B 68 -37.38 8.09 -14.17
N PHE B 69 -36.25 8.79 -14.10
CA PHE B 69 -35.57 9.00 -12.82
C PHE B 69 -36.30 9.93 -11.84
N GLN B 70 -37.08 10.86 -12.37
CA GLN B 70 -37.85 11.77 -11.53
C GLN B 70 -37.00 12.58 -10.55
N LYS B 71 -35.75 12.85 -10.93
CA LYS B 71 -34.86 13.62 -10.07
C LYS B 71 -35.48 14.98 -9.76
N GLY B 72 -35.69 15.24 -8.47
CA GLY B 72 -36.29 16.51 -8.06
C GLY B 72 -37.81 16.44 -8.00
N THR B 73 -38.34 15.32 -8.46
CA THR B 73 -39.79 15.11 -8.47
C THR B 73 -40.15 13.71 -7.92
N ASN B 74 -39.51 13.34 -6.82
CA ASN B 74 -39.76 12.05 -6.19
C ASN B 74 -41.23 11.84 -5.85
N TRP B 75 -41.96 12.93 -5.65
CA TRP B 75 -43.39 12.86 -5.30
C TRP B 75 -44.27 12.39 -6.45
N ALA B 76 -43.72 12.39 -7.65
CA ALA B 76 -44.48 11.98 -8.83
C ALA B 76 -44.11 10.59 -9.31
N ASP B 77 -43.32 9.86 -8.53
CA ASP B 77 -42.90 8.52 -8.94
C ASP B 77 -44.05 7.52 -9.01
N GLY B 78 -45.07 7.71 -8.18
CA GLY B 78 -46.22 6.81 -8.22
C GLY B 78 -46.43 5.78 -7.11
N PRO B 79 -45.38 5.07 -6.67
CA PRO B 79 -45.54 4.07 -5.61
C PRO B 79 -46.44 4.50 -4.45
N ALA B 80 -47.57 3.83 -4.31
CA ALA B 80 -48.53 4.14 -3.26
C ALA B 80 -47.93 3.94 -1.87
N PHE B 81 -48.07 4.94 -1.01
CA PHE B 81 -47.56 4.89 0.36
C PHE B 81 -46.04 4.94 0.44
N ILE B 82 -45.41 5.18 -0.70
CA ILE B 82 -43.96 5.30 -0.77
C ILE B 82 -43.67 6.75 -1.15
N ASN B 83 -44.25 7.21 -2.25
CA ASN B 83 -44.04 8.59 -2.69
C ASN B 83 -45.29 9.46 -2.72
N GLN B 84 -46.44 8.86 -2.38
CA GLN B 84 -47.71 9.59 -2.34
C GLN B 84 -48.81 8.69 -1.82
N CYS B 85 -49.96 9.31 -1.52
CA CYS B 85 -51.14 8.60 -1.09
C CYS B 85 -51.91 8.47 -2.40
N PRO B 86 -52.75 7.45 -2.51
CA PRO B 86 -53.51 7.29 -3.77
C PRO B 86 -54.39 8.50 -4.08
N ILE B 87 -54.75 8.65 -5.35
CA ILE B 87 -55.66 9.74 -5.74
C ILE B 87 -57.01 9.15 -5.38
N SER B 88 -57.98 9.99 -5.06
CA SER B 88 -59.31 9.50 -4.70
C SER B 88 -60.28 9.65 -5.86
N SER B 89 -61.28 8.79 -5.92
CA SER B 89 -62.25 8.87 -6.99
C SER B 89 -62.92 10.25 -6.94
N GLY B 90 -63.26 10.80 -8.10
CA GLY B 90 -63.87 12.11 -8.13
C GLY B 90 -62.84 13.23 -8.00
N HIS B 91 -61.55 12.85 -8.01
CA HIS B 91 -60.46 13.81 -7.89
C HIS B 91 -59.45 13.57 -8.99
N SER B 92 -58.61 14.57 -9.23
CA SER B 92 -57.57 14.45 -10.23
C SER B 92 -56.26 14.97 -9.62
N PHE B 93 -55.13 14.48 -10.14
CA PHE B 93 -53.83 14.88 -9.63
C PHE B 93 -52.92 15.08 -10.83
N LEU B 94 -52.07 16.10 -10.77
CA LEU B 94 -51.17 16.38 -11.88
C LEU B 94 -49.74 15.87 -11.71
N TYR B 95 -49.33 14.97 -12.60
CA TYR B 95 -47.96 14.47 -12.57
C TYR B 95 -47.21 15.40 -13.52
N ASP B 96 -46.33 16.21 -12.93
CA ASP B 96 -45.57 17.20 -13.67
C ASP B 96 -44.09 17.03 -13.44
N PHE B 97 -43.40 16.51 -14.45
CA PHE B 97 -41.97 16.27 -14.33
C PHE B 97 -41.31 16.46 -15.69
N GLN B 98 -39.99 16.60 -15.68
CA GLN B 98 -39.23 16.80 -16.91
C GLN B 98 -38.36 15.59 -17.21
N VAL B 99 -38.11 15.36 -18.49
CA VAL B 99 -37.30 14.23 -18.89
C VAL B 99 -36.08 14.60 -19.72
N PRO B 100 -35.04 15.16 -19.07
CA PRO B 100 -33.84 15.54 -19.79
C PRO B 100 -32.88 14.37 -19.57
N ASP B 101 -31.86 14.23 -20.40
CA ASP B 101 -30.90 13.15 -20.24
C ASP B 101 -31.48 11.75 -20.38
N GLN B 102 -32.77 11.64 -20.73
CA GLN B 102 -33.39 10.34 -20.92
C GLN B 102 -34.16 10.28 -22.24
N ALA B 103 -34.12 9.12 -22.87
CA ALA B 103 -34.81 8.93 -24.15
C ALA B 103 -34.86 7.45 -24.45
N GLY B 104 -36.03 6.98 -24.87
CA GLY B 104 -36.15 5.56 -25.18
C GLY B 104 -37.56 5.05 -24.95
N THR B 105 -37.67 3.76 -24.63
CA THR B 105 -38.98 3.16 -24.43
C THR B 105 -39.31 2.93 -22.96
N PHE B 106 -40.51 3.35 -22.58
CA PHE B 106 -40.98 3.23 -21.20
C PHE B 106 -42.45 2.79 -21.21
N TRP B 107 -43.09 2.93 -20.06
CA TRP B 107 -44.50 2.64 -19.91
C TRP B 107 -45.00 3.19 -18.59
N TYR B 108 -46.33 3.31 -18.49
CA TYR B 108 -46.93 3.79 -17.26
C TYR B 108 -47.94 2.76 -16.80
N HIS B 109 -48.19 2.73 -15.50
CA HIS B 109 -49.15 1.77 -14.97
C HIS B 109 -49.46 2.07 -13.52
N SER B 110 -50.65 1.71 -13.09
CA SER B 110 -50.99 1.94 -11.69
C SER B 110 -49.91 1.30 -10.84
N HIS B 111 -49.60 1.95 -9.72
CA HIS B 111 -48.62 1.42 -8.79
C HIS B 111 -49.32 1.33 -7.43
N LEU B 112 -50.59 0.95 -7.48
CA LEU B 112 -51.41 0.75 -6.31
C LEU B 112 -51.86 -0.67 -6.28
N SER B 113 -51.33 -1.45 -5.37
CA SER B 113 -51.70 -2.85 -5.35
C SER B 113 -51.45 -3.51 -6.69
N THR B 114 -52.41 -4.40 -7.00
CA THR B 114 -52.38 -5.15 -8.27
C THR B 114 -53.27 -4.54 -9.33
N GLN B 115 -53.67 -3.30 -9.11
CA GLN B 115 -54.52 -2.59 -10.05
C GLN B 115 -54.03 -2.51 -11.51
N TYR B 116 -52.72 -2.53 -11.74
CA TYR B 116 -52.30 -2.45 -13.14
C TYR B 116 -52.60 -3.76 -13.86
N CYS B 117 -52.81 -4.84 -13.12
CA CYS B 117 -53.13 -6.13 -13.75
C CYS B 117 -54.56 -6.03 -14.29
N ASP B 118 -55.40 -5.24 -13.60
CA ASP B 118 -56.77 -5.07 -14.05
C ASP B 118 -56.95 -4.10 -15.21
N GLY B 119 -55.83 -3.55 -15.74
CA GLY B 119 -55.99 -2.66 -16.90
C GLY B 119 -55.26 -1.32 -16.96
N LEU B 120 -54.96 -0.72 -15.81
CA LEU B 120 -54.30 0.59 -15.84
C LEU B 120 -52.82 0.48 -16.18
N ARG B 121 -52.55 0.43 -17.48
CA ARG B 121 -51.19 0.32 -17.98
C ARG B 121 -51.13 0.72 -19.45
N GLY B 122 -50.04 1.35 -19.84
CA GLY B 122 -49.89 1.77 -21.22
C GLY B 122 -48.45 2.09 -21.58
N PRO B 123 -48.11 2.08 -22.88
CA PRO B 123 -46.75 2.37 -23.35
C PRO B 123 -46.44 3.88 -23.36
N PHE B 124 -45.18 4.19 -23.03
CA PHE B 124 -44.69 5.57 -22.95
C PHE B 124 -43.37 5.67 -23.73
N VAL B 125 -43.32 6.51 -24.76
CA VAL B 125 -42.10 6.65 -25.53
C VAL B 125 -41.59 8.10 -25.62
N VAL B 126 -40.30 8.26 -25.35
CA VAL B 126 -39.67 9.58 -25.41
C VAL B 126 -38.62 9.52 -26.50
N TYR B 127 -38.92 10.20 -27.61
CA TYR B 127 -38.03 10.22 -28.76
C TYR B 127 -36.83 11.15 -28.57
N ASP B 128 -35.77 10.85 -29.31
CA ASP B 128 -34.56 11.64 -29.27
C ASP B 128 -34.38 12.30 -30.63
N PRO B 129 -34.56 13.63 -30.71
CA PRO B 129 -34.43 14.37 -31.98
C PRO B 129 -33.12 14.09 -32.72
N ASN B 130 -32.08 13.72 -31.98
CA ASN B 130 -30.78 13.44 -32.58
C ASN B 130 -30.30 12.06 -32.14
N ASP B 131 -31.19 11.07 -32.25
CA ASP B 131 -30.91 9.69 -31.87
C ASP B 131 -29.68 9.13 -32.59
N PRO B 132 -28.72 8.59 -31.83
CA PRO B 132 -27.49 8.03 -32.42
C PRO B 132 -27.78 6.93 -33.45
N ALA B 133 -28.81 6.11 -33.18
CA ALA B 133 -29.18 5.01 -34.06
C ALA B 133 -30.24 5.37 -35.10
N ALA B 134 -30.49 6.65 -35.30
CA ALA B 134 -31.50 7.08 -36.26
C ALA B 134 -31.21 6.58 -37.67
N ASP B 135 -29.95 6.54 -38.06
CA ASP B 135 -29.56 6.09 -39.39
C ASP B 135 -29.77 4.58 -39.62
N LEU B 136 -30.10 3.85 -38.57
CA LEU B 136 -30.30 2.41 -38.70
C LEU B 136 -31.73 1.98 -39.06
N TYR B 137 -32.66 2.93 -39.12
CA TYR B 137 -34.05 2.59 -39.43
C TYR B 137 -34.84 3.70 -40.15
N ASP B 138 -35.93 3.32 -40.81
CA ASP B 138 -36.74 4.26 -41.58
C ASP B 138 -38.03 4.69 -40.92
N VAL B 139 -38.66 3.78 -40.17
CA VAL B 139 -39.93 4.08 -39.51
C VAL B 139 -39.88 3.89 -37.99
N ASP B 140 -40.42 4.86 -37.26
CA ASP B 140 -40.46 4.81 -35.80
C ASP B 140 -41.56 5.76 -35.32
N ASN B 141 -42.78 5.22 -35.20
CA ASN B 141 -43.92 6.01 -34.77
C ASN B 141 -44.88 5.21 -33.89
N ASP B 142 -46.14 5.58 -33.89
CA ASP B 142 -47.16 4.91 -33.09
C ASP B 142 -47.37 3.45 -33.47
N ASP B 143 -47.09 3.10 -34.72
CA ASP B 143 -47.30 1.74 -35.20
C ASP B 143 -46.13 0.77 -35.08
N THR B 144 -45.00 1.22 -34.53
CA THR B 144 -43.87 0.31 -34.37
C THR B 144 -43.68 0.00 -32.87
N VAL B 145 -44.68 0.38 -32.08
CA VAL B 145 -44.68 0.11 -30.64
C VAL B 145 -45.39 -1.22 -30.44
N ILE B 146 -44.76 -2.14 -29.73
CA ILE B 146 -45.37 -3.44 -29.50
C ILE B 146 -45.49 -3.71 -28.01
N THR B 147 -46.72 -3.82 -27.52
CA THR B 147 -46.93 -4.07 -26.10
C THR B 147 -47.35 -5.52 -25.83
N LEU B 148 -46.84 -6.06 -24.73
CA LEU B 148 -47.16 -7.44 -24.33
C LEU B 148 -47.92 -7.40 -23.01
N VAL B 149 -49.08 -8.07 -22.98
CA VAL B 149 -49.90 -8.08 -21.77
C VAL B 149 -50.41 -9.45 -21.38
N ASP B 150 -50.36 -9.75 -20.08
CA ASP B 150 -50.88 -11.02 -19.55
C ASP B 150 -52.31 -10.73 -19.06
N TRP B 151 -53.31 -11.09 -19.89
CA TRP B 151 -54.71 -10.84 -19.57
C TRP B 151 -55.46 -11.97 -18.86
N TYR B 152 -56.11 -11.64 -17.74
CA TYR B 152 -56.87 -12.61 -16.96
C TYR B 152 -58.35 -12.39 -17.11
N HIS B 153 -59.14 -13.46 -17.02
CA HIS B 153 -60.59 -13.33 -17.17
C HIS B 153 -61.19 -12.94 -15.82
N VAL B 154 -60.47 -13.31 -14.76
CA VAL B 154 -60.90 -12.99 -13.41
C VAL B 154 -60.11 -11.82 -12.87
N ALA B 155 -60.79 -10.90 -12.20
CA ALA B 155 -60.11 -9.72 -11.65
C ALA B 155 -58.98 -10.12 -10.71
N ALA B 156 -58.01 -9.22 -10.57
CA ALA B 156 -56.86 -9.43 -9.70
C ALA B 156 -57.18 -9.81 -8.26
N LYS B 157 -58.07 -9.07 -7.61
CA LYS B 157 -58.41 -9.39 -6.22
C LYS B 157 -59.41 -10.54 -6.05
N LEU B 158 -59.97 -11.04 -7.14
CA LEU B 158 -60.94 -12.13 -7.08
C LEU B 158 -60.37 -13.50 -7.42
N GLY B 159 -59.29 -13.53 -8.19
CA GLY B 159 -58.69 -14.82 -8.55
C GLY B 159 -57.69 -15.28 -7.50
N PRO B 160 -56.78 -16.20 -7.86
CA PRO B 160 -55.79 -16.69 -6.90
C PRO B 160 -54.80 -15.58 -6.49
N ALA B 161 -54.21 -15.69 -5.31
CA ALA B 161 -53.23 -14.70 -4.89
C ALA B 161 -52.05 -14.81 -5.86
N PHE B 162 -51.81 -16.03 -6.35
CA PHE B 162 -50.75 -16.29 -7.32
C PHE B 162 -51.35 -17.13 -8.48
N PRO B 163 -51.94 -16.44 -9.48
CA PRO B 163 -52.59 -17.01 -10.67
C PRO B 163 -51.95 -18.23 -11.34
N LEU B 164 -50.64 -18.17 -11.56
CA LEU B 164 -49.95 -19.30 -12.20
C LEU B 164 -50.36 -19.46 -13.67
N GLY B 165 -50.54 -18.34 -14.37
CA GLY B 165 -50.91 -18.40 -15.78
C GLY B 165 -52.02 -17.44 -16.15
N ALA B 166 -51.84 -16.73 -17.27
CA ALA B 166 -52.83 -15.78 -17.75
C ALA B 166 -53.71 -16.51 -18.76
N ASP B 167 -54.97 -16.08 -18.89
CA ASP B 167 -55.88 -16.71 -19.83
C ASP B 167 -55.49 -16.40 -21.27
N ALA B 168 -54.77 -15.32 -21.49
CA ALA B 168 -54.39 -14.95 -22.84
C ALA B 168 -53.31 -13.87 -22.87
N THR B 169 -52.44 -13.98 -23.86
CA THR B 169 -51.38 -13.01 -24.04
C THR B 169 -51.94 -11.99 -25.00
N LEU B 170 -51.74 -10.72 -24.69
CA LEU B 170 -52.23 -9.64 -25.54
C LEU B 170 -51.04 -8.95 -26.20
N ILE B 171 -51.05 -8.90 -27.53
CA ILE B 171 -49.99 -8.22 -28.25
C ILE B 171 -50.69 -7.00 -28.88
N ASN B 172 -50.24 -5.82 -28.47
CA ASN B 172 -50.85 -4.57 -28.93
C ASN B 172 -52.36 -4.58 -28.65
N GLY B 173 -52.72 -5.04 -27.46
CA GLY B 173 -54.11 -5.04 -27.05
C GLY B 173 -54.99 -6.20 -27.48
N LYS B 174 -54.54 -7.02 -28.42
CA LYS B 174 -55.36 -8.13 -28.87
C LYS B 174 -54.66 -9.48 -28.71
N GLY B 175 -55.46 -10.53 -28.67
CA GLY B 175 -54.90 -11.86 -28.52
C GLY B 175 -56.01 -12.88 -28.37
N ARG B 176 -55.66 -14.14 -28.18
CA ARG B 176 -56.66 -15.19 -28.04
C ARG B 176 -56.42 -16.07 -26.81
N SER B 177 -57.51 -16.63 -26.31
CA SER B 177 -57.47 -17.54 -25.18
C SER B 177 -57.83 -18.89 -25.82
N PRO B 178 -57.47 -20.00 -25.15
CA PRO B 178 -57.77 -21.33 -25.68
C PRO B 178 -59.25 -21.49 -26.06
N SER B 179 -60.09 -20.63 -25.49
CA SER B 179 -61.54 -20.67 -25.71
C SER B 179 -62.10 -19.62 -26.68
N THR B 180 -61.24 -18.78 -27.22
CA THR B 180 -61.69 -17.74 -28.15
C THR B 180 -60.69 -17.62 -29.29
N THR B 181 -60.44 -18.76 -29.95
CA THR B 181 -59.48 -18.82 -31.06
C THR B 181 -59.87 -18.07 -32.34
N THR B 182 -61.05 -17.46 -32.36
CA THR B 182 -61.46 -16.69 -33.55
C THR B 182 -61.40 -15.18 -33.24
N ALA B 183 -60.90 -14.83 -32.06
CA ALA B 183 -60.78 -13.42 -31.68
C ALA B 183 -59.77 -12.71 -32.60
N ASP B 184 -60.08 -11.47 -32.98
CA ASP B 184 -59.22 -10.69 -33.85
C ASP B 184 -57.82 -10.53 -33.28
N LEU B 185 -56.82 -10.66 -34.14
CA LEU B 185 -55.44 -10.51 -33.71
C LEU B 185 -54.92 -9.13 -34.14
N SER B 186 -53.85 -8.68 -33.51
CA SER B 186 -53.26 -7.39 -33.87
C SER B 186 -52.47 -7.60 -35.16
N VAL B 187 -52.44 -6.56 -35.99
CA VAL B 187 -51.70 -6.67 -37.24
C VAL B 187 -50.69 -5.55 -37.28
N ILE B 188 -49.45 -5.89 -37.57
CA ILE B 188 -48.38 -4.90 -37.64
C ILE B 188 -47.91 -4.85 -39.08
N SER B 189 -48.09 -3.69 -39.72
CA SER B 189 -47.71 -3.53 -41.10
C SER B 189 -46.27 -3.06 -41.32
N VAL B 190 -45.66 -3.60 -42.37
CA VAL B 190 -44.31 -3.25 -42.76
C VAL B 190 -44.33 -3.16 -44.28
N THR B 191 -43.51 -2.30 -44.85
CA THR B 191 -43.47 -2.18 -46.29
C THR B 191 -42.12 -2.69 -46.76
N PRO B 192 -42.10 -3.45 -47.86
CA PRO B 192 -40.87 -4.02 -48.42
C PRO B 192 -39.73 -3.02 -48.49
N GLY B 193 -38.54 -3.49 -48.10
CA GLY B 193 -37.35 -2.65 -48.15
C GLY B 193 -37.20 -1.64 -47.02
N LYS B 194 -38.21 -1.50 -46.17
CA LYS B 194 -38.11 -0.55 -45.08
C LYS B 194 -37.65 -1.17 -43.78
N ARG B 195 -36.92 -0.39 -43.01
CA ARG B 195 -36.41 -0.81 -41.71
C ARG B 195 -37.27 -0.13 -40.66
N TYR B 196 -37.64 -0.88 -39.63
CA TYR B 196 -38.50 -0.35 -38.57
C TYR B 196 -37.89 -0.50 -37.20
N ARG B 197 -38.04 0.54 -36.39
CA ARG B 197 -37.56 0.47 -35.02
C ARG B 197 -38.75 0.05 -34.19
N PHE B 198 -38.86 -1.25 -33.90
CA PHE B 198 -39.97 -1.73 -33.09
C PHE B 198 -39.63 -1.58 -31.59
N ARG B 199 -40.56 -1.02 -30.84
CA ARG B 199 -40.36 -0.81 -29.41
C ARG B 199 -41.18 -1.83 -28.63
N LEU B 200 -40.50 -2.89 -28.19
CA LEU B 200 -41.10 -3.99 -27.44
C LEU B 200 -41.16 -3.67 -25.94
N VAL B 201 -42.37 -3.61 -25.41
CA VAL B 201 -42.57 -3.31 -24.00
C VAL B 201 -43.42 -4.35 -23.29
N SER B 202 -42.95 -4.82 -22.15
CA SER B 202 -43.72 -5.76 -21.40
C SER B 202 -44.49 -5.04 -20.30
N LEU B 203 -45.81 -5.11 -20.37
CA LEU B 203 -46.67 -4.46 -19.39
C LEU B 203 -47.18 -5.60 -18.51
N SER B 204 -46.45 -6.70 -18.51
CA SER B 204 -46.84 -7.88 -17.77
C SER B 204 -46.87 -7.74 -16.27
N CYS B 205 -47.78 -8.49 -15.66
CA CYS B 205 -47.94 -8.57 -14.23
C CYS B 205 -47.22 -9.82 -13.69
N ASP B 206 -46.62 -10.63 -14.53
CA ASP B 206 -45.95 -11.84 -14.02
C ASP B 206 -45.09 -12.54 -15.08
N PRO B 207 -45.85 -12.91 -16.18
CA PRO B 207 -45.27 -13.66 -17.30
C PRO B 207 -44.02 -13.11 -17.95
N ASN B 208 -43.00 -13.95 -18.20
CA ASN B 208 -41.98 -13.37 -19.05
C ASN B 208 -42.32 -13.96 -20.40
N TYR B 209 -41.90 -13.31 -21.48
CA TYR B 209 -42.21 -13.82 -22.81
C TYR B 209 -40.99 -14.06 -23.69
N THR B 210 -41.06 -15.13 -24.46
CA THR B 210 -40.06 -15.45 -25.43
C THR B 210 -40.65 -14.93 -26.72
N PHE B 211 -40.14 -13.79 -27.18
CA PHE B 211 -40.64 -13.12 -28.37
C PHE B 211 -39.84 -13.42 -29.64
N SER B 212 -40.54 -13.75 -30.70
CA SER B 212 -39.88 -14.03 -31.97
C SER B 212 -40.81 -13.76 -33.15
N ILE B 213 -40.23 -13.58 -34.33
CA ILE B 213 -40.99 -13.32 -35.54
C ILE B 213 -40.53 -14.28 -36.62
N ASP B 214 -41.43 -15.13 -37.11
CA ASP B 214 -41.08 -16.10 -38.13
C ASP B 214 -40.38 -15.48 -39.34
N GLY B 215 -39.26 -16.10 -39.73
CA GLY B 215 -38.48 -15.64 -40.88
C GLY B 215 -37.70 -14.35 -40.75
N HIS B 216 -37.72 -13.74 -39.56
CA HIS B 216 -37.01 -12.47 -39.39
C HIS B 216 -36.02 -12.43 -38.23
N ASN B 217 -34.97 -11.64 -38.40
CA ASN B 217 -33.97 -11.46 -37.36
C ASN B 217 -34.32 -10.14 -36.71
N MET B 218 -33.64 -9.81 -35.61
CA MET B 218 -33.90 -8.56 -34.88
C MET B 218 -32.61 -7.97 -34.31
N THR B 219 -32.32 -6.70 -34.64
CA THR B 219 -31.13 -6.04 -34.15
C THR B 219 -31.48 -5.13 -32.99
N ILE B 220 -31.13 -5.56 -31.78
CA ILE B 220 -31.40 -4.78 -30.58
C ILE B 220 -30.55 -3.50 -30.55
N ILE B 221 -31.20 -2.36 -30.29
CA ILE B 221 -30.48 -1.09 -30.22
C ILE B 221 -30.84 -0.34 -28.94
N GLU B 222 -31.62 -0.98 -28.08
CA GLU B 222 -32.01 -0.37 -26.81
C GLU B 222 -32.50 -1.39 -25.81
N THR B 223 -32.06 -1.24 -24.57
CA THR B 223 -32.53 -2.11 -23.49
C THR B 223 -32.91 -1.26 -22.27
N ASP B 224 -34.18 -1.36 -21.87
CA ASP B 224 -34.68 -0.61 -20.73
C ASP B 224 -34.29 0.87 -20.81
N SER B 225 -34.47 1.47 -21.98
CA SER B 225 -34.17 2.90 -22.18
C SER B 225 -32.69 3.25 -22.38
N ILE B 226 -31.80 2.27 -22.32
CA ILE B 226 -30.39 2.56 -22.52
C ILE B 226 -29.93 2.19 -23.94
N ASN B 227 -29.35 3.15 -24.64
CA ASN B 227 -28.86 2.88 -26.00
C ASN B 227 -27.86 1.73 -25.91
N THR B 228 -28.06 0.74 -26.77
CA THR B 228 -27.25 -0.47 -26.77
C THR B 228 -26.51 -0.70 -28.08
N ALA B 229 -25.31 -1.26 -28.00
CA ALA B 229 -24.55 -1.55 -29.21
C ALA B 229 -25.40 -2.53 -30.02
N PRO B 230 -25.49 -2.34 -31.33
CA PRO B 230 -26.30 -3.25 -32.15
C PRO B 230 -25.95 -4.72 -31.91
N LEU B 231 -26.98 -5.53 -31.67
CA LEU B 231 -26.83 -6.95 -31.43
C LEU B 231 -27.92 -7.71 -32.25
N VAL B 232 -27.47 -8.52 -33.19
CA VAL B 232 -28.40 -9.27 -34.02
C VAL B 232 -28.91 -10.47 -33.24
N VAL B 233 -30.22 -10.57 -33.14
CA VAL B 233 -30.85 -11.64 -32.38
C VAL B 233 -31.96 -12.42 -33.10
N ASP B 234 -32.15 -13.64 -32.64
CA ASP B 234 -33.10 -14.61 -33.17
C ASP B 234 -34.43 -14.54 -32.43
N SER B 235 -34.35 -14.40 -31.11
CA SER B 235 -35.52 -14.32 -30.25
C SER B 235 -35.16 -13.54 -29.00
N ILE B 236 -36.17 -13.00 -28.33
CA ILE B 236 -35.93 -12.22 -27.14
C ILE B 236 -36.77 -12.72 -25.99
N GLN B 237 -36.13 -12.98 -24.84
CA GLN B 237 -36.86 -13.38 -23.65
C GLN B 237 -36.97 -12.10 -22.85
N ILE B 238 -38.18 -11.57 -22.77
CA ILE B 238 -38.41 -10.31 -22.08
C ILE B 238 -39.22 -10.52 -20.81
N PHE B 239 -38.69 -10.04 -19.68
CA PHE B 239 -39.38 -10.19 -18.41
C PHE B 239 -40.30 -9.00 -18.16
N ALA B 240 -41.15 -9.15 -17.14
CA ALA B 240 -42.11 -8.10 -16.79
C ALA B 240 -41.46 -6.72 -16.63
N ALA B 241 -42.03 -5.72 -17.30
CA ALA B 241 -41.55 -4.35 -17.26
C ALA B 241 -40.28 -4.04 -18.06
N GLN B 242 -39.68 -4.99 -18.67
CA GLN B 242 -38.52 -4.71 -19.50
C GLN B 242 -38.93 -4.12 -20.85
N ARG B 243 -37.95 -3.58 -21.57
CA ARG B 243 -38.18 -3.00 -22.88
C ARG B 243 -36.96 -3.26 -23.76
N TYR B 244 -37.18 -3.29 -25.06
CA TYR B 244 -36.10 -3.49 -26.04
C TYR B 244 -36.56 -2.84 -27.32
N SER B 245 -35.69 -2.13 -27.96
CA SER B 245 -35.98 -1.59 -29.26
C SER B 245 -35.17 -2.49 -30.16
N PHE B 246 -35.78 -2.98 -31.24
CA PHE B 246 -35.04 -3.82 -32.17
C PHE B 246 -35.42 -3.38 -33.58
N VAL B 247 -34.45 -3.41 -34.47
CA VAL B 247 -34.70 -3.01 -35.83
C VAL B 247 -35.00 -4.23 -36.68
N LEU B 248 -36.07 -4.13 -37.45
CA LEU B 248 -36.46 -5.22 -38.32
C LEU B 248 -36.53 -4.69 -39.75
N GLU B 249 -35.88 -5.39 -40.68
CA GLU B 249 -35.90 -5.01 -42.09
C GLU B 249 -36.92 -5.88 -42.81
N ALA B 250 -37.90 -5.24 -43.44
CA ALA B 250 -38.91 -5.98 -44.18
C ALA B 250 -38.23 -6.41 -45.48
N ASN B 251 -37.35 -7.40 -45.36
CA ASN B 251 -36.59 -7.91 -46.51
C ASN B 251 -36.97 -9.32 -46.96
N GLN B 252 -38.00 -9.90 -46.33
CA GLN B 252 -38.44 -11.22 -46.72
C GLN B 252 -39.55 -11.11 -47.78
N ALA B 253 -39.97 -12.24 -48.32
CA ALA B 253 -41.03 -12.25 -49.33
C ALA B 253 -42.31 -11.63 -48.77
N VAL B 254 -43.00 -10.85 -49.59
CA VAL B 254 -44.25 -10.25 -49.17
C VAL B 254 -45.16 -11.40 -48.71
N ASP B 255 -45.57 -11.37 -47.44
CA ASP B 255 -46.43 -12.42 -46.91
C ASP B 255 -46.83 -12.05 -45.49
N ASN B 256 -47.57 -12.94 -44.82
CA ASN B 256 -48.00 -12.74 -43.44
C ASN B 256 -47.10 -13.64 -42.59
N TYR B 257 -46.56 -13.10 -41.51
CA TYR B 257 -45.68 -13.87 -40.63
C TYR B 257 -46.17 -13.82 -39.19
N TRP B 258 -46.08 -14.96 -38.52
CA TRP B 258 -46.51 -15.07 -37.14
C TRP B 258 -45.56 -14.34 -36.20
N ILE B 259 -46.14 -13.53 -35.32
CA ILE B 259 -45.37 -12.82 -34.32
C ILE B 259 -45.72 -13.60 -33.05
N ARG B 260 -44.70 -14.23 -32.44
CA ARG B 260 -44.91 -15.04 -31.26
C ARG B 260 -44.42 -14.44 -29.94
N ALA B 261 -45.23 -14.57 -28.89
CA ALA B 261 -44.90 -14.10 -27.55
C ALA B 261 -45.35 -15.24 -26.63
N ASN B 262 -44.47 -16.23 -26.47
CA ASN B 262 -44.77 -17.42 -25.68
C ASN B 262 -44.42 -17.20 -24.20
N PRO B 263 -45.42 -17.28 -23.30
CA PRO B 263 -45.19 -17.08 -21.86
C PRO B 263 -44.55 -18.29 -21.20
N ASN B 264 -43.83 -18.07 -20.09
CA ASN B 264 -43.16 -19.16 -19.41
C ASN B 264 -44.12 -20.13 -18.74
N PHE B 265 -45.34 -19.69 -18.45
CA PHE B 265 -46.35 -20.57 -17.85
C PHE B 265 -47.74 -20.06 -18.16
N GLY B 266 -48.76 -20.88 -17.93
CA GLY B 266 -50.14 -20.49 -18.25
C GLY B 266 -50.52 -21.24 -19.52
N ASN B 267 -51.09 -20.54 -20.50
CA ASN B 267 -51.45 -21.18 -21.77
C ASN B 267 -50.28 -21.01 -22.74
N VAL B 268 -49.36 -21.98 -22.73
CA VAL B 268 -48.20 -21.90 -23.60
C VAL B 268 -48.48 -22.52 -24.96
N GLY B 269 -47.62 -22.24 -25.93
CA GLY B 269 -47.82 -22.77 -27.26
C GLY B 269 -48.57 -21.81 -28.16
N PHE B 270 -48.97 -22.28 -29.34
CA PHE B 270 -49.65 -21.42 -30.31
C PHE B 270 -50.90 -22.05 -30.96
N THR B 271 -51.42 -23.10 -30.35
CA THR B 271 -52.61 -23.76 -30.86
C THR B 271 -53.77 -22.76 -30.97
N GLY B 272 -54.43 -22.73 -32.12
CA GLY B 272 -55.53 -21.81 -32.31
C GLY B 272 -55.09 -20.37 -32.50
N GLY B 273 -53.79 -20.16 -32.56
CA GLY B 273 -53.30 -18.81 -32.76
C GLY B 273 -53.14 -17.99 -31.49
N ILE B 274 -53.20 -18.63 -30.32
CA ILE B 274 -53.00 -17.88 -29.09
C ILE B 274 -51.54 -17.42 -29.02
N ASN B 275 -51.25 -16.51 -28.09
CA ASN B 275 -49.89 -15.99 -27.90
C ASN B 275 -49.30 -15.51 -29.21
N SER B 276 -50.16 -14.98 -30.09
CA SER B 276 -49.70 -14.55 -31.40
C SER B 276 -50.24 -13.22 -31.94
N ALA B 277 -49.60 -12.74 -33.00
CA ALA B 277 -49.99 -11.50 -33.67
C ALA B 277 -49.54 -11.62 -35.13
N ILE B 278 -49.84 -10.64 -35.96
CA ILE B 278 -49.48 -10.75 -37.36
C ILE B 278 -48.60 -9.66 -37.97
N LEU B 279 -47.53 -10.09 -38.63
CA LEU B 279 -46.63 -9.19 -39.32
C LEU B 279 -47.10 -9.30 -40.77
N ARG B 280 -47.64 -8.21 -41.31
CA ARG B 280 -48.15 -8.24 -42.66
C ARG B 280 -47.48 -7.28 -43.63
N TYR B 281 -46.78 -7.83 -44.62
CA TYR B 281 -46.14 -7.01 -45.63
C TYR B 281 -47.22 -6.36 -46.48
N ASP B 282 -46.96 -5.15 -46.96
CA ASP B 282 -47.93 -4.48 -47.82
C ASP B 282 -48.04 -5.40 -49.02
N GLY B 283 -49.27 -5.66 -49.47
CA GLY B 283 -49.48 -6.53 -50.61
C GLY B 283 -49.90 -7.91 -50.18
N ALA B 284 -49.63 -8.26 -48.93
CA ALA B 284 -50.01 -9.57 -48.44
C ALA B 284 -51.52 -9.55 -48.21
N ALA B 285 -52.16 -10.70 -48.37
CA ALA B 285 -53.60 -10.81 -48.18
C ALA B 285 -53.94 -10.71 -46.69
N ALA B 286 -55.17 -10.29 -46.40
CA ALA B 286 -55.61 -10.21 -45.01
C ALA B 286 -56.07 -11.61 -44.61
N VAL B 287 -55.11 -12.43 -44.21
CA VAL B 287 -55.40 -13.81 -43.80
C VAL B 287 -54.43 -14.12 -42.68
N GLU B 288 -54.64 -15.22 -41.96
CA GLU B 288 -53.72 -15.59 -40.89
C GLU B 288 -52.49 -16.15 -41.54
N PRO B 289 -51.33 -16.05 -40.87
CA PRO B 289 -50.11 -16.61 -41.48
C PRO B 289 -50.15 -18.14 -41.39
N THR B 290 -49.17 -18.79 -42.01
CA THR B 290 -49.04 -20.25 -41.98
C THR B 290 -47.55 -20.55 -42.00
N THR B 291 -46.76 -19.54 -41.67
CA THR B 291 -45.31 -19.70 -41.61
C THR B 291 -45.05 -20.53 -40.36
N THR B 292 -43.97 -21.30 -40.38
CA THR B 292 -43.64 -22.13 -39.24
C THR B 292 -42.50 -21.56 -38.43
N GLN B 293 -42.54 -21.82 -37.13
CA GLN B 293 -41.51 -21.34 -36.23
C GLN B 293 -40.29 -22.24 -36.38
N THR B 294 -39.11 -21.63 -36.41
CA THR B 294 -37.88 -22.39 -36.54
C THR B 294 -37.09 -22.26 -35.24
N THR B 295 -36.11 -23.12 -35.06
CA THR B 295 -35.27 -23.10 -33.87
C THR B 295 -34.47 -21.80 -33.76
N SER B 296 -34.39 -21.27 -32.55
CA SER B 296 -33.65 -20.04 -32.30
C SER B 296 -32.17 -20.38 -32.18
N THR B 297 -31.34 -19.79 -33.04
CA THR B 297 -29.90 -20.04 -33.01
C THR B 297 -29.11 -18.82 -32.52
N ALA B 298 -29.81 -17.72 -32.27
CA ALA B 298 -29.18 -16.50 -31.78
C ALA B 298 -30.04 -15.87 -30.67
N PRO B 299 -30.37 -16.66 -29.64
CA PRO B 299 -31.18 -16.14 -28.54
C PRO B 299 -30.51 -14.94 -27.87
N LEU B 300 -31.30 -13.97 -27.46
CA LEU B 300 -30.75 -12.82 -26.76
C LEU B 300 -30.18 -13.32 -25.44
N ASN B 301 -29.02 -12.81 -25.06
CA ASN B 301 -28.43 -13.18 -23.79
C ASN B 301 -27.96 -11.85 -23.21
N GLU B 302 -28.53 -11.47 -22.08
CA GLU B 302 -28.21 -10.20 -21.45
C GLU B 302 -26.70 -9.91 -21.44
N VAL B 303 -25.92 -10.96 -21.22
CA VAL B 303 -24.48 -10.87 -21.18
C VAL B 303 -23.91 -10.32 -22.49
N ASN B 304 -24.65 -10.46 -23.57
CA ASN B 304 -24.16 -9.98 -24.87
C ASN B 304 -24.53 -8.50 -25.12
N LEU B 305 -25.27 -7.91 -24.18
CA LEU B 305 -25.70 -6.52 -24.30
C LEU B 305 -24.68 -5.55 -23.72
N HIS B 306 -24.35 -4.50 -24.48
CA HIS B 306 -23.42 -3.50 -24.00
C HIS B 306 -23.92 -2.13 -24.34
N PRO B 307 -23.64 -1.14 -23.48
CA PRO B 307 -24.08 0.24 -23.73
C PRO B 307 -23.51 0.73 -25.06
N LEU B 308 -24.27 1.53 -25.78
CA LEU B 308 -23.78 2.06 -27.04
C LEU B 308 -22.59 2.97 -26.74
N VAL B 309 -22.74 3.79 -25.69
CA VAL B 309 -21.69 4.71 -25.27
C VAL B 309 -20.94 4.15 -24.06
N ALA B 310 -19.62 4.29 -24.05
CA ALA B 310 -18.82 3.78 -22.94
C ALA B 310 -19.36 4.35 -21.63
N THR B 311 -19.73 3.47 -20.72
CA THR B 311 -20.29 3.90 -19.44
C THR B 311 -19.65 3.11 -18.31
N ALA B 312 -18.87 3.82 -17.49
CA ALA B 312 -18.16 3.18 -16.37
C ALA B 312 -19.05 2.56 -15.31
N VAL B 313 -18.68 1.38 -14.86
CA VAL B 313 -19.41 0.70 -13.82
C VAL B 313 -19.02 1.36 -12.50
N PRO B 314 -20.01 1.81 -11.72
CA PRO B 314 -19.65 2.46 -10.44
C PRO B 314 -18.80 1.57 -9.54
N GLY B 315 -17.90 2.20 -8.79
CA GLY B 315 -17.03 1.45 -7.89
C GLY B 315 -15.76 0.92 -8.52
N SER B 316 -15.25 -0.18 -7.95
CA SER B 316 -14.02 -0.79 -8.44
C SER B 316 -14.26 -2.21 -8.94
N PRO B 317 -13.48 -2.63 -9.96
CA PRO B 317 -13.53 -3.94 -10.59
C PRO B 317 -13.17 -5.10 -9.68
N VAL B 318 -13.85 -5.18 -8.54
CA VAL B 318 -13.64 -6.26 -7.58
C VAL B 318 -14.94 -6.46 -6.82
N ALA B 319 -15.20 -7.68 -6.36
CA ALA B 319 -16.42 -7.94 -5.62
C ALA B 319 -16.43 -7.03 -4.39
N GLY B 320 -17.55 -6.36 -4.15
CA GLY B 320 -17.65 -5.48 -3.01
C GLY B 320 -16.85 -4.20 -3.14
N GLY B 321 -16.07 -4.08 -4.21
CA GLY B 321 -15.28 -2.87 -4.40
C GLY B 321 -16.23 -1.70 -4.58
N VAL B 322 -17.00 -1.41 -3.53
CA VAL B 322 -17.97 -0.34 -3.57
C VAL B 322 -18.14 0.29 -2.18
N ASP B 323 -18.79 1.45 -2.12
CA ASP B 323 -19.00 2.13 -0.85
C ASP B 323 -19.95 1.36 0.07
N LEU B 324 -21.10 0.95 -0.46
CA LEU B 324 -22.09 0.20 0.31
C LEU B 324 -22.57 -1.02 -0.47
N ALA B 325 -22.40 -2.21 0.10
CA ALA B 325 -22.83 -3.43 -0.56
C ALA B 325 -23.92 -4.10 0.27
N ILE B 326 -25.00 -4.52 -0.39
CA ILE B 326 -26.10 -5.16 0.32
C ILE B 326 -26.54 -6.43 -0.40
N ASN B 327 -26.78 -7.49 0.35
CA ASN B 327 -27.22 -8.75 -0.20
C ASN B 327 -28.68 -8.95 0.22
N MET B 328 -29.50 -9.32 -0.75
CA MET B 328 -30.93 -9.51 -0.49
C MET B 328 -31.17 -11.00 -0.42
N ALA B 329 -31.30 -11.54 0.77
CA ALA B 329 -31.60 -12.96 0.89
C ALA B 329 -33.07 -13.20 1.07
N PHE B 330 -33.66 -13.63 0.00
CA PHE B 330 -35.04 -13.97 -0.32
C PHE B 330 -35.77 -15.04 0.51
N ASN B 331 -37.07 -14.92 0.80
CA ASN B 331 -37.75 -15.96 1.59
C ASN B 331 -39.25 -15.94 1.35
N PHE B 332 -39.90 -17.05 1.70
CA PHE B 332 -41.32 -17.25 1.51
C PHE B 332 -41.86 -18.20 2.55
N ASN B 333 -43.01 -17.89 3.14
CA ASN B 333 -43.61 -18.75 4.15
C ASN B 333 -45.03 -19.05 3.79
N GLY B 334 -45.33 -18.91 2.50
CA GLY B 334 -46.67 -19.33 2.04
C GLY B 334 -47.54 -18.33 1.21
N THR B 335 -48.00 -17.32 1.90
CA THR B 335 -48.90 -16.30 1.44
C THR B 335 -48.21 -14.96 1.25
N ASN B 336 -46.96 -14.96 1.75
CA ASN B 336 -46.10 -13.78 1.81
C ASN B 336 -44.62 -14.00 1.53
N PHE B 337 -44.06 -12.95 0.89
CA PHE B 337 -42.65 -12.90 0.50
C PHE B 337 -41.80 -12.12 1.50
N PHE B 338 -40.51 -12.44 1.53
CA PHE B 338 -39.57 -11.79 2.44
C PHE B 338 -38.23 -11.41 1.83
N ILE B 339 -37.67 -10.31 2.34
CA ILE B 339 -36.37 -9.85 1.90
C ILE B 339 -35.63 -9.48 3.18
N ASN B 340 -34.59 -10.25 3.49
CA ASN B 340 -33.79 -10.03 4.69
C ASN B 340 -34.67 -10.12 5.93
N GLY B 341 -35.49 -11.18 5.97
CA GLY B 341 -36.38 -11.39 7.10
C GLY B 341 -37.54 -10.43 7.25
N ALA B 342 -37.80 -9.61 6.24
CA ALA B 342 -38.91 -8.66 6.31
C ALA B 342 -39.84 -8.80 5.11
N SER B 343 -41.13 -8.66 5.37
CA SER B 343 -42.14 -8.75 4.33
C SER B 343 -42.80 -7.39 4.24
N PHE B 344 -42.57 -6.67 3.15
CA PHE B 344 -43.15 -5.35 2.98
C PHE B 344 -44.65 -5.27 3.16
N THR B 345 -45.09 -4.17 3.78
CA THR B 345 -46.50 -3.91 4.01
C THR B 345 -46.62 -2.38 4.06
N PRO B 346 -47.39 -1.80 3.13
CA PRO B 346 -47.62 -0.36 3.00
C PRO B 346 -47.86 0.38 4.32
N PRO B 347 -47.07 1.44 4.57
CA PRO B 347 -47.27 2.20 5.81
C PRO B 347 -48.44 3.15 5.56
N THR B 348 -49.09 3.63 6.63
CA THR B 348 -50.21 4.56 6.46
C THR B 348 -49.77 5.93 5.97
N VAL B 349 -48.60 6.39 6.41
CA VAL B 349 -48.06 7.67 5.98
C VAL B 349 -47.03 7.39 4.91
N PRO B 350 -47.21 7.92 3.69
CA PRO B 350 -46.19 7.60 2.67
C PRO B 350 -44.77 7.97 3.10
N VAL B 351 -43.82 7.12 2.74
CA VAL B 351 -42.42 7.33 3.12
C VAL B 351 -41.87 8.71 2.78
N LEU B 352 -42.28 9.29 1.67
CA LEU B 352 -41.80 10.60 1.29
C LEU B 352 -42.28 11.59 2.34
N LEU B 353 -43.56 11.47 2.72
CA LEU B 353 -44.15 12.37 3.71
C LEU B 353 -43.51 12.17 5.08
N GLN B 354 -43.19 10.92 5.40
CA GLN B 354 -42.56 10.63 6.68
C GLN B 354 -41.27 11.43 6.79
N ILE B 355 -40.46 11.40 5.72
CA ILE B 355 -39.18 12.11 5.69
C ILE B 355 -39.36 13.62 5.69
N ILE B 356 -40.33 14.12 4.94
CA ILE B 356 -40.59 15.56 4.89
C ILE B 356 -41.07 16.03 6.25
N SER B 357 -41.76 15.16 6.98
CA SER B 357 -42.29 15.48 8.29
C SER B 357 -41.28 15.37 9.42
N GLY B 358 -40.05 14.96 9.09
CA GLY B 358 -39.05 14.86 10.14
C GLY B 358 -38.27 13.56 10.24
N ALA B 359 -38.70 12.51 9.55
CA ALA B 359 -38.01 11.23 9.60
C ALA B 359 -36.51 11.48 9.37
N GLN B 360 -35.69 11.03 10.31
CA GLN B 360 -34.24 11.24 10.23
C GLN B 360 -33.38 10.05 9.78
N ASN B 361 -33.91 8.84 9.87
CA ASN B 361 -33.14 7.67 9.45
C ASN B 361 -33.99 6.43 9.19
N ALA B 362 -33.32 5.33 8.89
CA ALA B 362 -34.00 4.07 8.59
C ALA B 362 -34.81 3.57 9.78
N GLN B 363 -34.25 3.72 10.98
CA GLN B 363 -34.93 3.28 12.20
C GLN B 363 -36.28 3.95 12.37
N ASP B 364 -36.38 5.23 12.01
CA ASP B 364 -37.66 5.93 12.13
C ASP B 364 -38.65 5.53 11.03
N LEU B 365 -38.21 5.60 9.77
CA LEU B 365 -39.04 5.26 8.63
C LEU B 365 -39.79 3.92 8.73
N LEU B 366 -41.06 3.94 8.35
CA LEU B 366 -41.89 2.74 8.38
C LEU B 366 -42.21 2.31 6.95
N PRO B 367 -42.42 1.00 6.73
CA PRO B 367 -42.37 -0.07 7.74
C PRO B 367 -40.94 -0.41 8.19
N SER B 368 -40.82 -0.83 9.45
CA SER B 368 -39.52 -1.20 10.00
C SER B 368 -38.98 -2.47 9.34
N GLY B 369 -37.67 -2.50 9.09
CA GLY B 369 -37.05 -3.66 8.49
C GLY B 369 -37.10 -3.69 6.97
N SER B 370 -37.84 -2.77 6.38
CA SER B 370 -37.96 -2.73 4.92
C SER B 370 -37.31 -1.49 4.33
N VAL B 371 -36.72 -0.66 5.17
CA VAL B 371 -36.09 0.57 4.69
C VAL B 371 -34.58 0.61 4.95
N TYR B 372 -33.84 1.03 3.92
CA TYR B 372 -32.41 1.11 4.00
C TYR B 372 -31.94 2.53 3.71
N SER B 373 -30.97 3.00 4.47
CA SER B 373 -30.41 4.32 4.27
C SER B 373 -29.32 4.20 3.24
N LEU B 374 -29.27 5.15 2.33
CA LEU B 374 -28.25 5.16 1.31
C LEU B 374 -27.59 6.53 1.29
N PRO B 375 -26.26 6.56 1.51
CA PRO B 375 -25.53 7.84 1.51
C PRO B 375 -25.47 8.37 0.08
N SER B 376 -25.52 9.69 -0.06
CA SER B 376 -25.47 10.31 -1.39
C SER B 376 -24.09 10.18 -2.01
N ASN B 377 -24.03 10.40 -3.33
CA ASN B 377 -22.79 10.33 -4.07
C ASN B 377 -21.92 9.15 -3.62
N ALA B 378 -22.45 7.95 -3.76
CA ALA B 378 -21.72 6.75 -3.37
C ALA B 378 -22.03 5.61 -4.33
N ASP B 379 -21.15 4.62 -4.38
CA ASP B 379 -21.35 3.50 -5.29
C ASP B 379 -22.02 2.38 -4.50
N ILE B 380 -23.05 1.80 -5.10
CA ILE B 380 -23.80 0.75 -4.45
C ILE B 380 -23.81 -0.55 -5.24
N GLU B 381 -23.69 -1.66 -4.54
CA GLU B 381 -23.70 -2.97 -5.17
C GLU B 381 -24.72 -3.83 -4.42
N ILE B 382 -25.66 -4.40 -5.16
CA ILE B 382 -26.69 -5.25 -4.57
C ILE B 382 -26.69 -6.63 -5.21
N SER B 383 -26.91 -7.66 -4.39
CA SER B 383 -26.92 -9.03 -4.91
C SER B 383 -28.24 -9.72 -4.58
N PHE B 384 -28.79 -10.43 -5.57
CA PHE B 384 -30.05 -11.15 -5.41
C PHE B 384 -29.84 -12.65 -5.58
N PRO B 385 -29.19 -13.28 -4.58
CA PRO B 385 -29.02 -14.76 -4.66
C PRO B 385 -30.29 -15.57 -4.84
N ALA B 386 -30.41 -16.27 -5.98
CA ALA B 386 -31.56 -17.15 -6.16
C ALA B 386 -31.60 -18.19 -5.04
N THR B 387 -32.77 -18.50 -4.46
CA THR B 387 -32.93 -19.41 -3.33
C THR B 387 -34.28 -20.11 -3.50
N ALA B 388 -34.35 -21.39 -3.63
CA ALA B 388 -35.65 -21.96 -3.80
C ALA B 388 -36.61 -21.59 -2.66
N ALA B 389 -36.12 -20.87 -1.64
CA ALA B 389 -37.00 -20.45 -0.55
C ALA B 389 -38.06 -19.46 -1.06
N ALA B 390 -37.78 -18.93 -2.24
CA ALA B 390 -38.65 -17.95 -2.87
C ALA B 390 -39.22 -18.48 -4.18
N PRO B 391 -40.40 -19.12 -4.12
CA PRO B 391 -41.05 -19.69 -5.32
C PRO B 391 -41.44 -18.61 -6.31
N GLY B 392 -41.51 -18.98 -7.58
CA GLY B 392 -41.91 -18.01 -8.59
C GLY B 392 -40.79 -17.56 -9.49
N ALA B 393 -39.59 -18.07 -9.29
CA ALA B 393 -38.44 -17.69 -10.11
C ALA B 393 -38.72 -17.93 -11.60
N PRO B 394 -38.09 -17.14 -12.49
CA PRO B 394 -37.14 -16.07 -12.17
C PRO B 394 -37.82 -14.75 -11.79
N HIS B 395 -37.38 -14.14 -10.70
CA HIS B 395 -37.96 -12.89 -10.23
C HIS B 395 -37.29 -11.68 -10.84
N PRO B 396 -38.05 -10.93 -11.64
CA PRO B 396 -37.50 -9.74 -12.28
C PRO B 396 -37.52 -8.59 -11.28
N PHE B 397 -36.35 -8.18 -10.79
CA PHE B 397 -36.32 -7.08 -9.83
C PHE B 397 -36.15 -5.70 -10.46
N HIS B 398 -36.85 -4.74 -9.88
CA HIS B 398 -36.82 -3.40 -10.42
C HIS B 398 -36.40 -2.33 -9.40
N LEU B 399 -35.61 -1.37 -9.86
CA LEU B 399 -35.16 -0.28 -8.99
C LEU B 399 -35.72 1.04 -9.52
N HIS B 400 -36.32 1.82 -8.63
CA HIS B 400 -36.86 3.12 -9.02
C HIS B 400 -35.78 4.22 -8.92
N GLY B 401 -35.98 5.29 -9.67
CA GLY B 401 -35.06 6.42 -9.65
C GLY B 401 -33.66 6.28 -10.24
N HIS B 402 -33.29 5.07 -10.66
CA HIS B 402 -31.98 4.85 -11.23
C HIS B 402 -31.97 3.74 -12.25
N ALA B 403 -30.90 3.75 -13.03
CA ALA B 403 -30.64 2.71 -13.99
C ALA B 403 -29.47 2.02 -13.39
N PHE B 404 -29.41 0.70 -13.39
CA PHE B 404 -28.26 0.05 -12.77
C PHE B 404 -27.42 -0.75 -13.77
N ALA B 405 -26.18 -1.03 -13.37
CA ALA B 405 -25.28 -1.81 -14.19
C ALA B 405 -25.42 -3.26 -13.73
N VAL B 406 -25.58 -4.18 -14.67
CA VAL B 406 -25.72 -5.58 -14.32
C VAL B 406 -24.36 -6.24 -14.41
N VAL B 407 -23.60 -6.20 -13.32
CA VAL B 407 -22.27 -6.79 -13.32
C VAL B 407 -22.30 -8.32 -13.49
N ARG B 408 -23.37 -8.94 -13.01
CA ARG B 408 -23.52 -10.39 -13.18
C ARG B 408 -24.96 -10.73 -13.54
N SER B 409 -25.15 -11.33 -14.72
CA SER B 409 -26.49 -11.68 -15.21
C SER B 409 -26.92 -13.11 -14.87
N ALA B 410 -28.24 -13.32 -14.93
CA ALA B 410 -28.83 -14.62 -14.64
C ALA B 410 -28.29 -15.62 -15.67
N GLY B 411 -28.05 -16.86 -15.23
CA GLY B 411 -27.53 -17.87 -16.12
C GLY B 411 -26.07 -17.67 -16.53
N SER B 412 -25.33 -16.93 -15.71
CA SER B 412 -23.92 -16.65 -15.99
C SER B 412 -23.14 -16.53 -14.68
N THR B 413 -21.87 -16.94 -14.70
CA THR B 413 -21.03 -16.86 -13.50
C THR B 413 -20.00 -15.75 -13.66
N VAL B 414 -20.11 -15.00 -14.74
CA VAL B 414 -19.17 -13.91 -15.03
C VAL B 414 -19.52 -12.59 -14.34
N TYR B 415 -18.48 -11.86 -13.94
CA TYR B 415 -18.65 -10.55 -13.32
C TYR B 415 -18.01 -9.55 -14.26
N ASN B 416 -18.84 -8.78 -14.96
CA ASN B 416 -18.32 -7.78 -15.90
C ASN B 416 -18.28 -6.38 -15.28
N TYR B 417 -17.07 -5.91 -14.95
CA TYR B 417 -16.90 -4.59 -14.35
C TYR B 417 -16.49 -3.53 -15.39
N ASP B 418 -16.36 -3.96 -16.64
CA ASP B 418 -15.96 -3.02 -17.70
C ASP B 418 -16.98 -2.71 -18.80
N ASN B 419 -17.75 -3.72 -19.19
CA ASN B 419 -18.71 -3.59 -20.30
C ASN B 419 -20.20 -3.91 -20.09
N PRO B 420 -20.65 -4.12 -18.85
CA PRO B 420 -22.07 -4.44 -18.64
C PRO B 420 -23.12 -3.40 -19.03
N ILE B 421 -24.26 -3.85 -19.54
CA ILE B 421 -25.34 -2.92 -19.89
C ILE B 421 -25.96 -2.39 -18.61
N PHE B 422 -26.67 -1.29 -18.78
CA PHE B 422 -27.39 -0.65 -17.69
C PHE B 422 -28.85 -0.83 -18.07
N ARG B 423 -29.70 -0.98 -17.07
CA ARG B 423 -31.13 -1.16 -17.30
C ARG B 423 -31.82 -0.98 -15.97
N ASP B 424 -33.16 -1.06 -15.95
CA ASP B 424 -33.85 -0.88 -14.68
C ASP B 424 -34.63 -2.10 -14.19
N VAL B 425 -34.72 -3.13 -15.01
CA VAL B 425 -35.37 -4.37 -14.61
C VAL B 425 -34.46 -5.53 -14.96
N VAL B 426 -34.17 -6.38 -13.99
CA VAL B 426 -33.28 -7.51 -14.24
C VAL B 426 -33.75 -8.83 -13.64
N SER B 427 -33.67 -9.89 -14.43
CA SER B 427 -34.05 -11.22 -13.97
C SER B 427 -32.99 -11.69 -12.99
N THR B 428 -33.41 -12.14 -11.81
CA THR B 428 -32.47 -12.61 -10.81
C THR B 428 -32.23 -14.12 -10.93
N GLY B 429 -32.48 -14.64 -12.12
CA GLY B 429 -32.24 -16.05 -12.36
C GLY B 429 -33.00 -17.02 -11.48
N THR B 430 -32.46 -18.23 -11.34
CA THR B 430 -33.07 -19.30 -10.55
C THR B 430 -32.01 -20.20 -9.87
N PRO B 431 -32.40 -20.92 -8.77
CA PRO B 431 -31.50 -21.90 -8.00
C PRO B 431 -30.76 -23.11 -8.58
N ALA B 432 -31.08 -23.68 -9.71
CA ALA B 432 -30.30 -24.83 -10.11
C ALA B 432 -29.08 -24.37 -10.88
N ALA B 433 -29.14 -23.10 -11.22
CA ALA B 433 -28.11 -22.45 -12.02
C ALA B 433 -27.17 -21.74 -11.06
N GLY B 434 -27.54 -21.76 -9.77
CA GLY B 434 -26.73 -21.10 -8.76
C GLY B 434 -26.58 -19.62 -9.03
N ASP B 435 -27.57 -19.03 -9.68
CA ASP B 435 -27.52 -17.61 -9.99
C ASP B 435 -27.28 -16.73 -8.78
N ASN B 436 -26.71 -15.56 -9.05
CA ASN B 436 -26.43 -14.59 -8.00
C ASN B 436 -26.33 -13.21 -8.63
N VAL B 437 -27.33 -12.90 -9.46
CA VAL B 437 -27.41 -11.64 -10.16
C VAL B 437 -26.96 -10.50 -9.24
N THR B 438 -26.08 -9.65 -9.74
CA THR B 438 -25.56 -8.55 -8.96
C THR B 438 -25.57 -7.26 -9.77
N ILE B 439 -25.98 -6.17 -9.13
CA ILE B 439 -26.10 -4.89 -9.80
C ILE B 439 -25.42 -3.77 -9.04
N ARG B 440 -25.18 -2.67 -9.74
CA ARG B 440 -24.54 -1.51 -9.14
C ARG B 440 -25.13 -0.21 -9.67
N PHE B 441 -25.14 0.79 -8.80
CA PHE B 441 -25.62 2.11 -9.18
C PHE B 441 -25.03 3.17 -8.24
N ARG B 442 -24.98 4.41 -8.72
CA ARG B 442 -24.47 5.52 -7.93
C ARG B 442 -25.64 6.31 -7.38
N THR B 443 -25.60 6.67 -6.11
CA THR B 443 -26.70 7.43 -5.53
C THR B 443 -26.63 8.88 -5.99
N ASP B 444 -27.28 9.18 -7.09
CA ASP B 444 -27.27 10.54 -7.64
C ASP B 444 -28.67 11.15 -7.69
N ASN B 445 -29.61 10.55 -6.97
CA ASN B 445 -30.99 11.04 -6.94
C ASN B 445 -31.57 10.93 -5.54
N PRO B 446 -31.54 12.05 -4.77
CA PRO B 446 -32.07 12.06 -3.41
C PRO B 446 -33.57 11.77 -3.29
N GLY B 447 -33.93 10.91 -2.34
CA GLY B 447 -35.33 10.59 -2.14
C GLY B 447 -35.59 9.13 -1.87
N PRO B 448 -36.82 8.76 -1.48
CA PRO B 448 -37.17 7.37 -1.21
C PRO B 448 -37.54 6.65 -2.51
N TRP B 449 -36.88 5.53 -2.79
CA TRP B 449 -37.10 4.76 -4.01
C TRP B 449 -37.43 3.30 -3.73
N PHE B 450 -38.41 2.76 -4.46
CA PHE B 450 -38.83 1.39 -4.30
C PHE B 450 -37.87 0.45 -5.02
N LEU B 451 -37.74 -0.77 -4.49
CA LEU B 451 -36.93 -1.82 -5.09
C LEU B 451 -37.79 -3.06 -4.82
N HIS B 452 -38.23 -3.72 -5.88
CA HIS B 452 -39.12 -4.85 -5.70
C HIS B 452 -39.20 -5.75 -6.92
N CYS B 453 -39.82 -6.90 -6.73
CA CYS B 453 -40.00 -7.82 -7.82
C CYS B 453 -41.13 -7.25 -8.68
N HIS B 454 -40.97 -7.26 -10.00
CA HIS B 454 -42.00 -6.72 -10.83
C HIS B 454 -43.13 -7.67 -11.21
N ILE B 455 -43.16 -8.81 -10.53
CA ILE B 455 -44.27 -9.71 -10.67
C ILE B 455 -45.26 -9.18 -9.63
N ASP B 456 -46.17 -8.32 -10.10
CA ASP B 456 -47.10 -7.64 -9.20
C ASP B 456 -47.70 -8.50 -8.07
N PHE B 457 -48.06 -9.74 -8.38
CA PHE B 457 -48.64 -10.62 -7.37
C PHE B 457 -47.66 -10.89 -6.22
N HIS B 458 -46.37 -10.77 -6.50
CA HIS B 458 -45.35 -10.98 -5.49
C HIS B 458 -45.12 -9.68 -4.73
N LEU B 459 -45.27 -8.56 -5.44
CA LEU B 459 -45.11 -7.25 -4.84
C LEU B 459 -46.22 -7.12 -3.79
N GLU B 460 -47.43 -7.44 -4.23
CA GLU B 460 -48.60 -7.38 -3.35
C GLU B 460 -48.42 -8.25 -2.12
N ALA B 461 -47.57 -9.27 -2.22
CA ALA B 461 -47.33 -10.17 -1.12
C ALA B 461 -46.12 -9.80 -0.27
N GLY B 462 -45.64 -8.57 -0.45
CA GLY B 462 -44.53 -8.09 0.35
C GLY B 462 -43.10 -8.25 -0.15
N PHE B 463 -42.92 -8.77 -1.35
CA PHE B 463 -41.58 -8.97 -1.92
C PHE B 463 -40.97 -7.63 -2.37
N ALA B 464 -40.78 -6.71 -1.43
CA ALA B 464 -40.22 -5.42 -1.76
C ALA B 464 -39.40 -4.80 -0.64
N VAL B 465 -38.70 -3.73 -0.98
CA VAL B 465 -37.87 -3.01 -0.04
C VAL B 465 -37.84 -1.56 -0.49
N VAL B 466 -37.49 -0.67 0.43
CA VAL B 466 -37.42 0.75 0.12
C VAL B 466 -36.01 1.29 0.41
N PHE B 467 -35.51 2.12 -0.49
CA PHE B 467 -34.20 2.73 -0.31
C PHE B 467 -34.42 4.21 -0.05
N ALA B 468 -34.10 4.64 1.17
CA ALA B 468 -34.20 6.05 1.54
C ALA B 468 -32.85 6.65 1.19
N GLU B 469 -32.75 7.20 -0.02
CA GLU B 469 -31.51 7.79 -0.51
C GLU B 469 -31.25 9.23 -0.08
N ASP B 470 -30.13 9.43 0.61
CA ASP B 470 -29.71 10.74 1.11
C ASP B 470 -30.87 11.48 1.77
N ILE B 471 -31.32 10.94 2.91
CA ILE B 471 -32.42 11.50 3.67
C ILE B 471 -32.33 13.01 3.94
N PRO B 472 -31.14 13.50 4.33
CA PRO B 472 -31.02 14.93 4.59
C PRO B 472 -31.44 15.84 3.44
N ASP B 473 -30.98 15.54 2.22
CA ASP B 473 -31.31 16.37 1.05
C ASP B 473 -32.71 16.08 0.48
N VAL B 474 -33.37 15.03 0.96
CA VAL B 474 -34.68 14.65 0.43
C VAL B 474 -35.74 15.74 0.33
N ALA B 475 -36.12 16.32 1.47
CA ALA B 475 -37.15 17.36 1.48
C ALA B 475 -36.80 18.56 0.60
N SER B 476 -35.58 19.06 0.71
CA SER B 476 -35.12 20.20 -0.08
C SER B 476 -35.03 19.88 -1.56
N ALA B 477 -34.52 18.70 -1.88
CA ALA B 477 -34.36 18.29 -3.27
C ALA B 477 -35.68 18.07 -4.00
N ASN B 478 -36.73 17.67 -3.28
CA ASN B 478 -38.04 17.41 -3.89
C ASN B 478 -39.23 18.27 -3.45
N PRO B 479 -39.26 19.56 -3.85
CA PRO B 479 -40.37 20.43 -3.46
C PRO B 479 -41.68 19.78 -3.90
N VAL B 480 -42.67 19.77 -3.01
CA VAL B 480 -43.96 19.15 -3.32
C VAL B 480 -45.10 20.14 -3.49
N PRO B 481 -45.86 20.03 -4.59
CA PRO B 481 -47.00 20.91 -4.89
C PRO B 481 -48.14 20.70 -3.91
N GLN B 482 -48.96 21.73 -3.72
CA GLN B 482 -50.10 21.66 -2.81
C GLN B 482 -50.96 20.41 -3.03
N ALA B 483 -51.31 20.14 -4.28
CA ALA B 483 -52.13 18.98 -4.62
C ALA B 483 -51.57 17.69 -4.02
N TRP B 484 -50.24 17.56 -3.96
CA TRP B 484 -49.61 16.37 -3.41
C TRP B 484 -49.84 16.30 -1.90
N SER B 485 -49.68 17.45 -1.22
CA SER B 485 -49.88 17.49 0.21
C SER B 485 -51.35 17.32 0.61
N ASP B 486 -52.25 17.41 -0.36
CA ASP B 486 -53.69 17.22 -0.10
C ASP B 486 -54.09 15.76 -0.29
N LEU B 487 -53.33 15.03 -1.09
CA LEU B 487 -53.60 13.63 -1.37
C LEU B 487 -53.97 12.76 -0.14
N CYS B 488 -53.08 12.75 0.84
CA CYS B 488 -53.33 11.94 2.03
C CYS B 488 -54.56 12.31 2.84
N PRO B 489 -54.78 13.61 3.10
CA PRO B 489 -55.97 13.99 3.87
C PRO B 489 -57.27 13.54 3.22
N THR B 490 -57.37 13.71 1.91
CA THR B 490 -58.57 13.33 1.19
C THR B 490 -58.69 11.81 1.08
N TYR B 491 -57.56 11.10 1.03
CA TYR B 491 -57.58 9.64 0.93
C TYR B 491 -57.91 8.96 2.25
N ASP B 492 -57.36 9.48 3.34
CA ASP B 492 -57.60 8.91 4.67
C ASP B 492 -59.02 9.16 5.17
N ALA B 493 -59.66 10.21 4.66
CA ALA B 493 -61.03 10.52 5.06
C ALA B 493 -62.01 9.52 4.46
N ARG B 494 -61.59 8.87 3.38
CA ARG B 494 -62.43 7.88 2.70
C ARG B 494 -62.70 6.66 3.58
N ASP B 495 -63.89 6.10 3.45
CA ASP B 495 -64.25 4.90 4.21
C ASP B 495 -63.64 3.71 3.45
N PRO B 496 -63.25 2.65 4.18
CA PRO B 496 -62.65 1.46 3.61
C PRO B 496 -63.24 1.04 2.25
N SER B 497 -64.56 1.07 2.14
CA SER B 497 -65.21 0.67 0.90
C SER B 497 -65.56 1.84 -0.01
N ASP B 498 -66.01 2.96 0.57
CA ASP B 498 -66.38 4.15 -0.21
C ASP B 498 -65.17 4.68 -0.96
N GLN B 499 -64.13 3.85 -1.04
CA GLN B 499 -62.89 4.22 -1.71
C GLN B 499 -63.14 5.20 -2.85
N GLY C 1 -17.45 29.67 9.16
CA GLY C 1 -16.37 30.16 10.01
C GLY C 1 -15.40 29.02 10.32
N ILE C 2 -14.30 29.30 11.00
CA ILE C 2 -13.34 28.22 11.32
C ILE C 2 -13.62 27.60 12.71
N GLY C 3 -14.21 26.39 12.67
CA GLY C 3 -14.58 25.60 13.84
C GLY C 3 -13.80 25.81 15.11
N PRO C 4 -14.29 25.28 16.25
CA PRO C 4 -13.68 25.38 17.59
C PRO C 4 -12.19 25.08 17.62
N VAL C 5 -11.73 24.20 16.73
CA VAL C 5 -10.32 23.84 16.68
C VAL C 5 -9.77 24.39 15.38
N ALA C 6 -8.73 25.22 15.48
CA ALA C 6 -8.14 25.84 14.31
C ALA C 6 -6.79 26.49 14.55
N ASP C 7 -6.06 26.71 13.48
CA ASP C 7 -4.76 27.34 13.57
C ASP C 7 -4.84 28.80 13.19
N LEU C 8 -4.11 29.63 13.91
CA LEU C 8 -4.08 31.05 13.66
C LEU C 8 -2.62 31.42 13.44
N THR C 9 -2.23 31.40 12.17
CA THR C 9 -0.86 31.70 11.76
C THR C 9 -0.66 33.20 11.61
N ILE C 10 0.17 33.77 12.49
CA ILE C 10 0.43 35.21 12.46
C ILE C 10 1.66 35.56 11.65
N THR C 11 1.51 36.45 10.68
CA THR C 11 2.63 36.87 9.84
C THR C 11 2.51 38.35 9.48
N ASN C 12 3.51 38.86 8.77
CA ASN C 12 3.54 40.24 8.32
C ASN C 12 3.19 40.24 6.84
N ALA C 13 2.51 41.28 6.38
CA ALA C 13 2.16 41.37 4.97
C ALA C 13 1.73 42.78 4.58
N ALA C 14 1.97 43.13 3.33
CA ALA C 14 1.57 44.42 2.82
C ALA C 14 0.07 44.27 2.61
N VAL C 15 -0.71 45.28 2.97
CA VAL C 15 -2.13 45.18 2.80
C VAL C 15 -2.73 46.55 2.44
N SER C 16 -3.94 46.58 1.92
CA SER C 16 -4.55 47.85 1.53
C SER C 16 -6.07 47.85 1.59
N PRO C 17 -6.64 47.66 2.80
CA PRO C 17 -8.10 47.65 2.97
C PRO C 17 -8.83 48.94 2.55
N ASP C 18 -8.10 50.05 2.55
CA ASP C 18 -8.67 51.35 2.14
C ASP C 18 -8.00 51.90 0.89
N GLY C 19 -7.22 51.06 0.20
CA GLY C 19 -6.55 51.48 -1.01
C GLY C 19 -5.10 51.86 -0.81
N PHE C 20 -4.71 52.09 0.43
CA PHE C 20 -3.34 52.47 0.75
C PHE C 20 -2.54 51.24 1.17
N SER C 21 -1.45 50.98 0.47
CA SER C 21 -0.64 49.83 0.80
C SER C 21 0.27 50.09 2.02
N ARG C 22 0.24 49.16 2.97
CA ARG C 22 1.08 49.30 4.14
C ARG C 22 1.30 47.96 4.79
N GLN C 23 2.49 47.77 5.34
CA GLN C 23 2.82 46.53 6.02
C GLN C 23 1.99 46.47 7.31
N ALA C 24 1.64 45.25 7.72
CA ALA C 24 0.83 45.07 8.92
C ALA C 24 0.94 43.66 9.46
N VAL C 25 0.30 43.41 10.59
CA VAL C 25 0.28 42.10 11.23
C VAL C 25 -1.00 41.45 10.74
N VAL C 26 -0.85 40.30 10.11
CA VAL C 26 -1.97 39.58 9.53
C VAL C 26 -2.22 38.19 10.12
N VAL C 27 -3.49 37.77 10.13
CA VAL C 27 -3.88 36.46 10.67
C VAL C 27 -4.40 35.59 9.52
N ASN C 28 -3.70 34.48 9.28
CA ASN C 28 -4.07 33.58 8.20
C ASN C 28 -4.19 34.32 6.86
N GLY C 29 -3.38 35.37 6.69
CA GLY C 29 -3.41 36.12 5.46
C GLY C 29 -4.13 37.46 5.44
N GLY C 30 -5.03 37.73 6.39
CA GLY C 30 -5.75 38.99 6.39
C GLY C 30 -5.70 39.77 7.70
N THR C 31 -5.81 41.10 7.64
CA THR C 31 -5.74 41.93 8.88
C THR C 31 -6.99 41.70 9.72
N PRO C 32 -8.08 42.21 9.26
CA PRO C 32 -9.26 41.80 9.98
C PRO C 32 -9.22 40.30 9.98
N GLY C 33 -8.74 39.72 11.04
CA GLY C 33 -8.60 38.27 11.10
C GLY C 33 -9.85 37.48 10.72
N PRO C 34 -9.68 36.18 10.45
CA PRO C 34 -10.78 35.29 10.07
C PRO C 34 -11.80 35.20 11.19
N LEU C 35 -13.08 35.10 10.82
CA LEU C 35 -14.14 34.97 11.80
C LEU C 35 -14.03 33.60 12.46
N ILE C 36 -13.89 33.60 13.79
CA ILE C 36 -13.81 32.34 14.54
C ILE C 36 -15.19 32.05 15.12
N THR C 37 -15.67 30.81 14.95
CA THR C 37 -16.99 30.45 15.47
C THR C 37 -17.03 29.09 16.19
N GLY C 38 -18.12 28.88 16.92
CA GLY C 38 -18.32 27.66 17.67
C GLY C 38 -19.65 27.75 18.37
N ASN C 39 -20.05 26.67 19.07
CA ASN C 39 -21.32 26.67 19.78
C ASN C 39 -21.09 26.70 21.28
N MET C 40 -22.08 27.23 22.00
CA MET C 40 -21.99 27.28 23.45
C MET C 40 -21.68 25.88 23.97
N GLY C 41 -20.67 25.79 24.85
CA GLY C 41 -20.30 24.48 25.38
C GLY C 41 -19.07 23.89 24.72
N ASP C 42 -18.80 24.30 23.48
CA ASP C 42 -17.65 23.83 22.73
C ASP C 42 -16.33 24.13 23.45
N ARG C 43 -15.37 23.30 23.17
CA ARG C 43 -14.00 23.50 23.66
C ARG C 43 -13.13 24.11 22.59
N PHE C 44 -12.61 25.27 22.82
CA PHE C 44 -11.82 25.93 21.80
C PHE C 44 -10.34 25.63 21.94
N GLN C 45 -9.75 25.22 20.84
CA GLN C 45 -8.34 24.89 20.78
C GLN C 45 -7.80 25.66 19.59
N LEU C 46 -7.40 26.90 19.88
CA LEU C 46 -6.88 27.82 18.90
C LEU C 46 -5.37 27.86 19.03
N ASN C 47 -4.71 27.27 18.03
CA ASN C 47 -3.26 27.22 18.01
C ASN C 47 -2.71 28.45 17.31
N VAL C 48 -2.05 29.33 18.08
CA VAL C 48 -1.49 30.54 17.51
C VAL C 48 -0.05 30.30 17.09
N ILE C 49 0.17 30.31 15.78
CA ILE C 49 1.48 30.07 15.19
C ILE C 49 2.11 31.40 14.82
N ASP C 50 3.12 31.81 15.59
CA ASP C 50 3.81 33.08 15.39
C ASP C 50 4.97 33.04 14.40
N ASN C 51 4.72 33.53 13.18
CA ASN C 51 5.74 33.59 12.15
C ASN C 51 6.00 35.04 11.75
N LEU C 52 5.97 35.94 12.73
CA LEU C 52 6.21 37.36 12.47
C LEU C 52 7.70 37.53 12.22
N THR C 53 8.06 38.58 11.50
CA THR C 53 9.46 38.82 11.19
C THR C 53 9.78 40.29 11.35
N ASN C 54 8.75 41.08 11.59
CA ASN C 54 8.90 42.52 11.71
C ASN C 54 8.94 43.04 13.15
N HIS C 55 10.14 43.38 13.61
CA HIS C 55 10.31 43.88 14.97
C HIS C 55 9.52 45.15 15.30
N THR C 56 9.43 46.10 14.37
CA THR C 56 8.73 47.36 14.65
C THR C 56 7.25 47.17 14.96
N MET C 57 6.68 46.04 14.55
CA MET C 57 5.29 45.78 14.85
C MET C 57 5.27 44.63 15.87
N LEU C 58 6.52 44.26 16.31
CA LEU C 58 6.84 43.25 17.36
C LEU C 58 6.74 41.77 17.04
N LYS C 59 7.86 41.13 16.75
CA LYS C 59 7.78 39.72 16.35
C LYS C 59 7.12 38.77 17.34
N SER C 60 6.88 39.26 18.55
CA SER C 60 6.22 38.47 19.58
C SER C 60 4.74 38.79 19.54
N THR C 61 3.92 37.93 20.13
CA THR C 61 2.49 38.20 20.15
C THR C 61 1.83 37.43 21.28
N SER C 62 0.63 37.87 21.63
CA SER C 62 -0.17 37.25 22.66
C SER C 62 -1.60 37.59 22.29
N ILE C 63 -2.52 36.64 22.43
CA ILE C 63 -3.88 36.92 22.04
C ILE C 63 -4.93 36.77 23.11
N HIS C 64 -5.76 37.81 23.22
CA HIS C 64 -6.83 37.79 24.20
C HIS C 64 -8.16 37.49 23.50
N TRP C 65 -9.01 36.73 24.18
CA TRP C 65 -10.31 36.37 23.64
C TRP C 65 -11.31 37.23 24.40
N HIS C 66 -11.62 38.38 23.82
CA HIS C 66 -12.49 39.37 24.43
C HIS C 66 -13.91 38.91 24.77
N GLY C 67 -14.22 38.96 26.06
CA GLY C 67 -15.53 38.58 26.55
C GLY C 67 -15.58 37.27 27.31
N PHE C 68 -14.74 36.30 26.92
CA PHE C 68 -14.72 34.99 27.57
C PHE C 68 -14.16 35.03 28.98
N PHE C 69 -14.88 34.46 29.94
CA PHE C 69 -14.44 34.48 31.33
C PHE C 69 -13.18 33.69 31.65
N GLN C 70 -12.90 32.66 30.86
CA GLN C 70 -11.69 31.85 31.07
C GLN C 70 -11.56 31.26 32.47
N LYS C 71 -12.69 30.99 33.11
CA LYS C 71 -12.66 30.42 34.45
C LYS C 71 -11.88 29.10 34.43
N GLY C 72 -10.84 29.02 35.24
CA GLY C 72 -10.03 27.82 35.30
C GLY C 72 -8.92 27.83 34.28
N THR C 73 -8.93 28.84 33.40
CA THR C 73 -7.91 28.96 32.36
C THR C 73 -7.35 30.40 32.25
N ASN C 74 -7.09 30.99 33.41
CA ASN C 74 -6.58 32.36 33.49
C ASN C 74 -5.32 32.57 32.63
N TRP C 75 -4.55 31.49 32.47
CA TRP C 75 -3.32 31.55 31.69
C TRP C 75 -3.53 31.77 30.19
N ALA C 76 -4.77 31.62 29.73
CA ALA C 76 -5.09 31.77 28.33
C ALA C 76 -5.80 33.07 28.02
N ASP C 77 -5.88 33.95 29.02
CA ASP C 77 -6.57 35.22 28.81
C ASP C 77 -5.89 36.12 27.81
N GLY C 78 -4.57 36.03 27.70
CA GLY C 78 -3.86 36.85 26.73
C GLY C 78 -3.02 38.04 27.20
N PRO C 79 -3.52 38.89 28.11
CA PRO C 79 -2.73 40.03 28.59
C PRO C 79 -1.24 39.73 28.84
N ALA C 80 -0.39 40.36 28.03
CA ALA C 80 1.06 40.17 28.15
C ALA C 80 1.58 40.66 29.50
N PHE C 81 2.35 39.81 30.17
CA PHE C 81 2.94 40.13 31.48
C PHE C 81 1.91 40.19 32.61
N ILE C 82 0.68 39.80 32.28
CA ILE C 82 -0.39 39.72 33.26
C ILE C 82 -0.73 38.22 33.44
N ASN C 83 -1.04 37.55 32.33
CA ASN C 83 -1.39 36.13 32.39
C ASN C 83 -0.43 35.24 31.61
N GLN C 84 0.57 35.83 30.97
CA GLN C 84 1.54 35.05 30.21
C GLN C 84 2.62 35.93 29.64
N CYS C 85 3.72 35.30 29.20
CA CYS C 85 4.79 36.03 28.54
C CYS C 85 4.42 35.89 27.07
N PRO C 86 4.85 36.84 26.23
CA PRO C 86 4.51 36.74 24.80
C PRO C 86 5.01 35.48 24.15
N ILE C 87 4.37 35.09 23.05
CA ILE C 87 4.83 33.93 22.30
C ILE C 87 6.01 34.50 21.50
N SER C 88 6.99 33.66 21.19
CA SER C 88 8.13 34.14 20.43
C SER C 88 8.02 33.74 18.97
N SER C 89 8.58 34.55 18.09
CA SER C 89 8.53 34.23 16.66
C SER C 89 9.18 32.86 16.45
N GLY C 90 8.67 32.09 15.51
CA GLY C 90 9.22 30.77 15.27
C GLY C 90 8.66 29.75 16.25
N HIS C 91 7.72 30.21 17.09
CA HIS C 91 7.09 29.34 18.07
C HIS C 91 5.57 29.45 17.98
N SER C 92 4.89 28.46 18.55
CA SER C 92 3.43 28.46 18.56
C SER C 92 2.98 28.12 19.97
N PHE C 93 1.77 28.53 20.33
CA PHE C 93 1.23 28.27 21.65
C PHE C 93 -0.23 27.94 21.50
N LEU C 94 -0.71 26.99 22.29
CA LEU C 94 -2.11 26.58 22.19
C LEU C 94 -3.04 27.18 23.24
N TYR C 95 -4.04 27.93 22.78
CA TYR C 95 -5.03 28.50 23.68
C TYR C 95 -6.14 27.46 23.68
N ASP C 96 -6.29 26.79 24.81
CA ASP C 96 -7.27 25.72 24.97
C ASP C 96 -8.16 25.99 26.16
N PHE C 97 -9.41 26.40 25.88
CA PHE C 97 -10.37 26.73 26.92
C PHE C 97 -11.77 26.35 26.48
N GLN C 98 -12.69 26.25 27.44
CA GLN C 98 -14.07 25.91 27.15
C GLN C 98 -15.00 27.09 27.36
N VAL C 99 -16.08 27.12 26.59
CA VAL C 99 -17.03 28.21 26.69
C VAL C 99 -18.44 27.74 27.02
N PRO C 100 -18.69 27.40 28.30
CA PRO C 100 -20.02 26.96 28.70
C PRO C 100 -20.64 28.20 29.35
N ASP C 101 -21.95 28.25 29.45
CA ASP C 101 -22.61 29.39 30.09
C ASP C 101 -22.39 30.72 29.38
N GLN C 102 -21.76 30.68 28.20
CA GLN C 102 -21.53 31.90 27.44
C GLN C 102 -21.90 31.72 25.97
N ALA C 103 -22.49 32.75 25.37
CA ALA C 103 -22.88 32.70 23.96
C ALA C 103 -23.21 34.10 23.50
N GLY C 104 -22.70 34.46 22.31
CA GLY C 104 -22.97 35.78 21.79
C GLY C 104 -21.84 36.25 20.89
N THR C 105 -21.64 37.57 20.83
CA THR C 105 -20.62 38.13 19.97
C THR C 105 -19.37 38.58 20.73
N PHE C 106 -18.20 38.18 20.23
CA PHE C 106 -16.91 38.50 20.84
C PHE C 106 -15.92 38.84 19.73
N TRP C 107 -14.65 38.87 20.10
CA TRP C 107 -13.56 39.11 19.16
C TRP C 107 -12.23 38.79 19.82
N TYR C 108 -11.21 38.62 18.99
CA TYR C 108 -9.89 38.31 19.48
C TYR C 108 -8.92 39.37 18.93
N HIS C 109 -7.82 39.57 19.63
CA HIS C 109 -6.87 40.57 19.18
C HIS C 109 -5.63 40.50 20.05
N SER C 110 -4.50 40.86 19.46
CA SER C 110 -3.27 40.84 20.24
C SER C 110 -3.48 41.65 21.50
N HIS C 111 -2.88 41.22 22.60
CA HIS C 111 -2.96 41.95 23.84
C HIS C 111 -1.52 42.24 24.28
N LEU C 112 -0.68 42.55 23.30
CA LEU C 112 0.69 42.88 23.51
C LEU C 112 0.87 44.27 22.99
N SER C 113 1.11 45.21 23.89
CA SER C 113 1.28 46.60 23.44
C SER C 113 0.14 47.01 22.54
N THR C 114 0.47 47.83 21.55
CA THR C 114 -0.50 48.35 20.58
C THR C 114 -0.56 47.50 19.31
N GLN C 115 0.00 46.31 19.35
CA GLN C 115 0.02 45.42 18.20
C GLN C 115 -1.35 45.12 17.55
N TYR C 116 -2.44 45.15 18.30
CA TYR C 116 -3.69 44.86 17.65
C TYR C 116 -4.10 46.00 16.74
N CYS C 117 -3.53 47.19 16.93
CA CYS C 117 -3.84 48.33 16.06
C CYS C 117 -3.19 48.08 14.71
N ASP C 118 -2.05 47.38 14.71
CA ASP C 118 -1.36 47.09 13.46
C ASP C 118 -1.97 45.93 12.69
N GLY C 119 -3.08 45.34 13.18
CA GLY C 119 -3.71 44.28 12.39
C GLY C 119 -4.15 42.98 13.07
N LEU C 120 -3.55 42.60 14.20
CA LEU C 120 -3.95 41.33 14.84
C LEU C 120 -5.24 41.44 15.62
N ARG C 121 -6.34 41.32 14.88
CA ARG C 121 -7.67 41.42 15.47
C ARG C 121 -8.71 40.79 14.55
N GLY C 122 -9.69 40.11 15.13
CA GLY C 122 -10.71 39.48 14.33
C GLY C 122 -11.96 39.18 15.14
N PRO C 123 -13.12 38.98 14.48
CA PRO C 123 -14.39 38.68 15.14
C PRO C 123 -14.50 37.22 15.61
N PHE C 124 -15.16 37.03 16.75
CA PHE C 124 -15.32 35.71 17.37
C PHE C 124 -16.79 35.54 17.78
N VAL C 125 -17.49 34.56 17.20
CA VAL C 125 -18.88 34.35 17.54
C VAL C 125 -19.18 32.94 18.06
N VAL C 126 -19.89 32.88 19.17
CA VAL C 126 -20.27 31.61 19.76
C VAL C 126 -21.78 31.53 19.73
N TYR C 127 -22.28 30.65 18.86
CA TYR C 127 -23.72 30.48 18.69
C TYR C 127 -24.37 29.67 19.81
N ASP C 128 -25.66 29.90 20.00
CA ASP C 128 -26.44 29.20 21.01
C ASP C 128 -27.47 28.32 20.26
N PRO C 129 -27.29 26.99 20.30
CA PRO C 129 -28.20 26.06 19.64
C PRO C 129 -29.68 26.28 19.98
N ASN C 130 -29.94 26.80 21.18
CA ASN C 130 -31.31 27.05 21.62
C ASN C 130 -31.44 28.51 22.05
N ASP C 131 -30.96 29.41 21.19
CA ASP C 131 -30.99 30.86 21.44
C ASP C 131 -32.42 31.34 21.72
N PRO C 132 -32.63 32.07 22.83
CA PRO C 132 -33.96 32.59 23.18
C PRO C 132 -34.56 33.48 22.10
N ALA C 133 -33.73 34.27 21.44
CA ALA C 133 -34.17 35.19 20.40
C ALA C 133 -34.10 34.61 18.99
N ALA C 134 -33.95 33.30 18.89
CA ALA C 134 -33.87 32.66 17.59
C ALA C 134 -35.10 32.95 16.71
N ASP C 135 -36.28 32.98 17.31
CA ASP C 135 -37.51 33.23 16.58
C ASP C 135 -37.63 34.66 16.04
N LEU C 136 -36.72 35.54 16.42
CA LEU C 136 -36.78 36.93 15.99
C LEU C 136 -36.04 37.22 14.68
N TYR C 137 -35.36 36.22 14.12
CA TYR C 137 -34.62 36.45 12.88
C TYR C 137 -34.49 35.20 12.02
N ASP C 138 -34.21 35.40 10.73
CA ASP C 138 -34.08 34.31 9.76
C ASP C 138 -32.65 33.93 9.40
N VAL C 139 -31.76 34.91 9.31
CA VAL C 139 -30.38 34.66 8.94
C VAL C 139 -29.34 35.10 9.99
N ASP C 140 -28.37 34.24 10.26
CA ASP C 140 -27.34 34.54 11.25
C ASP C 140 -26.16 33.63 10.96
N ASN C 141 -25.25 34.12 10.13
CA ASN C 141 -24.06 33.35 9.75
C ASN C 141 -22.83 34.24 9.57
N ASP C 142 -21.90 33.81 8.73
CA ASP C 142 -20.68 34.55 8.46
C ASP C 142 -20.92 35.92 7.81
N ASP C 143 -22.04 36.06 7.11
CA ASP C 143 -22.32 37.32 6.42
C ASP C 143 -23.14 38.35 7.18
N THR C 144 -23.53 38.06 8.42
CA THR C 144 -24.29 39.05 9.18
C THR C 144 -23.41 39.60 10.30
N VAL C 145 -22.11 39.30 10.23
CA VAL C 145 -21.15 39.80 11.19
C VAL C 145 -20.61 41.11 10.61
N ILE C 146 -20.62 42.16 11.40
CA ILE C 146 -20.13 43.44 10.93
C ILE C 146 -19.03 43.94 11.85
N THR C 147 -17.83 44.10 11.30
CA THR C 147 -16.70 44.56 12.10
C THR C 147 -16.31 46.01 11.79
N LEU C 148 -15.99 46.75 12.83
CA LEU C 148 -15.58 48.16 12.68
C LEU C 148 -14.13 48.32 13.08
N VAL C 149 -13.33 48.89 12.18
CA VAL C 149 -11.91 49.07 12.42
C VAL C 149 -11.38 50.48 12.13
N ASP C 150 -10.53 50.99 13.02
CA ASP C 150 -9.89 52.29 12.86
C ASP C 150 -8.52 52.05 12.22
N TRP C 151 -8.42 52.20 10.90
CA TRP C 151 -7.16 51.94 10.18
C TRP C 151 -6.22 53.14 9.97
N TYR C 152 -4.95 52.96 10.35
CA TYR C 152 -3.92 53.99 10.22
C TYR C 152 -2.94 53.67 9.10
N HIS C 153 -2.47 54.70 8.42
CA HIS C 153 -1.51 54.47 7.35
C HIS C 153 -0.13 54.30 7.93
N VAL C 154 0.08 54.84 9.12
CA VAL C 154 1.36 54.75 9.79
C VAL C 154 1.25 53.70 10.90
N ALA C 155 2.28 52.88 11.05
CA ALA C 155 2.27 51.84 12.07
C ALA C 155 2.11 52.46 13.47
N ALA C 156 1.61 51.65 14.38
CA ALA C 156 1.37 52.07 15.76
C ALA C 156 2.60 52.69 16.46
N LYS C 157 3.72 52.00 16.44
CA LYS C 157 4.91 52.53 17.10
C LYS C 157 5.65 53.63 16.34
N LEU C 158 5.22 53.92 15.11
CA LEU C 158 5.86 54.96 14.30
C LEU C 158 5.11 56.28 14.25
N GLY C 159 3.81 56.25 14.51
CA GLY C 159 3.04 57.47 14.48
C GLY C 159 3.02 58.16 15.82
N PRO C 160 2.06 59.04 16.07
CA PRO C 160 1.97 59.75 17.36
C PRO C 160 1.64 58.77 18.50
N ALA C 161 2.03 59.10 19.72
CA ALA C 161 1.70 58.25 20.85
C ALA C 161 0.17 58.26 20.96
N PHE C 162 -0.44 59.39 20.61
CA PHE C 162 -1.89 59.53 20.65
C PHE C 162 -2.35 60.12 19.30
N PRO C 163 -2.54 59.26 18.29
CA PRO C 163 -2.97 59.58 16.92
C PRO C 163 -3.99 60.70 16.72
N LEU C 164 -5.08 60.67 17.49
CA LEU C 164 -6.10 61.70 17.36
C LEU C 164 -6.86 61.60 16.02
N GLY C 165 -7.15 60.37 15.59
CA GLY C 165 -7.86 60.17 14.35
C GLY C 165 -7.25 59.12 13.44
N ALA C 166 -8.09 58.26 12.88
CA ALA C 166 -7.63 57.20 11.98
C ALA C 166 -7.77 57.69 10.55
N ASP C 167 -6.93 57.19 9.65
CA ASP C 167 -6.99 57.60 8.26
C ASP C 167 -8.25 57.07 7.57
N ALA C 168 -8.81 56.00 8.10
CA ALA C 168 -10.00 55.44 7.51
C ALA C 168 -10.71 54.43 8.42
N THR C 169 -12.03 54.43 8.32
CA THR C 169 -12.83 53.49 9.08
C THR C 169 -13.02 52.29 8.17
N LEU C 170 -12.81 51.10 8.70
CA LEU C 170 -12.98 49.88 7.93
C LEU C 170 -14.25 49.16 8.42
N ILE C 171 -15.16 48.88 7.50
CA ILE C 171 -16.37 48.14 7.85
C ILE C 171 -16.22 46.80 7.12
N ASN C 172 -16.16 45.72 7.89
CA ASN C 172 -15.94 44.39 7.33
C ASN C 172 -14.69 44.38 6.46
N GLY C 173 -13.61 44.96 6.98
CA GLY C 173 -12.34 44.95 6.26
C GLY C 173 -12.11 45.98 5.18
N LYS C 174 -13.17 46.65 4.73
CA LYS C 174 -13.00 47.66 3.68
C LYS C 174 -13.48 49.04 4.08
N GLY C 175 -13.00 50.05 3.36
CA GLY C 175 -13.37 51.43 3.64
C GLY C 175 -12.55 52.38 2.81
N ARG C 176 -12.78 53.68 2.99
CA ARG C 176 -12.04 54.68 2.23
C ARG C 176 -11.43 55.75 3.12
N SER C 177 -10.35 56.36 2.62
CA SER C 177 -9.66 57.45 3.30
C SER C 177 -9.94 58.64 2.40
N PRO C 178 -9.84 59.86 2.94
CA PRO C 178 -10.10 61.07 2.15
C PRO C 178 -9.32 61.11 0.84
N SER C 179 -8.26 60.30 0.77
CA SER C 179 -7.40 60.23 -0.40
C SER C 179 -7.57 58.99 -1.30
N THR C 180 -8.50 58.12 -0.96
CA THR C 180 -8.72 56.93 -1.77
C THR C 180 -10.23 56.68 -1.85
N THR C 181 -10.96 57.70 -2.31
CA THR C 181 -12.41 57.63 -2.42
C THR C 181 -12.97 56.66 -3.45
N THR C 182 -12.11 55.98 -4.21
CA THR C 182 -12.59 55.01 -5.19
C THR C 182 -12.29 53.59 -4.71
N ALA C 183 -11.81 53.47 -3.48
CA ALA C 183 -11.50 52.16 -2.93
C ALA C 183 -12.80 51.35 -2.75
N ASP C 184 -12.72 50.04 -2.98
CA ASP C 184 -13.89 49.17 -2.87
C ASP C 184 -14.49 49.17 -1.50
N LEU C 185 -15.81 49.21 -1.44
CA LEU C 185 -16.49 49.20 -0.15
C LEU C 185 -17.04 47.79 0.15
N SER C 186 -17.34 47.53 1.42
CA SER C 186 -17.90 46.24 1.79
C SER C 186 -19.38 46.27 1.42
N VAL C 187 -19.91 45.12 1.01
CA VAL C 187 -21.30 45.03 0.63
C VAL C 187 -21.93 43.95 1.49
N ILE C 188 -23.07 44.30 2.09
CA ILE C 188 -23.79 43.38 2.93
C ILE C 188 -25.13 43.13 2.25
N SER C 189 -25.36 41.87 1.89
CA SER C 189 -26.59 41.50 1.21
C SER C 189 -27.73 41.08 2.14
N VAL C 190 -28.94 41.44 1.75
CA VAL C 190 -30.14 41.11 2.47
C VAL C 190 -31.17 40.79 1.41
N THR C 191 -32.07 39.85 1.71
CA THR C 191 -33.10 39.49 0.76
C THR C 191 -34.44 40.00 1.32
N PRO C 192 -35.27 40.58 0.45
CA PRO C 192 -36.58 41.11 0.83
C PRO C 192 -37.35 40.18 1.75
N GLY C 193 -38.01 40.76 2.76
CA GLY C 193 -38.81 39.96 3.67
C GLY C 193 -38.04 39.17 4.72
N LYS C 194 -36.71 39.13 4.62
CA LYS C 194 -35.94 38.40 5.60
C LYS C 194 -35.41 39.25 6.74
N ARG C 195 -35.32 38.63 7.92
CA ARG C 195 -34.82 39.30 9.11
C ARG C 195 -33.41 38.76 9.32
N TYR C 196 -32.50 39.65 9.70
CA TYR C 196 -31.12 39.28 9.91
C TYR C 196 -30.59 39.68 11.29
N ARG C 197 -29.86 38.77 11.92
CA ARG C 197 -29.25 39.09 13.19
C ARG C 197 -27.84 39.56 12.85
N PHE C 198 -27.66 40.88 12.77
CA PHE C 198 -26.34 41.43 12.48
C PHE C 198 -25.55 41.55 13.79
N ARG C 199 -24.30 41.10 13.76
CA ARG C 199 -23.45 41.15 14.94
C ARG C 199 -22.39 42.24 14.75
N LEU C 200 -22.65 43.39 15.38
CA LEU C 200 -21.78 44.55 15.29
C LEU C 200 -20.68 44.48 16.34
N VAL C 201 -19.44 44.46 15.88
CA VAL C 201 -18.29 44.38 16.77
C VAL C 201 -17.27 45.47 16.50
N SER C 202 -16.85 46.15 17.55
CA SER C 202 -15.83 47.16 17.39
C SER C 202 -14.48 46.58 17.73
N LEU C 203 -13.60 46.57 16.74
CA LEU C 203 -12.24 46.06 16.91
C LEU C 203 -11.35 47.31 16.99
N SER C 204 -11.96 48.45 17.30
CA SER C 204 -11.25 49.72 17.36
C SER C 204 -10.18 49.85 18.44
N CYS C 205 -9.14 50.60 18.10
CA CYS C 205 -8.05 50.89 19.01
C CYS C 205 -8.30 52.21 19.80
N ASP C 206 -9.12 53.16 19.24
CA ASP C 206 -9.38 54.47 19.88
C ASP C 206 -10.78 55.07 19.59
N PRO C 207 -11.27 54.96 18.32
CA PRO C 207 -12.61 55.51 17.92
C PRO C 207 -13.88 54.96 18.53
N ASN C 208 -14.82 55.77 18.81
CA ASN C 208 -16.08 55.16 19.09
C ASN C 208 -16.87 55.49 17.83
N TYR C 209 -17.84 54.66 17.47
CA TYR C 209 -18.56 54.95 16.23
C TYR C 209 -20.06 55.12 16.44
N THR C 210 -20.64 56.01 15.66
CA THR C 210 -22.05 56.24 15.64
C THR C 210 -22.51 55.49 14.42
N PHE C 211 -23.07 54.31 14.64
CA PHE C 211 -23.49 53.42 13.57
C PHE C 211 -24.95 53.54 13.19
N SER C 212 -25.24 53.69 11.91
CA SER C 212 -26.63 53.78 11.45
C SER C 212 -26.77 53.26 10.02
N ILE C 213 -28.00 52.93 9.63
CA ILE C 213 -28.28 52.43 8.29
C ILE C 213 -29.46 53.23 7.71
N ASP C 214 -29.21 53.92 6.61
CA ASP C 214 -30.24 54.73 6.01
C ASP C 214 -31.53 53.94 5.76
N GLY C 215 -32.66 54.52 6.14
CA GLY C 215 -33.96 53.89 5.93
C GLY C 215 -34.32 52.69 6.78
N HIS C 216 -33.43 52.29 7.70
CA HIS C 216 -33.72 51.12 8.52
C HIS C 216 -33.59 51.34 10.03
N ASN C 217 -34.40 50.59 10.78
CA ASN C 217 -34.38 50.63 12.23
C ASN C 217 -33.57 49.41 12.63
N MET C 218 -33.27 49.28 13.92
CA MET C 218 -32.48 48.16 14.41
C MET C 218 -32.95 47.73 15.81
N THR C 219 -33.29 46.46 15.98
CA THR C 219 -33.74 45.96 17.29
C THR C 219 -32.60 45.23 17.99
N ILE C 220 -32.05 45.87 19.01
CA ILE C 220 -30.95 45.30 19.76
C ILE C 220 -31.41 44.11 20.57
N ILE C 221 -30.70 42.99 20.47
CA ILE C 221 -31.06 41.80 21.24
C ILE C 221 -29.87 41.27 22.01
N GLU C 222 -28.75 41.98 21.93
CA GLU C 222 -27.52 41.57 22.64
C GLU C 222 -26.56 42.72 22.86
N THR C 223 -25.98 42.79 24.04
CA THR C 223 -24.97 43.80 24.32
C THR C 223 -23.78 43.16 25.04
N ASP C 224 -22.61 43.24 24.42
CA ASP C 224 -21.38 42.67 24.97
C ASP C 224 -21.59 41.22 25.42
N SER C 225 -22.23 40.42 24.57
CA SER C 225 -22.47 39.02 24.86
C SER C 225 -23.64 38.71 25.81
N ILE C 226 -24.30 39.73 26.33
CA ILE C 226 -25.43 39.47 27.22
C ILE C 226 -26.77 39.63 26.49
N ASN C 227 -27.62 38.60 26.55
CA ASN C 227 -28.94 38.66 25.92
C ASN C 227 -29.69 39.86 26.51
N THR C 228 -30.22 40.66 25.62
CA THR C 228 -30.89 41.90 26.00
C THR C 228 -32.34 41.96 25.55
N ALA C 229 -33.20 42.54 26.39
CA ALA C 229 -34.60 42.67 26.02
C ALA C 229 -34.61 43.47 24.71
N PRO C 230 -35.46 43.07 23.76
CA PRO C 230 -35.53 43.78 22.49
C PRO C 230 -35.72 45.28 22.67
N LEU C 231 -34.90 46.08 21.99
CA LEU C 231 -34.95 47.53 22.06
C LEU C 231 -34.84 48.08 20.63
N VAL C 232 -35.86 48.77 20.17
CA VAL C 232 -35.85 49.32 18.82
C VAL C 232 -35.05 50.61 18.81
N VAL C 233 -34.04 50.66 17.95
CA VAL C 233 -33.16 51.80 17.86
C VAL C 233 -32.94 52.37 16.45
N ASP C 234 -32.59 53.65 16.44
CA ASP C 234 -32.34 54.47 15.27
C ASP C 234 -30.88 54.46 14.86
N SER C 235 -30.00 54.53 15.86
CA SER C 235 -28.56 54.54 15.65
C SER C 235 -27.89 54.02 16.89
N ILE C 236 -26.67 53.54 16.71
CA ILE C 236 -25.93 52.98 17.83
C ILE C 236 -24.56 53.63 17.98
N GLN C 237 -24.25 54.08 19.19
CA GLN C 237 -22.93 54.63 19.44
C GLN C 237 -22.19 53.49 20.10
N ILE C 238 -21.21 52.94 19.40
CA ILE C 238 -20.47 51.81 19.93
C ILE C 238 -19.02 52.18 20.20
N PHE C 239 -18.57 51.96 21.44
CA PHE C 239 -17.20 52.25 21.83
C PHE C 239 -16.29 51.08 21.57
N ALA C 240 -14.98 51.34 21.63
CA ALA C 240 -13.98 50.32 21.38
C ALA C 240 -14.22 49.02 22.15
N ALA C 241 -14.18 47.91 21.42
CA ALA C 241 -14.38 46.57 21.99
C ALA C 241 -15.82 46.17 22.31
N GLN C 242 -16.77 47.09 22.20
CA GLN C 242 -18.15 46.73 22.50
C GLN C 242 -18.78 45.92 21.37
N ARG C 243 -19.91 45.29 21.67
CA ARG C 243 -20.61 44.50 20.68
C ARG C 243 -22.10 44.69 20.85
N TYR C 244 -22.85 44.47 19.79
CA TYR C 244 -24.31 44.56 19.81
C TYR C 244 -24.85 43.68 18.70
N SER C 245 -25.83 42.87 19.01
CA SER C 245 -26.49 42.11 18.01
C SER C 245 -27.77 42.91 17.79
N PHE C 246 -28.13 43.21 16.54
CA PHE C 246 -29.37 43.92 16.28
C PHE C 246 -30.04 43.23 15.11
N VAL C 247 -31.37 43.17 15.15
CA VAL C 247 -32.11 42.52 14.08
C VAL C 247 -32.58 43.57 13.11
N LEU C 248 -32.39 43.28 11.82
CA LEU C 248 -32.80 44.18 10.76
C LEU C 248 -33.68 43.42 9.81
N GLU C 249 -34.84 43.99 9.49
CA GLU C 249 -35.78 43.39 8.57
C GLU C 249 -35.63 44.06 7.22
N ALA C 250 -35.33 43.29 6.19
CA ALA C 250 -35.19 43.85 4.85
C ALA C 250 -36.61 44.09 4.35
N ASN C 251 -37.24 45.13 4.90
CA ASN C 251 -38.61 45.49 4.56
C ASN C 251 -38.75 46.79 3.77
N GLN C 252 -37.63 47.39 3.38
CA GLN C 252 -37.69 48.62 2.61
C GLN C 252 -37.63 48.29 1.12
N ALA C 253 -37.80 49.30 0.28
CA ALA C 253 -37.75 49.07 -1.17
C ALA C 253 -36.41 48.49 -1.59
N VAL C 254 -36.45 47.55 -2.52
CA VAL C 254 -35.21 46.95 -3.03
C VAL C 254 -34.34 48.11 -3.53
N ASP C 255 -33.16 48.25 -2.94
CA ASP C 255 -32.26 49.35 -3.33
C ASP C 255 -30.95 49.20 -2.56
N ASN C 256 -30.04 50.16 -2.77
CA ASN C 256 -28.75 50.18 -2.07
C ASN C 256 -28.88 51.24 -0.96
N TYR C 257 -28.48 50.89 0.25
CA TYR C 257 -28.54 51.83 1.37
C TYR C 257 -27.19 52.03 2.03
N TRP C 258 -26.87 53.28 2.36
CA TRP C 258 -25.60 53.58 3.03
C TRP C 258 -25.56 53.07 4.47
N ILE C 259 -24.49 52.37 4.79
CA ILE C 259 -24.24 51.89 6.15
C ILE C 259 -23.16 52.83 6.70
N ARG C 260 -23.51 53.62 7.70
CA ARG C 260 -22.59 54.62 8.25
C ARG C 260 -22.00 54.27 9.61
N ALA C 261 -20.70 54.54 9.75
CA ALA C 261 -19.98 54.32 10.99
C ALA C 261 -19.11 55.57 11.17
N ASN C 262 -19.71 56.62 11.71
CA ASN C 262 -19.03 57.89 11.90
C ASN C 262 -18.22 57.94 13.20
N PRO C 263 -16.88 58.11 13.10
CA PRO C 263 -16.02 58.17 14.29
C PRO C 263 -16.11 59.51 15.02
N ASN C 264 -15.84 59.49 16.33
CA ASN C 264 -15.93 60.72 17.12
C ASN C 264 -14.85 61.75 16.76
N PHE C 265 -13.75 61.30 16.16
CA PHE C 265 -12.70 62.21 15.75
C PHE C 265 -11.88 61.57 14.62
N GLY C 266 -11.06 62.38 13.94
CA GLY C 266 -10.29 61.88 12.82
C GLY C 266 -10.98 62.37 11.55
N ASN C 267 -11.15 61.51 10.56
CA ASN C 267 -11.84 61.91 9.33
C ASN C 267 -13.33 61.63 9.51
N VAL C 268 -14.07 62.62 9.98
CA VAL C 268 -15.51 62.47 10.22
C VAL C 268 -16.30 62.84 8.99
N GLY C 269 -17.58 62.45 8.96
CA GLY C 269 -18.41 62.76 7.82
C GLY C 269 -18.42 61.62 6.81
N PHE C 270 -19.00 61.86 5.64
CA PHE C 270 -19.11 60.82 4.61
C PHE C 270 -18.75 61.26 3.19
N THR C 271 -18.05 62.37 3.09
CA THR C 271 -17.61 62.86 1.78
C THR C 271 -16.78 61.80 1.07
N GLY C 272 -17.10 61.56 -0.20
CA GLY C 272 -16.36 60.57 -0.98
C GLY C 272 -16.68 59.14 -0.57
N GLY C 273 -17.66 58.97 0.30
CA GLY C 273 -18.02 57.63 0.74
C GLY C 273 -17.17 57.05 1.86
N ILE C 274 -16.35 57.87 2.53
CA ILE C 274 -15.57 57.35 3.65
C ILE C 274 -16.53 56.98 4.80
N ASN C 275 -16.00 56.27 5.80
CA ASN C 275 -16.80 55.86 6.96
C ASN C 275 -18.11 55.21 6.54
N SER C 276 -18.09 54.50 5.40
CA SER C 276 -19.30 53.89 4.87
C SER C 276 -19.14 52.47 4.33
N ALA C 277 -20.29 51.82 4.13
CA ALA C 277 -20.40 50.47 3.58
C ALA C 277 -21.74 50.40 2.84
N ILE C 278 -22.04 49.26 2.21
CA ILE C 278 -23.28 49.16 1.46
C ILE C 278 -24.23 48.03 1.84
N LEU C 279 -25.50 48.39 2.03
CA LEU C 279 -26.55 47.43 2.33
C LEU C 279 -27.23 47.29 0.97
N ARG C 280 -27.14 46.10 0.38
CA ARG C 280 -27.72 45.86 -0.93
C ARG C 280 -28.81 44.79 -0.98
N TYR C 281 -30.03 45.21 -1.29
CA TYR C 281 -31.12 44.26 -1.40
C TYR C 281 -30.92 43.43 -2.65
N ASP C 282 -31.30 42.16 -2.62
CA ASP C 282 -31.18 41.31 -3.80
C ASP C 282 -32.03 41.99 -4.85
N GLY C 283 -31.46 42.15 -6.05
CA GLY C 283 -32.18 42.78 -7.13
C GLY C 283 -31.70 44.20 -7.34
N ALA C 284 -31.03 44.74 -6.34
CA ALA C 284 -30.52 46.10 -6.45
C ALA C 284 -29.29 46.04 -7.35
N ALA C 285 -29.05 47.11 -8.09
CA ALA C 285 -27.90 47.18 -8.99
C ALA C 285 -26.61 47.33 -8.17
N ALA C 286 -25.49 46.90 -8.75
CA ALA C 286 -24.21 47.02 -8.06
C ALA C 286 -23.69 48.43 -8.32
N VAL C 287 -24.18 49.37 -7.52
CA VAL C 287 -23.78 50.77 -7.64
C VAL C 287 -23.73 51.33 -6.21
N GLU C 288 -23.19 52.53 -6.05
CA GLU C 288 -23.14 53.12 -4.72
C GLU C 288 -24.54 53.62 -4.36
N PRO C 289 -24.85 53.72 -3.07
CA PRO C 289 -26.19 54.21 -2.70
C PRO C 289 -26.22 55.71 -2.93
N THR C 290 -27.42 56.29 -2.82
CA THR C 290 -27.62 57.73 -2.95
C THR C 290 -28.71 58.12 -1.94
N THR C 291 -28.97 57.20 -1.01
CA THR C 291 -29.95 57.43 0.03
C THR C 291 -29.35 58.50 0.95
N THR C 292 -30.20 59.29 1.60
CA THR C 292 -29.69 60.32 2.49
C THR C 292 -29.89 59.95 3.94
N GLN C 293 -28.98 60.41 4.78
CA GLN C 293 -29.05 60.14 6.20
C GLN C 293 -30.09 61.07 6.80
N THR C 294 -30.90 60.53 7.72
CA THR C 294 -31.93 61.32 8.39
C THR C 294 -31.57 61.44 9.85
N THR C 295 -32.21 62.39 10.55
CA THR C 295 -31.95 62.61 11.96
C THR C 295 -32.34 61.39 12.79
N SER C 296 -31.51 61.06 13.76
CA SER C 296 -31.78 59.93 14.63
C SER C 296 -32.77 60.35 15.70
N THR C 297 -33.91 59.67 15.78
CA THR C 297 -34.94 60.00 16.78
C THR C 297 -35.07 58.91 17.86
N ALA C 298 -34.29 57.84 17.71
CA ALA C 298 -34.30 56.74 18.67
C ALA C 298 -32.88 56.27 18.93
N PRO C 299 -31.98 57.20 19.33
CA PRO C 299 -30.59 56.84 19.62
C PRO C 299 -30.51 55.80 20.72
N LEU C 300 -29.57 54.88 20.61
CA LEU C 300 -29.40 53.90 21.66
C LEU C 300 -28.92 54.63 22.89
N ASN C 301 -29.45 54.27 24.05
CA ASN C 301 -29.01 54.87 25.30
C ASN C 301 -28.82 53.68 26.23
N GLU C 302 -27.59 53.45 26.67
CA GLU C 302 -27.29 52.31 27.53
C GLU C 302 -28.32 52.12 28.62
N VAL C 303 -28.81 53.24 29.15
CA VAL C 303 -29.81 53.22 30.21
C VAL C 303 -31.06 52.48 29.80
N ASN C 304 -31.31 52.41 28.50
CA ASN C 304 -32.50 51.73 28.00
C ASN C 304 -32.28 50.24 27.78
N LEU C 305 -31.07 49.77 28.04
CA LEU C 305 -30.71 48.36 27.87
C LEU C 305 -30.96 47.54 29.14
N HIS C 306 -31.64 46.40 28.98
CA HIS C 306 -31.92 45.54 30.11
C HIS C 306 -31.70 44.08 29.75
N PRO C 307 -31.21 43.29 30.72
CA PRO C 307 -30.97 41.87 30.45
C PRO C 307 -32.26 41.22 30.01
N LEU C 308 -32.16 40.25 29.10
CA LEU C 308 -33.34 39.56 28.65
C LEU C 308 -33.90 38.79 29.85
N VAL C 309 -33.00 38.13 30.58
CA VAL C 309 -33.39 37.34 31.74
C VAL C 309 -33.12 38.13 33.02
N ALA C 310 -34.03 38.04 33.98
CA ALA C 310 -33.87 38.77 35.23
C ALA C 310 -32.53 38.39 35.83
N THR C 311 -31.71 39.39 36.11
CA THR C 311 -30.38 39.16 36.67
C THR C 311 -30.13 40.16 37.80
N ALA C 312 -30.01 39.65 39.00
CA ALA C 312 -29.81 40.48 40.18
C ALA C 312 -28.48 41.22 40.22
N VAL C 313 -28.55 42.49 40.58
CA VAL C 313 -27.34 43.30 40.69
C VAL C 313 -26.65 42.88 41.98
N PRO C 314 -25.36 42.50 41.90
CA PRO C 314 -24.69 42.09 43.15
C PRO C 314 -24.72 43.18 44.23
N GLY C 315 -24.79 42.74 45.48
CA GLY C 315 -24.82 43.67 46.59
C GLY C 315 -26.22 44.14 46.97
N SER C 316 -26.28 45.34 47.56
CA SER C 316 -27.54 45.93 47.99
C SER C 316 -27.83 47.22 47.27
N PRO C 317 -29.13 47.52 47.04
CA PRO C 317 -29.64 48.71 46.36
C PRO C 317 -29.34 50.04 47.06
N VAL C 318 -28.07 50.27 47.37
CA VAL C 318 -27.64 51.50 48.01
C VAL C 318 -26.20 51.74 47.60
N ALA C 319 -25.80 53.01 47.52
CA ALA C 319 -24.43 53.32 47.16
C ALA C 319 -23.51 52.61 48.16
N GLY C 320 -22.48 51.95 47.64
CA GLY C 320 -21.54 51.27 48.52
C GLY C 320 -22.09 50.02 49.18
N GLY C 321 -23.39 49.77 48.99
CA GLY C 321 -23.99 48.59 49.58
C GLY C 321 -23.33 47.34 49.01
N VAL C 322 -22.04 47.20 49.24
CA VAL C 322 -21.29 46.08 48.70
C VAL C 322 -20.15 45.71 49.64
N ASP C 323 -19.56 44.53 49.43
CA ASP C 323 -18.44 44.05 50.25
C ASP C 323 -17.21 44.94 50.11
N LEU C 324 -16.78 45.19 48.87
CA LEU C 324 -15.61 46.02 48.59
C LEU C 324 -15.92 47.06 47.52
N ALA C 325 -15.75 48.33 47.86
CA ALA C 325 -16.00 49.40 46.91
C ALA C 325 -14.70 50.14 46.62
N ILE C 326 -14.42 50.39 45.34
CA ILE C 326 -13.20 51.09 44.96
C ILE C 326 -13.48 52.18 43.95
N ASN C 327 -12.89 53.36 44.17
CA ASN C 327 -13.03 54.49 43.27
C ASN C 327 -11.73 54.67 42.48
N MET C 328 -11.86 54.83 41.19
CA MET C 328 -10.72 54.98 40.32
C MET C 328 -10.54 56.45 39.96
N ALA C 329 -9.67 57.11 40.73
CA ALA C 329 -9.31 58.48 40.53
C ALA C 329 -8.25 58.59 39.46
N PHE C 330 -8.73 59.01 38.26
CA PHE C 330 -8.02 59.19 36.95
C PHE C 330 -7.01 60.38 36.84
N ASN C 331 -5.85 60.20 36.14
CA ASN C 331 -4.89 61.32 36.01
C ASN C 331 -3.98 61.21 34.79
N PHE C 332 -3.36 62.33 34.44
CA PHE C 332 -2.49 62.39 33.28
C PHE C 332 -1.45 63.49 33.49
N ASN C 333 -0.21 63.17 33.19
CA ASN C 333 0.81 64.16 33.35
C ASN C 333 1.54 64.33 32.06
N GLY C 334 0.85 64.11 30.94
CA GLY C 334 1.52 64.40 29.64
C GLY C 334 1.59 63.27 28.61
N THR C 335 2.51 62.36 28.85
CA THR C 335 2.88 61.20 28.04
C THR C 335 2.35 59.87 28.61
N ASN C 336 1.88 59.96 29.87
CA ASN C 336 1.44 58.83 30.69
C ASN C 336 0.16 59.05 31.51
N PHE C 337 -0.64 57.95 31.58
CA PHE C 337 -1.90 57.90 32.30
C PHE C 337 -1.74 57.35 33.71
N PHE C 338 -2.67 57.73 34.58
CA PHE C 338 -2.64 57.31 35.98
C PHE C 338 -3.99 56.88 36.54
N ILE C 339 -3.95 55.95 37.47
CA ILE C 339 -5.13 55.46 38.14
C ILE C 339 -4.74 55.34 39.61
N ASN C 340 -5.33 56.20 40.44
CA ASN C 340 -5.04 56.22 41.86
C ASN C 340 -3.55 56.48 42.09
N GLY C 341 -3.03 57.47 41.38
CA GLY C 341 -1.63 57.84 41.50
C GLY C 341 -0.62 56.86 40.93
N ALA C 342 -1.08 55.85 40.20
CA ALA C 342 -0.17 54.88 39.63
C ALA C 342 -0.35 54.77 38.11
N SER C 343 0.77 54.62 37.41
CA SER C 343 0.74 54.48 35.95
C SER C 343 1.27 53.08 35.65
N PHE C 344 0.39 52.22 35.15
CA PHE C 344 0.79 50.84 34.85
C PHE C 344 1.99 50.72 33.93
N THR C 345 2.84 49.74 34.23
CA THR C 345 4.02 49.43 33.44
C THR C 345 4.28 47.93 33.61
N PRO C 346 4.21 47.18 32.50
CA PRO C 346 4.41 45.72 32.47
C PRO C 346 5.55 45.19 33.34
N PRO C 347 5.24 44.24 34.24
CA PRO C 347 6.31 43.69 35.07
C PRO C 347 7.04 42.62 34.24
N THR C 348 8.30 42.32 34.58
CA THR C 348 9.05 41.31 33.82
C THR C 348 8.49 39.90 33.99
N VAL C 349 8.02 39.59 35.19
CA VAL C 349 7.44 38.28 35.47
C VAL C 349 5.93 38.45 35.39
N PRO C 350 5.25 37.72 34.50
CA PRO C 350 3.79 37.90 34.46
C PRO C 350 3.12 37.68 35.81
N VAL C 351 2.12 38.50 36.12
CA VAL C 351 1.42 38.42 37.39
C VAL C 351 0.91 37.03 37.76
N LEU C 352 0.46 36.26 36.76
CA LEU C 352 -0.04 34.92 37.04
C LEU C 352 1.11 34.08 37.58
N LEU C 353 2.27 34.20 36.94
CA LEU C 353 3.46 33.46 37.35
C LEU C 353 3.95 33.94 38.71
N GLN C 354 3.82 35.23 38.98
CA GLN C 354 4.26 35.78 40.27
C GLN C 354 3.48 35.06 41.37
N ILE C 355 2.16 34.96 41.19
CA ILE C 355 1.30 34.31 42.17
C ILE C 355 1.55 32.81 42.28
N ILE C 356 1.77 32.16 41.14
CA ILE C 356 2.02 30.73 41.15
C ILE C 356 3.35 30.45 41.85
N SER C 357 4.26 31.40 41.72
CA SER C 357 5.58 31.28 42.31
C SER C 357 5.64 31.61 43.80
N GLY C 358 4.53 32.05 44.37
CA GLY C 358 4.54 32.37 45.78
C GLY C 358 3.95 33.69 46.20
N ALA C 359 3.71 34.60 45.25
CA ALA C 359 3.12 35.90 45.59
C ALA C 359 1.92 35.67 46.50
N GLN C 360 1.93 36.30 47.67
CA GLN C 360 0.86 36.15 48.66
C GLN C 360 -0.16 37.29 48.76
N ASN C 361 0.17 38.48 48.28
CA ASN C 361 -0.76 39.60 48.35
C ASN C 361 -0.44 40.74 47.38
N ALA C 362 -1.23 41.80 47.46
CA ALA C 362 -1.05 42.96 46.59
C ALA C 362 0.33 43.59 46.77
N GLN C 363 0.77 43.70 48.03
CA GLN C 363 2.06 44.30 48.34
C GLN C 363 3.21 43.61 47.60
N ASP C 364 3.15 42.28 47.48
CA ASP C 364 4.20 41.55 46.78
C ASP C 364 4.11 41.71 45.26
N LEU C 365 2.92 41.47 44.70
CA LEU C 365 2.69 41.55 43.27
C LEU C 365 3.18 42.85 42.61
N LEU C 366 3.83 42.70 41.46
CA LEU C 366 4.34 43.84 40.71
C LEU C 366 3.53 44.02 39.43
N PRO C 367 3.43 45.27 38.93
CA PRO C 367 4.02 46.48 39.49
C PRO C 367 3.29 47.00 40.74
N SER C 368 4.04 47.61 41.65
CA SER C 368 3.47 48.14 42.88
C SER C 368 2.52 49.32 42.63
N GLY C 369 1.41 49.33 43.36
CA GLY C 369 0.43 50.40 43.21
C GLY C 369 -0.60 50.16 42.12
N SER C 370 -0.41 49.13 41.31
CA SER C 370 -1.34 48.84 40.23
C SER C 370 -2.11 47.56 40.45
N VAL C 371 -1.86 46.90 41.58
CA VAL C 371 -2.55 45.65 41.88
C VAL C 371 -3.45 45.74 43.11
N TYR C 372 -4.65 45.20 42.99
CA TYR C 372 -5.61 45.21 44.08
C TYR C 372 -6.04 43.79 44.41
N SER C 373 -6.14 43.49 45.69
CA SER C 373 -6.58 42.19 46.14
C SER C 373 -8.10 42.18 46.16
N LEU C 374 -8.69 41.09 45.71
CA LEU C 374 -10.13 40.97 45.71
C LEU C 374 -10.50 39.65 46.39
N PRO C 375 -11.28 39.72 47.47
CA PRO C 375 -11.70 38.51 48.17
C PRO C 375 -12.69 37.74 47.31
N SER C 376 -12.63 36.41 47.37
CA SER C 376 -13.53 35.58 46.58
C SER C 376 -14.96 35.66 47.10
N ASN C 377 -15.91 35.24 46.26
CA ASN C 377 -17.32 35.26 46.61
C ASN C 377 -17.74 36.53 47.35
N ALA C 378 -17.52 37.68 46.71
CA ALA C 378 -17.87 38.97 47.29
C ALA C 378 -18.44 39.91 46.23
N ASP C 379 -19.18 40.93 46.67
CA ASP C 379 -19.74 41.87 45.72
C ASP C 379 -18.82 43.07 45.62
N ILE C 380 -18.53 43.47 44.39
CA ILE C 380 -17.64 44.59 44.16
C ILE C 380 -18.30 45.73 43.40
N GLU C 381 -18.00 46.96 43.81
CA GLU C 381 -18.52 48.14 43.15
C GLU C 381 -17.35 49.06 42.84
N ILE C 382 -17.25 49.46 41.57
CA ILE C 382 -16.17 50.34 41.13
C ILE C 382 -16.74 51.59 40.47
N SER C 383 -16.11 52.73 40.71
CA SER C 383 -16.57 53.99 40.14
C SER C 383 -15.46 54.67 39.35
N PHE C 384 -15.80 55.17 38.17
CA PHE C 384 -14.85 55.83 37.27
C PHE C 384 -15.25 57.29 37.07
N PRO C 385 -15.03 58.13 38.13
CA PRO C 385 -15.36 59.58 38.00
C PRO C 385 -14.66 60.27 36.82
N ALA C 386 -15.42 60.74 35.83
CA ALA C 386 -14.83 61.50 34.72
C ALA C 386 -14.13 62.75 35.28
N THR C 387 -12.81 62.88 35.03
CA THR C 387 -11.92 63.98 35.49
C THR C 387 -11.10 64.55 34.35
N ALA C 388 -11.33 65.78 34.01
CA ALA C 388 -10.58 66.41 32.91
C ALA C 388 -9.05 66.21 32.98
N ALA C 389 -8.59 65.74 34.14
CA ALA C 389 -7.20 65.48 34.37
C ALA C 389 -6.77 64.34 33.45
N ALA C 390 -7.77 63.65 32.89
CA ALA C 390 -7.51 62.53 31.98
C ALA C 390 -8.08 62.82 30.60
N PRO C 391 -7.25 63.38 29.70
CA PRO C 391 -7.66 63.71 28.32
C PRO C 391 -7.98 62.45 27.52
N GLY C 392 -8.85 62.58 26.53
CA GLY C 392 -9.20 61.44 25.70
C GLY C 392 -10.58 60.87 25.94
N ALA C 393 -11.35 61.51 26.80
CA ALA C 393 -12.70 61.04 27.13
C ALA C 393 -13.54 61.03 25.85
N PRO C 394 -14.56 60.16 25.79
CA PRO C 394 -14.93 59.21 26.84
C PRO C 394 -14.08 57.95 26.82
N HIS C 395 -13.57 57.55 27.99
CA HIS C 395 -12.73 56.36 28.12
C HIS C 395 -13.54 55.09 28.33
N PRO C 396 -13.47 54.17 27.37
CA PRO C 396 -14.22 52.93 27.50
C PRO C 396 -13.41 51.99 28.36
N PHE C 397 -13.88 51.68 29.56
CA PHE C 397 -13.13 50.76 30.43
C PHE C 397 -13.60 49.33 30.32
N HIS C 398 -12.64 48.43 30.41
CA HIS C 398 -12.91 47.02 30.25
C HIS C 398 -12.39 46.16 31.39
N LEU C 399 -13.20 45.19 31.79
CA LEU C 399 -12.82 44.28 32.87
C LEU C 399 -12.69 42.86 32.32
N HIS C 400 -11.59 42.20 32.64
CA HIS C 400 -11.36 40.83 32.20
C HIS C 400 -11.97 39.83 33.19
N GLY C 401 -12.28 38.63 32.69
CA GLY C 401 -12.82 37.57 33.53
C GLY C 401 -14.24 37.69 34.05
N HIS C 402 -14.88 38.83 33.83
CA HIS C 402 -16.25 39.00 34.30
C HIS C 402 -17.05 39.91 33.41
N ALA C 403 -18.35 39.81 33.57
CA ALA C 403 -19.29 40.73 32.94
C ALA C 403 -19.76 41.55 34.13
N PHE C 404 -19.94 42.85 33.98
CA PHE C 404 -20.37 43.65 35.11
C PHE C 404 -21.72 44.32 34.90
N ALA C 405 -22.33 44.74 36.01
CA ALA C 405 -23.61 45.42 35.96
C ALA C 405 -23.31 46.91 35.96
N VAL C 406 -23.89 47.66 35.03
CA VAL C 406 -23.67 49.09 34.95
C VAL C 406 -24.78 49.78 35.75
N VAL C 407 -24.54 49.98 37.05
CA VAL C 407 -25.55 50.61 37.88
C VAL C 407 -25.77 52.08 37.51
N ARG C 408 -24.74 52.74 36.98
CA ARG C 408 -24.86 54.12 36.56
C ARG C 408 -24.12 54.33 35.23
N SER C 409 -24.86 54.71 34.19
CA SER C 409 -24.27 54.92 32.87
C SER C 409 -23.82 56.35 32.58
N ALA C 410 -22.95 56.49 31.58
CA ALA C 410 -22.45 57.80 31.17
C ALA C 410 -23.63 58.64 30.69
N GLY C 411 -23.60 59.93 30.99
CA GLY C 411 -24.68 60.82 30.56
C GLY C 411 -25.98 60.62 31.33
N SER C 412 -25.88 60.05 32.52
CA SER C 412 -27.04 59.78 33.37
C SER C 412 -26.67 59.94 34.85
N THR C 413 -27.62 60.41 35.66
CA THR C 413 -27.38 60.58 37.09
C THR C 413 -28.17 59.53 37.86
N VAL C 414 -28.73 58.56 37.14
CA VAL C 414 -29.50 57.49 37.78
C VAL C 414 -28.67 56.30 38.23
N TYR C 415 -29.08 55.70 39.33
CA TYR C 415 -28.42 54.52 39.86
C TYR C 415 -29.46 53.40 39.81
N ASN C 416 -29.31 52.48 38.86
CA ASN C 416 -30.25 51.38 38.71
C ASN C 416 -29.74 50.11 39.40
N TYR C 417 -30.35 49.75 40.53
CA TYR C 417 -29.97 48.56 41.29
C TYR C 417 -30.89 47.38 41.02
N ASP C 418 -31.85 47.57 40.14
CA ASP C 418 -32.80 46.51 39.83
C ASP C 418 -32.81 45.96 38.41
N ASN C 419 -32.62 46.85 37.43
CA ASN C 419 -32.70 46.50 36.00
C ASN C 419 -31.51 46.78 35.06
N PRO C 420 -30.34 47.16 35.58
CA PRO C 420 -29.21 47.45 34.68
C PRO C 420 -28.66 46.29 33.85
N ILE C 421 -28.23 46.59 32.63
CA ILE C 421 -27.64 45.56 31.77
C ILE C 421 -26.28 45.18 32.31
N PHE C 422 -25.80 44.04 31.85
CA PHE C 422 -24.48 43.57 32.21
C PHE C 422 -23.70 43.62 30.90
N ARG C 423 -22.41 43.92 30.98
CA ARG C 423 -21.57 44.00 29.80
C ARG C 423 -20.12 44.00 30.26
N ASP C 424 -19.17 43.99 29.32
CA ASP C 424 -17.77 43.97 29.74
C ASP C 424 -16.99 45.22 29.36
N VAL C 425 -17.60 46.09 28.56
CA VAL C 425 -16.95 47.36 28.17
C VAL C 425 -17.95 48.50 28.40
N VAL C 426 -17.52 49.52 29.14
CA VAL C 426 -18.42 50.62 29.41
C VAL C 426 -17.77 52.01 29.29
N SER C 427 -18.46 52.92 28.62
CA SER C 427 -17.97 54.28 28.49
C SER C 427 -18.08 54.99 29.85
N THR C 428 -16.99 55.57 30.31
CA THR C 428 -17.00 56.26 31.59
C THR C 428 -17.37 57.74 31.44
N GLY C 429 -18.08 58.04 30.36
CA GLY C 429 -18.53 59.38 30.10
C GLY C 429 -17.44 60.46 30.07
N THR C 430 -17.84 61.70 30.36
CA THR C 430 -16.95 62.85 30.32
C THR C 430 -17.30 63.91 31.43
N PRO C 431 -16.33 64.81 31.77
CA PRO C 431 -16.51 65.91 32.81
C PRO C 431 -17.53 67.07 32.75
N ALA C 432 -18.15 67.39 31.63
CA ALA C 432 -19.07 68.50 31.73
C ALA C 432 -20.43 67.99 32.12
N ALA C 433 -20.52 66.67 32.04
CA ALA C 433 -21.77 65.96 32.30
C ALA C 433 -21.70 65.47 33.74
N GLY C 434 -20.55 65.69 34.36
CA GLY C 434 -20.34 65.26 35.74
C GLY C 434 -20.53 63.75 35.90
N ASP C 435 -20.20 63.01 34.85
CA ASP C 435 -20.36 61.56 34.87
C ASP C 435 -19.62 60.87 36.01
N ASN C 436 -20.12 59.72 36.40
CA ASN C 436 -19.50 58.97 37.46
C ASN C 436 -19.89 57.50 37.30
N VAL C 437 -19.75 57.02 36.08
CA VAL C 437 -20.08 55.64 35.73
C VAL C 437 -19.64 54.71 36.84
N THR C 438 -20.56 53.84 37.26
CA THR C 438 -20.29 52.91 38.34
C THR C 438 -20.74 51.52 37.96
N ILE C 439 -19.92 50.52 38.27
CA ILE C 439 -20.22 49.14 37.94
C ILE C 439 -20.09 48.19 39.12
N ARG C 440 -20.66 47.01 38.97
CA ARG C 440 -20.58 46.00 40.02
C ARG C 440 -20.41 44.62 39.43
N PHE C 441 -19.75 43.76 40.20
CA PHE C 441 -19.56 42.38 39.81
C PHE C 441 -19.23 41.54 41.03
N ARG C 442 -19.49 40.24 40.92
CA ARG C 442 -19.23 39.30 42.00
C ARG C 442 -17.93 38.56 41.68
N THR C 443 -17.05 38.41 42.66
CA THR C 443 -15.80 37.69 42.41
C THR C 443 -16.04 36.19 42.36
N ASP C 444 -16.32 35.67 41.17
CA ASP C 444 -16.61 34.26 40.99
C ASP C 444 -15.60 33.57 40.09
N ASN C 445 -14.48 34.24 39.83
CA ASN C 445 -13.44 33.68 38.95
C ASN C 445 -12.06 33.99 39.51
N PRO C 446 -11.47 33.03 40.25
CA PRO C 446 -10.13 33.21 40.85
C PRO C 446 -9.01 33.44 39.83
N GLY C 447 -8.14 34.41 40.11
CA GLY C 447 -7.03 34.69 39.21
C GLY C 447 -6.79 36.18 38.97
N PRO C 448 -5.67 36.52 38.32
CA PRO C 448 -5.36 37.93 38.04
C PRO C 448 -6.07 38.39 36.76
N TRP C 449 -6.81 39.48 36.88
CA TRP C 449 -7.56 40.04 35.76
C TRP C 449 -7.25 41.51 35.49
N PHE C 450 -7.10 41.85 34.21
CA PHE C 450 -6.81 43.23 33.82
C PHE C 450 -8.08 44.08 33.86
N LEU C 451 -7.90 45.36 34.09
CA LEU C 451 -8.94 46.35 34.10
C LEU C 451 -8.26 47.55 33.51
N HIS C 452 -8.73 48.00 32.36
CA HIS C 452 -8.07 49.12 31.69
C HIS C 452 -8.95 49.79 30.66
N CYS C 453 -8.46 50.93 30.19
CA CYS C 453 -9.17 51.64 29.16
C CYS C 453 -8.93 50.87 27.86
N HIS C 454 -9.97 50.74 27.02
CA HIS C 454 -9.75 49.96 25.81
C HIS C 454 -9.29 50.77 24.60
N ILE C 455 -8.89 52.00 24.87
CA ILE C 455 -8.28 52.82 23.86
C ILE C 455 -6.81 52.39 23.97
N ASP C 456 -6.42 51.45 23.15
CA ASP C 456 -5.09 50.87 23.23
C ASP C 456 -3.94 51.89 23.44
N PHE C 457 -4.02 53.05 22.80
CA PHE C 457 -2.95 54.03 22.96
C PHE C 457 -2.86 54.52 24.41
N HIS C 458 -3.97 54.45 25.14
CA HIS C 458 -4.00 54.88 26.53
C HIS C 458 -3.53 53.74 27.41
N LEU C 459 -3.85 52.51 26.98
CA LEU C 459 -3.44 51.34 27.75
C LEU C 459 -1.91 51.34 27.70
N GLU C 460 -1.36 51.51 26.51
CA GLU C 460 0.08 51.53 26.30
C GLU C 460 0.74 52.60 27.15
N ALA C 461 -0.03 53.63 27.50
CA ALA C 461 0.52 54.71 28.30
C ALA C 461 0.30 54.54 29.80
N GLY C 462 -0.10 53.33 30.20
CA GLY C 462 -0.29 53.04 31.62
C GLY C 462 -1.66 53.20 32.25
N PHE C 463 -2.67 53.50 31.44
CA PHE C 463 -4.02 53.67 31.96
C PHE C 463 -4.67 52.32 32.26
N ALA C 464 -4.07 51.58 33.19
CA ALA C 464 -4.62 50.27 33.55
C ALA C 464 -4.36 49.91 35.01
N VAL C 465 -5.01 48.84 35.44
CA VAL C 465 -4.88 48.33 36.79
C VAL C 465 -5.08 46.82 36.72
N VAL C 466 -4.64 46.11 37.75
CA VAL C 466 -4.79 44.66 37.80
C VAL C 466 -5.54 44.25 39.06
N PHE C 467 -6.47 43.30 38.90
CA PHE C 467 -7.22 42.80 40.04
C PHE C 467 -6.77 41.38 40.32
N ALA C 468 -6.11 41.17 41.45
CA ALA C 468 -5.65 39.85 41.85
C ALA C 468 -6.82 39.25 42.65
N GLU C 469 -7.68 38.52 41.95
CA GLU C 469 -8.85 37.91 42.57
C GLU C 469 -8.59 36.57 43.28
N ASP C 470 -8.90 36.54 44.57
CA ASP C 470 -8.75 35.36 45.40
C ASP C 470 -7.40 34.69 45.17
N ILE C 471 -6.34 35.39 45.55
CA ILE C 471 -4.97 34.90 45.40
C ILE C 471 -4.73 33.46 45.89
N PRO C 472 -5.28 33.11 47.07
CA PRO C 472 -5.05 31.74 47.57
C PRO C 472 -5.50 30.63 46.61
N ASP C 473 -6.69 30.77 46.02
CA ASP C 473 -7.21 29.74 45.12
C ASP C 473 -6.62 29.84 43.70
N VAL C 474 -5.93 30.94 43.38
CA VAL C 474 -5.39 31.15 42.04
C VAL C 474 -4.61 30.00 41.40
N ALA C 475 -3.50 29.61 42.03
CA ALA C 475 -2.67 28.54 41.47
C ALA C 475 -3.43 27.22 41.29
N SER C 476 -4.19 26.83 42.29
CA SER C 476 -4.97 25.58 42.24
C SER C 476 -6.10 25.64 41.22
N ALA C 477 -6.78 26.78 41.17
CA ALA C 477 -7.89 26.97 40.25
C ALA C 477 -7.47 27.01 38.77
N ASN C 478 -6.24 27.45 38.50
CA ASN C 478 -5.78 27.55 37.11
C ASN C 478 -4.56 26.72 36.73
N PRO C 479 -4.72 25.38 36.64
CA PRO C 479 -3.58 24.54 36.28
C PRO C 479 -2.98 25.02 34.95
N VAL C 480 -1.66 25.16 34.89
CA VAL C 480 -1.02 25.64 33.66
C VAL C 480 -0.26 24.57 32.89
N PRO C 481 -0.48 24.50 31.56
CA PRO C 481 0.19 23.52 30.71
C PRO C 481 1.69 23.82 30.54
N GLN C 482 2.48 22.78 30.24
CA GLN C 482 3.92 22.92 30.07
C GLN C 482 4.27 24.06 29.11
N ALA C 483 3.59 24.12 27.97
CA ALA C 483 3.85 25.17 26.98
C ALA C 483 3.77 26.57 27.60
N TRP C 484 2.86 26.76 28.56
CA TRP C 484 2.72 28.06 29.20
C TRP C 484 3.94 28.37 30.06
N SER C 485 4.39 27.37 30.82
CA SER C 485 5.53 27.54 31.69
C SER C 485 6.83 27.73 30.90
N ASP C 486 6.81 27.42 29.61
CA ASP C 486 7.99 27.58 28.77
C ASP C 486 8.04 28.97 28.12
N LEU C 487 6.87 29.59 28.01
CA LEU C 487 6.74 30.91 27.39
C LEU C 487 7.78 31.94 27.83
N CYS C 488 7.85 32.19 29.13
CA CYS C 488 8.79 33.17 29.64
C CYS C 488 10.26 32.87 29.39
N PRO C 489 10.71 31.63 29.67
CA PRO C 489 12.12 31.32 29.43
C PRO C 489 12.54 31.58 28.00
N THR C 490 11.70 31.19 27.05
CA THR C 490 12.01 31.38 25.64
C THR C 490 11.91 32.86 25.24
N TYR C 491 11.00 33.59 25.88
CA TYR C 491 10.84 35.01 25.58
C TYR C 491 11.95 35.88 26.15
N ASP C 492 12.37 35.59 27.39
CA ASP C 492 13.41 36.36 28.06
C ASP C 492 14.79 36.14 27.46
N ALA C 493 14.98 35.00 26.80
CA ALA C 493 16.26 34.67 26.19
C ALA C 493 16.47 35.50 24.94
N ARG C 494 15.37 35.99 24.36
CA ARG C 494 15.42 36.80 23.14
C ARG C 494 16.12 38.14 23.40
N ASP C 495 16.83 38.62 22.39
CA ASP C 495 17.50 39.90 22.48
C ASP C 495 16.45 40.97 22.20
N PRO C 496 16.59 42.15 22.81
CA PRO C 496 15.66 43.27 22.64
C PRO C 496 15.10 43.44 21.22
N SER C 497 15.97 43.32 20.23
CA SER C 497 15.53 43.47 18.84
C SER C 497 15.24 42.16 18.13
N ASP C 498 16.07 41.14 18.38
CA ASP C 498 15.88 39.81 17.75
C ASP C 498 14.54 39.23 18.17
N GLN C 499 13.67 40.08 18.72
CA GLN C 499 12.34 39.67 19.17
C GLN C 499 11.80 38.52 18.35
N GLY D 1 11.81 -12.50 13.86
CA GLY D 1 13.04 -11.89 14.45
C GLY D 1 13.95 -13.03 14.86
N ILE D 2 15.06 -12.74 15.55
CA ILE D 2 15.93 -13.82 15.95
C ILE D 2 15.64 -14.39 17.36
N GLY D 3 15.04 -15.59 17.35
CA GLY D 3 14.62 -16.32 18.55
C GLY D 3 15.36 -16.08 19.85
N PRO D 4 14.83 -16.58 20.98
CA PRO D 4 15.41 -16.44 22.33
C PRO D 4 16.91 -16.75 22.42
N VAL D 5 17.38 -17.67 21.57
CA VAL D 5 18.78 -18.05 21.56
C VAL D 5 19.38 -17.54 20.25
N ALA D 6 20.43 -16.74 20.35
CA ALA D 6 21.05 -16.18 19.16
C ALA D 6 22.40 -15.56 19.44
N ASP D 7 23.17 -15.38 18.37
CA ASP D 7 24.48 -14.76 18.48
C ASP D 7 24.43 -13.30 18.05
N LEU D 8 25.15 -12.46 18.76
CA LEU D 8 25.21 -11.04 18.44
C LEU D 8 26.70 -10.73 18.25
N THR D 9 27.12 -10.76 16.98
CA THR D 9 28.51 -10.51 16.59
C THR D 9 28.73 -9.03 16.37
N ILE D 10 29.53 -8.44 17.25
CA ILE D 10 29.82 -7.01 17.19
C ILE D 10 31.08 -6.70 16.39
N THR D 11 30.95 -5.83 15.40
CA THR D 11 32.09 -5.47 14.56
C THR D 11 32.00 -3.99 14.15
N ASN D 12 33.02 -3.53 13.44
CA ASN D 12 33.08 -2.16 12.94
C ASN D 12 32.76 -2.22 11.46
N ALA D 13 32.15 -1.16 10.94
CA ALA D 13 31.81 -1.16 9.53
C ALA D 13 31.41 0.24 9.09
N ALA D 14 31.70 0.55 7.83
CA ALA D 14 31.33 1.84 7.27
C ALA D 14 29.84 1.69 7.02
N VAL D 15 29.07 2.74 7.30
CA VAL D 15 27.64 2.67 7.11
C VAL D 15 27.08 4.04 6.71
N SER D 16 25.88 4.07 6.14
CA SER D 16 25.30 5.33 5.71
C SER D 16 23.78 5.36 5.74
N PRO D 17 23.18 5.22 6.94
CA PRO D 17 21.72 5.23 7.07
C PRO D 17 21.03 6.52 6.57
N ASP D 18 21.77 7.61 6.56
CA ASP D 18 21.24 8.90 6.10
C ASP D 18 21.95 9.38 4.83
N GLY D 19 22.73 8.51 4.20
CA GLY D 19 23.43 8.91 2.99
C GLY D 19 24.89 9.27 3.21
N PHE D 20 25.25 9.53 4.47
CA PHE D 20 26.62 9.88 4.81
C PHE D 20 27.38 8.66 5.30
N SER D 21 28.48 8.35 4.64
CA SER D 21 29.27 7.19 5.01
C SER D 21 30.15 7.48 6.21
N ARG D 22 30.09 6.61 7.21
CA ARG D 22 30.90 6.78 8.41
C ARG D 22 31.09 5.46 9.12
N GLN D 23 32.27 5.26 9.69
CA GLN D 23 32.55 4.05 10.44
C GLN D 23 31.68 4.02 11.70
N ALA D 24 31.31 2.83 12.14
CA ALA D 24 30.47 2.69 13.32
C ALA D 24 30.55 1.30 13.91
N VAL D 25 29.87 1.11 15.03
CA VAL D 25 29.81 -0.17 15.72
C VAL D 25 28.52 -0.83 15.22
N VAL D 26 28.67 -2.01 14.63
CA VAL D 26 27.53 -2.71 14.03
C VAL D 26 27.26 -4.08 14.66
N VAL D 27 25.98 -4.46 14.69
CA VAL D 27 25.59 -5.76 15.26
C VAL D 27 25.09 -6.66 14.14
N ASN D 28 25.77 -7.78 13.94
CA ASN D 28 25.41 -8.71 12.88
C ASN D 28 25.33 -8.02 11.52
N GLY D 29 26.14 -6.99 11.33
CA GLY D 29 26.16 -6.28 10.07
C GLY D 29 25.45 -4.93 9.99
N GLY D 30 24.54 -4.64 10.91
CA GLY D 30 23.81 -3.37 10.85
C GLY D 30 23.87 -2.54 12.15
N THR D 31 23.79 -1.21 12.03
CA THR D 31 23.84 -0.34 13.22
C THR D 31 22.57 -0.53 14.00
N PRO D 32 21.46 -0.02 13.52
CA PRO D 32 20.29 -0.33 14.28
C PRO D 32 20.32 -1.84 14.33
N GLY D 33 20.74 -2.41 15.40
CA GLY D 33 20.85 -3.85 15.50
C GLY D 33 19.62 -4.64 15.14
N PRO D 34 19.78 -5.95 14.91
CA PRO D 34 18.67 -6.84 14.56
C PRO D 34 17.63 -6.89 15.66
N LEU D 35 16.36 -6.95 15.26
CA LEU D 35 15.24 -7.04 16.20
C LEU D 35 15.33 -8.38 16.92
N ILE D 36 15.42 -8.35 18.24
CA ILE D 36 15.48 -9.56 19.05
C ILE D 36 14.08 -9.81 19.58
N THR D 37 13.60 -11.05 19.47
CA THR D 37 12.26 -11.37 19.96
C THR D 37 12.19 -12.69 20.72
N GLY D 38 11.06 -12.88 21.41
CA GLY D 38 10.83 -14.08 22.20
C GLY D 38 9.49 -13.93 22.90
N ASN D 39 9.04 -14.99 23.59
CA ASN D 39 7.76 -14.94 24.30
C ASN D 39 7.96 -14.87 25.79
N MET D 40 6.98 -14.30 26.48
CA MET D 40 7.03 -14.18 27.93
C MET D 40 7.30 -15.56 28.49
N GLY D 41 8.28 -15.65 29.39
CA GLY D 41 8.62 -16.93 29.98
C GLY D 41 9.85 -17.57 29.36
N ASP D 42 10.15 -17.19 28.13
CA ASP D 42 11.32 -17.71 27.43
C ASP D 42 12.62 -17.41 28.15
N ARG D 43 13.58 -18.29 27.96
CA ARG D 43 14.92 -18.08 28.46
C ARG D 43 15.82 -17.52 27.37
N PHE D 44 16.36 -16.35 27.57
CA PHE D 44 17.18 -15.74 26.54
C PHE D 44 18.64 -16.05 26.75
N GLN D 45 19.26 -16.52 25.68
CA GLN D 45 20.67 -16.87 25.69
C GLN D 45 21.23 -16.15 24.49
N LEU D 46 21.68 -14.92 24.76
CA LEU D 46 22.23 -14.06 23.74
C LEU D 46 23.75 -14.04 23.90
N ASN D 47 24.42 -14.65 22.93
CA ASN D 47 25.87 -14.76 22.95
C ASN D 47 26.46 -13.55 22.22
N VAL D 48 27.11 -12.66 22.97
CA VAL D 48 27.72 -11.47 22.37
C VAL D 48 29.18 -11.74 21.98
N ILE D 49 29.40 -11.80 20.68
CA ILE D 49 30.72 -12.06 20.15
C ILE D 49 31.38 -10.73 19.75
N ASP D 50 32.38 -10.32 20.53
CA ASP D 50 33.10 -9.08 20.30
C ASP D 50 34.27 -9.19 19.32
N ASN D 51 34.06 -8.72 18.09
CA ASN D 51 35.10 -8.72 17.07
C ASN D 51 35.38 -7.29 16.62
N LEU D 52 35.35 -6.35 17.56
CA LEU D 52 35.63 -4.96 17.27
C LEU D 52 37.12 -4.81 17.06
N THR D 53 37.53 -3.81 16.29
CA THR D 53 38.96 -3.60 16.03
C THR D 53 39.31 -2.11 16.14
N ASN D 54 38.27 -1.30 16.29
CA ASN D 54 38.43 0.13 16.38
C ASN D 54 38.46 0.70 17.79
N HIS D 55 39.65 1.05 18.27
CA HIS D 55 39.80 1.58 19.62
C HIS D 55 39.02 2.86 19.90
N THR D 56 39.00 3.81 18.95
CA THR D 56 38.29 5.08 19.15
C THR D 56 36.79 4.93 19.43
N MET D 57 36.22 3.78 19.06
CA MET D 57 34.81 3.51 19.34
C MET D 57 34.75 2.39 20.39
N LEU D 58 35.97 2.06 20.90
CA LEU D 58 36.23 1.09 22.02
C LEU D 58 36.12 -0.40 21.70
N LYS D 59 37.21 -1.05 21.37
CA LYS D 59 37.12 -2.47 21.02
C LYS D 59 36.43 -3.37 22.09
N SER D 60 36.21 -2.85 23.29
CA SER D 60 35.51 -3.59 24.34
C SER D 60 34.03 -3.24 24.24
N THR D 61 33.19 -4.07 24.87
CA THR D 61 31.76 -3.79 24.86
C THR D 61 31.05 -4.50 25.99
N SER D 62 29.85 -4.03 26.27
CA SER D 62 29.02 -4.61 27.32
C SER D 62 27.60 -4.24 26.91
N ILE D 63 26.68 -5.19 27.02
CA ILE D 63 25.32 -4.90 26.60
C ILE D 63 24.24 -5.00 27.67
N HIS D 64 23.42 -3.96 27.71
CA HIS D 64 22.32 -3.86 28.66
C HIS D 64 21.01 -4.19 27.95
N TRP D 65 20.13 -4.92 28.63
CA TRP D 65 18.83 -5.29 28.06
C TRP D 65 17.82 -4.39 28.77
N HIS D 66 17.58 -3.24 28.17
CA HIS D 66 16.70 -2.19 28.70
C HIS D 66 15.28 -2.64 29.02
N GLY D 67 14.92 -2.57 30.30
CA GLY D 67 13.58 -2.93 30.71
C GLY D 67 13.48 -4.19 31.52
N PHE D 68 14.32 -5.18 31.21
CA PHE D 68 14.30 -6.46 31.92
C PHE D 68 14.83 -6.35 33.36
N PHE D 69 14.08 -6.89 34.31
CA PHE D 69 14.49 -6.81 35.72
C PHE D 69 15.73 -7.61 36.11
N GLN D 70 16.02 -8.67 35.37
CA GLN D 70 17.21 -9.48 35.63
C GLN D 70 17.29 -10.01 37.06
N LYS D 71 16.15 -10.25 37.67
CA LYS D 71 16.14 -10.77 39.03
C LYS D 71 16.89 -12.11 39.08
N GLY D 72 17.93 -12.16 39.90
CA GLY D 72 18.70 -13.38 40.03
C GLY D 72 19.83 -13.44 39.02
N THR D 73 19.86 -12.45 38.14
CA THR D 73 20.90 -12.39 37.11
C THR D 73 21.46 -10.96 36.98
N ASN D 74 21.74 -10.36 38.12
CA ASN D 74 22.28 -9.00 38.18
C ASN D 74 23.55 -8.84 37.35
N TRP D 75 24.30 -9.93 37.20
CA TRP D 75 25.55 -9.93 36.45
C TRP D 75 25.37 -9.77 34.95
N ALA D 76 24.13 -9.93 34.48
CA ALA D 76 23.86 -9.82 33.05
C ALA D 76 23.19 -8.49 32.68
N ASP D 77 23.11 -7.57 33.64
CA ASP D 77 22.45 -6.30 33.39
C ASP D 77 23.16 -5.42 32.37
N GLY D 78 24.48 -5.56 32.29
CA GLY D 78 25.22 -4.78 31.31
C GLY D 78 26.07 -3.61 31.76
N PRO D 79 25.57 -2.72 32.62
CA PRO D 79 26.36 -1.56 33.08
C PRO D 79 27.82 -1.87 33.38
N ALA D 80 28.71 -1.31 32.57
CA ALA D 80 30.15 -1.51 32.74
C ALA D 80 30.63 -0.98 34.09
N PHE D 81 31.39 -1.82 34.79
CA PHE D 81 31.95 -1.47 36.09
C PHE D 81 30.91 -1.37 37.20
N ILE D 82 29.69 -1.77 36.86
CA ILE D 82 28.58 -1.77 37.82
C ILE D 82 28.21 -3.23 38.03
N ASN D 83 27.93 -3.94 36.94
CA ASN D 83 27.55 -5.34 37.05
C ASN D 83 28.51 -6.31 36.34
N GLN D 84 29.53 -5.76 35.69
CA GLN D 84 30.51 -6.58 35.00
C GLN D 84 31.62 -5.72 34.43
N CYS D 85 32.70 -6.37 34.01
CA CYS D 85 33.80 -5.69 33.35
C CYS D 85 33.45 -5.85 31.86
N PRO D 86 33.91 -4.94 31.01
CA PRO D 86 33.59 -5.09 29.58
C PRO D 86 34.09 -6.41 29.01
N ILE D 87 33.52 -6.83 27.87
CA ILE D 87 33.95 -8.04 27.18
C ILE D 87 35.15 -7.51 26.39
N SER D 88 36.14 -8.37 26.12
CA SER D 88 37.31 -7.93 25.38
C SER D 88 37.23 -8.39 23.93
N SER D 89 37.83 -7.63 23.03
CA SER D 89 37.81 -7.98 21.63
C SER D 89 38.43 -9.36 21.50
N GLY D 90 37.94 -10.14 20.54
CA GLY D 90 38.45 -11.49 20.36
C GLY D 90 37.84 -12.46 21.36
N HIS D 91 36.90 -11.98 22.17
CA HIS D 91 36.24 -12.82 23.16
C HIS D 91 34.74 -12.70 23.02
N SER D 92 34.02 -13.62 23.64
CA SER D 92 32.57 -13.61 23.61
C SER D 92 32.08 -13.89 25.01
N PHE D 93 30.88 -13.41 25.33
CA PHE D 93 30.30 -13.60 26.65
C PHE D 93 28.83 -13.93 26.45
N LEU D 94 28.31 -14.83 27.29
CA LEU D 94 26.91 -15.24 27.16
C LEU D 94 25.97 -14.56 28.15
N TYR D 95 24.98 -13.83 27.63
CA TYR D 95 23.99 -13.22 28.50
C TYR D 95 22.87 -14.25 28.51
N ASP D 96 22.68 -14.87 29.66
CA ASP D 96 21.66 -15.91 29.83
C ASP D 96 20.73 -15.55 30.99
N PHE D 97 19.50 -15.18 30.66
CA PHE D 97 18.53 -14.80 31.66
C PHE D 97 17.13 -15.16 31.20
N GLN D 98 16.19 -15.21 32.14
CA GLN D 98 14.80 -15.55 31.83
C GLN D 98 13.90 -14.34 31.98
N VAL D 99 12.83 -14.32 31.20
CA VAL D 99 11.91 -13.20 31.26
C VAL D 99 10.48 -13.62 31.56
N PRO D 100 10.21 -13.94 32.83
CA PRO D 100 8.86 -14.34 33.22
C PRO D 100 8.25 -13.07 33.80
N ASP D 101 6.93 -13.01 33.88
CA ASP D 101 6.28 -11.83 34.46
C ASP D 101 6.56 -10.53 33.70
N GLN D 102 7.18 -10.61 32.53
CA GLN D 102 7.44 -9.41 31.74
C GLN D 102 7.10 -9.67 30.27
N ALA D 103 6.59 -8.63 29.61
CA ALA D 103 6.21 -8.74 28.21
C ALA D 103 5.90 -7.34 27.68
N GLY D 104 6.45 -7.03 26.50
CA GLY D 104 6.22 -5.73 25.93
C GLY D 104 7.37 -5.33 25.01
N THR D 105 7.62 -4.02 24.93
CA THR D 105 8.67 -3.51 24.07
C THR D 105 9.90 -3.06 24.86
N PHE D 106 11.06 -3.47 24.39
CA PHE D 106 12.34 -3.14 25.02
C PHE D 106 13.37 -2.84 23.94
N TRP D 107 14.63 -2.83 24.34
CA TRP D 107 15.74 -2.65 23.43
C TRP D 107 17.04 -2.99 24.12
N TYR D 108 18.08 -3.16 23.32
CA TYR D 108 19.40 -3.48 23.86
C TYR D 108 20.37 -2.47 23.30
N HIS D 109 21.46 -2.26 24.03
CA HIS D 109 22.44 -1.31 23.57
C HIS D 109 23.68 -1.37 24.46
N SER D 110 24.83 -1.02 23.89
CA SER D 110 26.02 -1.03 24.69
C SER D 110 25.78 -0.18 25.91
N HIS D 111 26.37 -0.59 27.03
CA HIS D 111 26.27 0.17 28.26
C HIS D 111 27.72 0.43 28.70
N LEU D 112 28.57 0.74 27.73
CA LEU D 112 29.95 1.06 27.97
C LEU D 112 30.20 2.46 27.43
N SER D 113 30.37 3.45 28.29
CA SER D 113 30.60 4.78 27.77
C SER D 113 29.54 5.16 26.75
N THR D 114 29.89 6.00 25.79
CA THR D 114 28.95 6.44 24.80
C THR D 114 28.88 5.54 23.56
N GLN D 115 29.40 4.33 23.69
CA GLN D 115 29.44 3.38 22.58
C GLN D 115 28.10 3.10 21.90
N TYR D 116 27.00 3.14 22.64
CA TYR D 116 25.74 2.87 21.96
C TYR D 116 25.37 4.00 20.98
N CYS D 117 25.95 5.18 21.16
CA CYS D 117 25.68 6.29 20.22
C CYS D 117 26.38 5.94 18.90
N ASP D 118 27.51 5.25 18.97
CA ASP D 118 28.22 4.89 17.76
C ASP D 118 27.62 3.71 17.02
N GLY D 119 26.48 3.18 17.47
CA GLY D 119 25.86 2.10 16.70
C GLY D 119 25.37 0.82 17.40
N LEU D 120 25.93 0.46 18.55
CA LEU D 120 25.50 -0.78 19.22
C LEU D 120 24.20 -0.59 20.00
N ARG D 121 23.11 -0.74 19.26
CA ARG D 121 21.76 -0.58 19.79
C ARG D 121 20.75 -1.25 18.86
N GLY D 122 19.73 -1.86 19.46
CA GLY D 122 18.72 -2.52 18.66
C GLY D 122 17.44 -2.74 19.45
N PRO D 123 16.30 -2.95 18.78
CA PRO D 123 15.01 -3.18 19.41
C PRO D 123 14.85 -4.63 19.90
N PHE D 124 14.18 -4.80 21.05
CA PHE D 124 13.98 -6.10 21.67
C PHE D 124 12.50 -6.22 22.08
N VAL D 125 11.80 -7.21 21.52
CA VAL D 125 10.39 -7.39 21.84
C VAL D 125 10.04 -8.77 22.42
N VAL D 126 9.31 -8.77 23.51
CA VAL D 126 8.89 -10.01 24.14
C VAL D 126 7.37 -10.07 24.06
N TYR D 127 6.88 -10.96 23.22
CA TYR D 127 5.44 -11.12 23.01
C TYR D 127 4.76 -11.89 24.13
N ASP D 128 3.46 -11.64 24.28
CA ASP D 128 2.66 -12.29 25.31
C ASP D 128 1.65 -13.16 24.57
N PRO D 129 1.79 -14.49 24.65
CA PRO D 129 0.89 -15.43 23.99
C PRO D 129 -0.59 -15.16 24.28
N ASN D 130 -0.87 -14.60 25.45
CA ASN D 130 -2.25 -14.31 25.86
C ASN D 130 -2.39 -12.84 26.21
N ASP D 131 -1.86 -11.97 25.35
CA ASP D 131 -1.88 -10.52 25.55
C ASP D 131 -3.31 -10.00 25.78
N PRO D 132 -3.53 -9.26 26.88
CA PRO D 132 -4.86 -8.72 27.18
C PRO D 132 -5.43 -7.85 26.05
N ALA D 133 -4.55 -7.09 25.39
CA ALA D 133 -4.95 -6.19 24.31
C ALA D 133 -4.86 -6.81 22.91
N ALA D 134 -4.73 -8.13 22.85
CA ALA D 134 -4.63 -8.82 21.57
C ALA D 134 -5.84 -8.54 20.66
N ASP D 135 -7.02 -8.47 21.25
CA ASP D 135 -8.23 -8.22 20.48
C ASP D 135 -8.34 -6.81 19.90
N LEU D 136 -7.41 -5.94 20.28
CA LEU D 136 -7.43 -4.56 19.78
C LEU D 136 -6.67 -4.34 18.48
N TYR D 137 -5.99 -5.37 17.96
CA TYR D 137 -5.22 -5.21 16.74
C TYR D 137 -5.05 -6.49 15.91
N ASP D 138 -4.78 -6.31 14.62
CA ASP D 138 -4.63 -7.45 13.69
C ASP D 138 -3.21 -7.88 13.38
N VAL D 139 -2.30 -6.91 13.29
CA VAL D 139 -0.90 -7.19 12.95
C VAL D 139 0.08 -6.72 14.01
N ASP D 140 1.03 -7.59 14.35
CA ASP D 140 2.05 -7.27 15.35
C ASP D 140 3.25 -8.22 15.11
N ASN D 141 4.19 -7.78 14.27
CA ASN D 141 5.36 -8.58 13.94
C ASN D 141 6.60 -7.70 13.77
N ASP D 142 7.56 -8.19 12.98
CA ASP D 142 8.79 -7.47 12.71
C ASP D 142 8.59 -6.13 12.01
N ASP D 143 7.50 -5.98 11.25
CA ASP D 143 7.25 -4.75 10.53
C ASP D 143 6.43 -3.68 11.24
N THR D 144 6.02 -3.93 12.48
CA THR D 144 5.26 -2.91 13.18
C THR D 144 6.13 -2.32 14.30
N VAL D 145 7.41 -2.66 14.27
CA VAL D 145 8.37 -2.13 15.24
C VAL D 145 8.94 -0.85 14.62
N ILE D 146 8.93 0.24 15.37
CA ILE D 146 9.44 1.50 14.88
C ILE D 146 10.53 2.01 15.80
N THR D 147 11.75 2.12 15.29
CA THR D 147 12.86 2.59 16.10
C THR D 147 13.27 4.02 15.74
N LEU D 148 13.61 4.80 16.76
CA LEU D 148 14.02 6.20 16.56
C LEU D 148 15.49 6.33 16.99
N VAL D 149 16.32 6.90 16.12
CA VAL D 149 17.73 7.07 16.39
C VAL D 149 18.28 8.46 16.06
N ASP D 150 19.15 8.95 16.93
CA ASP D 150 19.80 10.25 16.74
C ASP D 150 21.19 9.95 16.15
N TRP D 151 21.30 10.03 14.82
CA TRP D 151 22.56 9.73 14.13
C TRP D 151 23.52 10.90 13.90
N TYR D 152 24.78 10.71 14.31
CA TYR D 152 25.81 11.74 14.18
C TYR D 152 26.80 11.37 13.11
N HIS D 153 27.34 12.37 12.41
CA HIS D 153 28.31 12.10 11.37
C HIS D 153 29.68 11.91 11.99
N VAL D 154 29.88 12.50 13.16
CA VAL D 154 31.14 12.39 13.87
C VAL D 154 30.99 11.41 15.02
N ALA D 155 32.01 10.58 15.23
CA ALA D 155 31.98 9.59 16.30
C ALA D 155 31.79 10.25 17.66
N ALA D 156 31.24 9.48 18.59
CA ALA D 156 30.96 9.95 19.94
C ALA D 156 32.17 10.55 20.68
N LYS D 157 33.31 9.89 20.66
CA LYS D 157 34.48 10.41 21.36
C LYS D 157 35.25 11.47 20.58
N LEU D 158 34.87 11.70 19.31
CA LEU D 158 35.56 12.70 18.49
C LEU D 158 34.82 14.03 18.40
N GLY D 159 33.51 14.03 18.61
CA GLY D 159 32.76 15.27 18.51
C GLY D 159 32.73 16.02 19.83
N PRO D 160 31.77 16.93 20.00
CA PRO D 160 31.68 17.68 21.26
C PRO D 160 31.30 16.73 22.41
N ALA D 161 31.65 17.11 23.65
CA ALA D 161 31.29 16.30 24.81
C ALA D 161 29.76 16.34 24.88
N PHE D 162 29.19 17.47 24.48
CA PHE D 162 27.72 17.63 24.47
C PHE D 162 27.31 18.18 23.09
N PRO D 163 27.11 17.28 22.10
CA PRO D 163 26.72 17.57 20.72
C PRO D 163 25.72 18.69 20.45
N LEU D 164 24.61 18.71 21.19
CA LEU D 164 23.60 19.75 21.00
C LEU D 164 22.90 19.62 19.64
N GLY D 165 22.61 18.39 19.24
CA GLY D 165 21.94 18.17 17.98
C GLY D 165 22.54 17.05 17.15
N ALA D 166 21.68 16.18 16.61
CA ALA D 166 22.14 15.07 15.78
C ALA D 166 22.06 15.51 14.33
N ASP D 167 22.91 14.96 13.47
CA ASP D 167 22.90 15.32 12.06
C ASP D 167 21.65 14.80 11.35
N ALA D 168 21.05 13.76 11.90
CA ALA D 168 19.85 13.19 11.28
C ALA D 168 19.10 12.24 12.20
N THR D 169 17.78 12.25 12.07
CA THR D 169 16.95 11.36 12.85
C THR D 169 16.76 10.14 11.96
N LEU D 170 16.93 8.96 12.55
CA LEU D 170 16.76 7.71 11.83
C LEU D 170 15.48 7.02 12.32
N ILE D 171 14.56 6.73 11.40
CA ILE D 171 13.34 6.03 11.75
C ILE D 171 13.51 4.68 11.06
N ASN D 172 13.52 3.61 11.87
CA ASN D 172 13.74 2.26 11.35
C ASN D 172 15.02 2.17 10.51
N GLY D 173 16.08 2.78 11.03
CA GLY D 173 17.37 2.74 10.35
C GLY D 173 17.63 3.73 9.24
N LYS D 174 16.60 4.38 8.73
CA LYS D 174 16.80 5.35 7.65
C LYS D 174 16.33 6.77 7.97
N GLY D 175 16.88 7.74 7.25
CA GLY D 175 16.51 9.12 7.48
C GLY D 175 17.36 10.05 6.63
N ARG D 176 17.14 11.34 6.77
CA ARG D 176 17.91 12.31 6.00
C ARG D 176 18.53 13.41 6.84
N SER D 177 19.63 13.94 6.35
CA SER D 177 20.31 15.05 7.01
C SER D 177 20.06 16.23 6.07
N PRO D 178 20.21 17.48 6.57
CA PRO D 178 19.98 18.66 5.74
C PRO D 178 20.78 18.64 4.44
N SER D 179 21.82 17.82 4.42
CA SER D 179 22.73 17.69 3.29
C SER D 179 22.54 16.43 2.42
N THR D 180 21.58 15.58 2.77
CA THR D 180 21.36 14.36 2.00
C THR D 180 19.85 14.14 1.92
N THR D 181 19.15 15.14 1.39
CA THR D 181 17.69 15.09 1.24
C THR D 181 17.13 14.08 0.23
N THR D 182 18.00 13.37 -0.49
CA THR D 182 17.51 12.38 -1.44
C THR D 182 17.77 10.98 -0.90
N ALA D 183 18.25 10.89 0.35
CA ALA D 183 18.52 9.59 0.95
C ALA D 183 17.22 8.81 1.13
N ASP D 184 17.27 7.51 0.89
CA ASP D 184 16.09 6.65 1.01
C ASP D 184 15.47 6.72 2.38
N LEU D 185 14.15 6.74 2.43
CA LEU D 185 13.45 6.80 3.70
C LEU D 185 12.85 5.44 4.02
N SER D 186 12.55 5.19 5.28
CA SER D 186 11.95 3.91 5.65
C SER D 186 10.49 3.98 5.24
N VAL D 187 9.95 2.82 4.88
CA VAL D 187 8.54 2.72 4.50
C VAL D 187 7.85 1.70 5.37
N ILE D 188 6.73 2.10 5.96
CA ILE D 188 5.95 1.23 6.82
C ILE D 188 4.64 0.95 6.13
N SER D 189 4.39 -0.31 5.81
CA SER D 189 3.19 -0.69 5.10
C SER D 189 2.04 -1.08 5.99
N VAL D 190 0.84 -0.66 5.58
CA VAL D 190 -0.41 -0.95 6.28
C VAL D 190 -1.43 -1.31 5.21
N THR D 191 -2.35 -2.20 5.52
CA THR D 191 -3.35 -2.58 4.55
C THR D 191 -4.68 -2.03 5.03
N PRO D 192 -5.49 -1.48 4.13
CA PRO D 192 -6.80 -0.91 4.47
C PRO D 192 -7.63 -1.81 5.40
N GLY D 193 -8.27 -1.19 6.39
CA GLY D 193 -9.10 -1.93 7.31
C GLY D 193 -8.39 -2.70 8.41
N LYS D 194 -7.06 -2.77 8.34
CA LYS D 194 -6.31 -3.49 9.37
C LYS D 194 -5.78 -2.59 10.47
N ARG D 195 -5.74 -3.17 11.66
CA ARG D 195 -5.27 -2.50 12.87
C ARG D 195 -3.86 -3.03 13.15
N TYR D 196 -2.95 -2.14 13.49
CA TYR D 196 -1.56 -2.53 13.75
C TYR D 196 -1.06 -2.10 15.10
N ARG D 197 -0.34 -3.00 15.77
CA ARG D 197 0.22 -2.65 17.05
C ARG D 197 1.64 -2.20 16.75
N PHE D 198 1.83 -0.88 16.63
CA PHE D 198 3.17 -0.37 16.36
C PHE D 198 3.94 -0.23 17.67
N ARG D 199 5.18 -0.68 17.68
CA ARG D 199 6.01 -0.61 18.87
C ARG D 199 7.08 0.45 18.68
N LEU D 200 6.82 1.62 19.25
CA LEU D 200 7.70 2.78 19.16
C LEU D 200 8.78 2.73 20.24
N VAL D 201 10.04 2.67 19.81
CA VAL D 201 11.16 2.60 20.73
C VAL D 201 12.21 3.67 20.46
N SER D 202 12.60 4.39 21.50
CA SER D 202 13.63 5.38 21.33
C SER D 202 14.98 4.79 21.71
N LEU D 203 15.89 4.73 20.73
CA LEU D 203 17.23 4.21 20.95
C LEU D 203 18.14 5.45 20.99
N SER D 204 17.52 6.60 21.27
CA SER D 204 18.24 7.86 21.32
C SER D 204 19.31 7.99 22.42
N CYS D 205 20.36 8.74 22.06
CA CYS D 205 21.46 9.05 23.00
C CYS D 205 21.21 10.41 23.71
N ASP D 206 20.42 11.32 23.11
CA ASP D 206 20.12 12.65 23.68
C ASP D 206 18.66 13.13 23.33
N PRO D 207 18.32 13.20 22.01
CA PRO D 207 17.00 13.73 21.58
C PRO D 207 15.76 13.18 22.20
N ASN D 208 14.76 14.01 22.38
CA ASN D 208 13.49 13.43 22.69
C ASN D 208 12.73 13.72 21.41
N TYR D 209 11.77 12.91 21.05
CA TYR D 209 11.09 13.15 19.80
C TYR D 209 9.58 13.35 19.99
N THR D 210 9.02 14.24 19.21
CA THR D 210 7.59 14.49 19.12
C THR D 210 7.19 13.67 17.91
N PHE D 211 6.57 12.52 18.16
CA PHE D 211 6.17 11.61 17.11
C PHE D 211 4.71 11.76 16.69
N SER D 212 4.47 11.84 15.39
CA SER D 212 3.11 11.95 14.88
C SER D 212 3.01 11.38 13.47
N ILE D 213 1.77 11.05 13.07
CA ILE D 213 1.49 10.51 11.75
C ILE D 213 0.35 11.29 11.09
N ASP D 214 0.64 11.98 9.99
CA ASP D 214 -0.38 12.76 9.32
C ASP D 214 -1.66 11.99 9.06
N GLY D 215 -2.80 12.61 9.39
CA GLY D 215 -4.11 12.01 9.19
C GLY D 215 -4.51 10.84 10.07
N HIS D 216 -3.67 10.45 11.03
CA HIS D 216 -3.98 9.31 11.88
C HIS D 216 -3.89 9.56 13.37
N ASN D 217 -4.73 8.85 14.12
CA ASN D 217 -4.72 8.96 15.57
C ASN D 217 -3.93 7.76 16.06
N MET D 218 -3.68 7.67 17.36
CA MET D 218 -2.92 6.55 17.91
C MET D 218 -3.43 6.17 19.31
N THR D 219 -3.76 4.90 19.50
CA THR D 219 -4.26 4.44 20.80
C THR D 219 -3.16 3.72 21.56
N ILE D 220 -2.63 4.39 22.57
CA ILE D 220 -1.56 3.83 23.39
C ILE D 220 -2.07 2.67 24.23
N ILE D 221 -1.36 1.54 24.17
CA ILE D 221 -1.74 0.37 24.94
C ILE D 221 -0.57 -0.18 25.76
N GLU D 222 0.57 0.52 25.72
CA GLU D 222 1.75 0.13 26.48
C GLU D 222 2.73 1.27 26.67
N THR D 223 3.29 1.38 27.86
CA THR D 223 4.30 2.41 28.12
C THR D 223 5.44 1.76 28.90
N ASP D 224 6.64 1.81 28.32
CA ASP D 224 7.83 1.24 28.93
C ASP D 224 7.60 -0.19 29.42
N SER D 225 6.97 -1.01 28.59
CA SER D 225 6.71 -2.41 28.94
C SER D 225 5.53 -2.66 29.86
N ILE D 226 4.85 -1.60 30.31
CA ILE D 226 3.69 -1.81 31.17
C ILE D 226 2.36 -1.67 30.42
N ASN D 227 1.51 -2.69 30.50
CA ASN D 227 0.21 -2.61 29.83
C ASN D 227 -0.52 -1.39 30.35
N THR D 228 -1.02 -0.59 29.41
CA THR D 228 -1.69 0.66 29.73
C THR D 228 -3.14 0.71 29.28
N ALA D 229 -3.99 1.38 30.06
CA ALA D 229 -5.38 1.52 29.68
C ALA D 229 -5.37 2.26 28.33
N PRO D 230 -6.20 1.82 27.37
CA PRO D 230 -6.21 2.49 26.06
C PRO D 230 -6.39 4.01 26.17
N LEU D 231 -5.52 4.74 25.49
CA LEU D 231 -5.56 6.20 25.46
C LEU D 231 -5.40 6.68 24.02
N VAL D 232 -6.41 7.37 23.51
CA VAL D 232 -6.36 7.87 22.15
C VAL D 232 -5.53 9.15 22.12
N VAL D 233 -4.51 9.16 21.28
CA VAL D 233 -3.60 10.28 21.19
C VAL D 233 -3.33 10.81 19.78
N ASP D 234 -2.97 12.09 19.75
CA ASP D 234 -2.68 12.87 18.54
C ASP D 234 -1.20 12.83 18.17
N SER D 235 -0.35 12.94 19.18
CA SER D 235 1.08 12.91 19.01
C SER D 235 1.73 12.39 20.30
N ILE D 236 2.96 11.89 20.17
CA ILE D 236 3.64 11.35 21.33
C ILE D 236 5.01 11.96 21.48
N GLN D 237 5.30 12.48 22.68
CA GLN D 237 6.62 13.02 22.93
C GLN D 237 7.33 11.90 23.67
N ILE D 238 8.30 11.29 23.01
CA ILE D 238 9.02 10.17 23.59
C ILE D 238 10.46 10.54 23.89
N PHE D 239 10.88 10.33 25.12
CA PHE D 239 12.25 10.64 25.52
C PHE D 239 13.16 9.43 25.31
N ALA D 240 14.46 9.67 25.41
CA ALA D 240 15.47 8.63 25.22
C ALA D 240 15.17 7.37 26.04
N ALA D 241 15.21 6.22 25.36
CA ALA D 241 14.99 4.92 25.96
C ALA D 241 13.54 4.54 26.26
N GLN D 242 12.61 5.47 26.13
CA GLN D 242 11.21 5.15 26.40
C GLN D 242 10.64 4.29 25.27
N ARG D 243 9.45 3.73 25.52
CA ARG D 243 8.75 2.90 24.54
C ARG D 243 7.25 3.11 24.71
N TYR D 244 6.52 2.89 23.63
CA TYR D 244 5.07 2.99 23.63
C TYR D 244 4.55 2.08 22.53
N SER D 245 3.54 1.32 22.83
CA SER D 245 2.90 0.52 21.83
C SER D 245 1.61 1.32 21.52
N PHE D 246 1.30 1.58 20.28
CA PHE D 246 0.08 2.30 19.98
C PHE D 246 -0.58 1.58 18.82
N VAL D 247 -1.91 1.55 18.83
CA VAL D 247 -2.63 0.88 17.77
C VAL D 247 -3.08 1.89 16.74
N LEU D 248 -2.83 1.56 15.48
CA LEU D 248 -3.21 2.44 14.39
C LEU D 248 -4.08 1.65 13.43
N GLU D 249 -5.23 2.22 13.08
CA GLU D 249 -6.16 1.60 12.13
C GLU D 249 -5.96 2.23 10.77
N ALA D 250 -5.62 1.41 9.77
CA ALA D 250 -5.46 1.93 8.42
C ALA D 250 -6.86 2.18 7.87
N ASN D 251 -7.50 3.24 8.39
CA ASN D 251 -8.87 3.60 7.99
C ASN D 251 -8.97 4.86 7.14
N GLN D 252 -7.83 5.44 6.78
CA GLN D 252 -7.85 6.64 5.96
C GLN D 252 -7.75 6.25 4.49
N ALA D 253 -7.87 7.24 3.60
CA ALA D 253 -7.80 6.95 2.17
C ALA D 253 -6.44 6.34 1.81
N VAL D 254 -6.46 5.36 0.90
CA VAL D 254 -5.23 4.73 0.46
C VAL D 254 -4.34 5.86 -0.06
N ASP D 255 -3.17 6.03 0.55
CA ASP D 255 -2.25 7.09 0.15
C ASP D 255 -0.95 6.94 0.96
N ASN D 256 -0.03 7.88 0.74
CA ASN D 256 1.25 7.91 1.44
C ASN D 256 1.13 9.00 2.51
N TYR D 257 1.49 8.70 3.76
CA TYR D 257 1.40 9.70 4.82
C TYR D 257 2.75 9.89 5.52
N TRP D 258 3.10 11.14 5.81
CA TRP D 258 4.35 11.44 6.48
C TRP D 258 4.32 10.97 7.95
N ILE D 259 5.40 10.31 8.35
CA ILE D 259 5.56 9.84 9.72
C ILE D 259 6.65 10.77 10.22
N ARG D 260 6.31 11.60 11.21
CA ARG D 260 7.23 12.59 11.75
C ARG D 260 7.79 12.29 13.14
N ALA D 261 9.09 12.56 13.29
CA ALA D 261 9.77 12.35 14.58
C ALA D 261 10.66 13.60 14.73
N ASN D 262 10.06 14.68 15.24
CA ASN D 262 10.75 15.94 15.38
C ASN D 262 11.53 16.04 16.70
N PRO D 263 12.86 16.15 16.63
CA PRO D 263 13.70 16.25 17.83
C PRO D 263 13.60 17.62 18.53
N ASN D 264 13.86 17.64 19.82
CA ASN D 264 13.77 18.89 20.56
C ASN D 264 14.87 19.90 20.19
N PHE D 265 15.98 19.42 19.64
CA PHE D 265 17.06 20.29 19.21
C PHE D 265 17.91 19.62 18.13
N GLY D 266 18.74 20.40 17.44
CA GLY D 266 19.55 19.86 16.36
C GLY D 266 18.91 20.31 15.06
N ASN D 267 18.70 19.40 14.10
CA ASN D 267 18.06 19.78 12.85
C ASN D 267 16.56 19.51 13.02
N VAL D 268 15.83 20.55 13.42
CA VAL D 268 14.39 20.41 13.62
C VAL D 268 13.62 20.76 12.34
N GLY D 269 12.36 20.38 12.30
CA GLY D 269 11.58 20.66 11.12
C GLY D 269 11.55 19.49 10.19
N PHE D 270 11.01 19.69 8.98
CA PHE D 270 10.90 18.62 8.01
C PHE D 270 11.31 19.00 6.58
N THR D 271 12.05 20.10 6.45
CA THR D 271 12.51 20.55 5.14
C THR D 271 13.35 19.45 4.47
N GLY D 272 13.01 19.14 3.22
CA GLY D 272 13.75 18.13 2.48
C GLY D 272 13.42 16.73 2.93
N GLY D 273 12.44 16.63 3.82
CA GLY D 273 12.02 15.33 4.30
C GLY D 273 12.79 14.75 5.48
N ILE D 274 13.64 15.55 6.12
CA ILE D 274 14.39 15.05 7.27
C ILE D 274 13.41 14.76 8.41
N ASN D 275 13.88 14.03 9.43
CA ASN D 275 13.06 13.69 10.59
C ASN D 275 11.76 13.03 10.16
N SER D 276 11.80 12.30 9.03
CA SER D 276 10.60 11.69 8.51
C SER D 276 10.71 10.24 8.01
N ALA D 277 9.56 9.61 7.82
CA ALA D 277 9.44 8.25 7.30
C ALA D 277 8.13 8.16 6.53
N ILE D 278 7.83 7.01 5.94
CA ILE D 278 6.61 6.89 5.15
C ILE D 278 5.62 5.79 5.54
N LEU D 279 4.38 6.24 5.73
CA LEU D 279 3.29 5.32 5.99
C LEU D 279 2.63 5.09 4.64
N ARG D 280 2.75 3.87 4.09
CA ARG D 280 2.18 3.60 2.78
C ARG D 280 1.07 2.56 2.74
N TYR D 281 -0.13 2.99 2.40
CA TYR D 281 -1.25 2.08 2.29
C TYR D 281 -1.03 1.19 1.06
N ASP D 282 -1.40 -0.09 1.15
CA ASP D 282 -1.27 -0.98 -0.01
C ASP D 282 -2.08 -0.30 -1.12
N GLY D 283 -1.51 -0.22 -2.31
CA GLY D 283 -2.20 0.39 -3.41
C GLY D 283 -1.68 1.78 -3.67
N ALA D 284 -1.04 2.37 -2.66
CA ALA D 284 -0.49 3.71 -2.83
C ALA D 284 0.77 3.61 -3.66
N ALA D 285 1.03 4.64 -4.45
CA ALA D 285 2.21 4.66 -5.32
C ALA D 285 3.49 4.80 -4.51
N ALA D 286 4.60 4.35 -5.06
CA ALA D 286 5.87 4.46 -4.35
C ALA D 286 6.38 5.88 -4.65
N VAL D 287 5.91 6.85 -3.87
CA VAL D 287 6.32 8.24 -4.01
C VAL D 287 6.35 8.83 -2.61
N GLU D 288 6.92 10.02 -2.47
CA GLU D 288 6.96 10.65 -1.15
C GLU D 288 5.59 11.20 -0.86
N PRO D 289 5.23 11.33 0.43
CA PRO D 289 3.90 11.87 0.74
C PRO D 289 3.88 13.39 0.47
N THR D 290 2.71 13.98 0.55
CA THR D 290 2.54 15.41 0.36
C THR D 290 1.43 15.83 1.32
N THR D 291 1.14 14.97 2.28
CA THR D 291 0.11 15.26 3.27
C THR D 291 0.71 16.34 4.18
N THR D 292 -0.14 17.17 4.76
CA THR D 292 0.36 18.22 5.63
C THR D 292 0.14 17.90 7.09
N GLN D 293 1.06 18.38 7.93
CA GLN D 293 0.95 18.16 9.36
C GLN D 293 -0.10 19.12 9.92
N THR D 294 -0.95 18.63 10.80
CA THR D 294 -1.98 19.45 11.41
C THR D 294 -1.67 19.63 12.90
N THR D 295 -2.33 20.59 13.53
CA THR D 295 -2.10 20.84 14.94
C THR D 295 -2.52 19.65 15.79
N SER D 296 -1.72 19.36 16.81
CA SER D 296 -2.02 18.27 17.73
C SER D 296 -3.02 18.75 18.78
N THR D 297 -4.18 18.11 18.84
CA THR D 297 -5.22 18.48 19.80
C THR D 297 -5.39 17.45 20.91
N ALA D 298 -4.64 16.35 20.83
CA ALA D 298 -4.71 15.30 21.84
C ALA D 298 -3.29 14.81 22.16
N PRO D 299 -2.38 15.73 22.51
CA PRO D 299 -1.00 15.34 22.83
C PRO D 299 -0.99 14.33 23.97
N LEU D 300 -0.06 13.40 23.93
CA LEU D 300 0.07 12.44 25.01
C LEU D 300 0.54 13.24 26.22
N ASN D 301 -0.02 12.91 27.39
CA ASN D 301 0.41 13.54 28.62
C ASN D 301 0.55 12.39 29.59
N GLU D 302 1.77 12.15 30.05
CA GLU D 302 2.04 11.04 30.98
C GLU D 302 0.95 10.91 32.05
N VAL D 303 0.51 12.05 32.57
CA VAL D 303 -0.52 12.09 33.60
C VAL D 303 -1.78 11.36 33.18
N ASN D 304 -2.03 11.24 31.87
CA ASN D 304 -3.22 10.58 31.39
C ASN D 304 -3.04 9.06 31.24
N LEU D 305 -1.82 8.58 31.50
CA LEU D 305 -1.50 7.17 31.39
C LEU D 305 -1.78 6.41 32.69
N HIS D 306 -2.50 5.30 32.57
CA HIS D 306 -2.79 4.46 33.73
C HIS D 306 -2.59 3.01 33.42
N PRO D 307 -2.10 2.23 34.39
CA PRO D 307 -1.88 0.80 34.17
C PRO D 307 -3.17 0.13 33.71
N LEU D 308 -3.07 -0.87 32.84
CA LEU D 308 -4.27 -1.56 32.39
C LEU D 308 -4.86 -2.29 33.60
N VAL D 309 -3.98 -2.91 34.37
CA VAL D 309 -4.39 -3.64 35.57
C VAL D 309 -4.13 -2.81 36.82
N ALA D 310 -5.08 -2.85 37.75
CA ALA D 310 -4.94 -2.08 39.00
C ALA D 310 -3.62 -2.45 39.65
N THR D 311 -2.77 -1.46 39.90
CA THR D 311 -1.47 -1.70 40.49
C THR D 311 -1.21 -0.67 41.58
N ALA D 312 -1.16 -1.15 42.83
CA ALA D 312 -0.96 -0.27 43.96
C ALA D 312 0.37 0.44 44.00
N VAL D 313 0.32 1.72 44.33
CA VAL D 313 1.53 2.54 44.45
C VAL D 313 2.18 2.15 45.77
N PRO D 314 3.47 1.77 45.74
CA PRO D 314 4.11 1.40 47.01
C PRO D 314 4.06 2.51 48.06
N GLY D 315 3.96 2.10 49.32
CA GLY D 315 3.92 3.07 50.41
C GLY D 315 2.52 3.57 50.73
N SER D 316 2.47 4.79 51.27
CA SER D 316 1.20 5.41 51.65
C SER D 316 0.95 6.69 50.88
N PRO D 317 -0.34 6.99 50.60
CA PRO D 317 -0.81 8.16 49.87
C PRO D 317 -0.53 9.50 50.54
N VAL D 318 0.74 9.73 50.88
CA VAL D 318 1.19 10.98 51.49
C VAL D 318 2.64 11.19 51.08
N ALA D 319 3.08 12.44 51.01
CA ALA D 319 4.46 12.73 50.65
C ALA D 319 5.36 12.06 51.69
N GLY D 320 6.38 11.37 51.22
CA GLY D 320 7.28 10.70 52.13
C GLY D 320 6.68 9.47 52.82
N GLY D 321 5.39 9.22 52.62
CA GLY D 321 4.77 8.07 53.24
C GLY D 321 5.39 6.78 52.72
N VAL D 322 6.68 6.63 52.97
CA VAL D 322 7.42 5.49 52.47
C VAL D 322 8.55 5.13 53.46
N ASP D 323 9.14 3.95 53.28
CA ASP D 323 10.22 3.49 54.16
C ASP D 323 11.47 4.32 54.03
N LEU D 324 11.92 4.53 52.80
CA LEU D 324 13.12 5.31 52.53
C LEU D 324 12.87 6.33 51.42
N ALA D 325 13.07 7.61 51.73
CA ALA D 325 12.86 8.65 50.73
C ALA D 325 14.17 9.35 50.44
N ILE D 326 14.45 9.56 49.16
CA ILE D 326 15.70 10.22 48.79
C ILE D 326 15.45 11.28 47.72
N ASN D 327 16.06 12.45 47.91
CA ASN D 327 15.96 13.54 46.97
C ASN D 327 17.29 13.69 46.24
N MET D 328 17.21 13.78 44.94
CA MET D 328 18.38 13.92 44.10
C MET D 328 18.52 15.41 43.78
N ALA D 329 19.34 16.11 44.52
CA ALA D 329 19.64 17.47 44.13
C ALA D 329 20.76 17.40 43.08
N PHE D 330 20.43 17.92 41.90
CA PHE D 330 21.16 17.99 40.62
C PHE D 330 22.20 19.12 40.51
N ASN D 331 23.38 18.92 39.84
CA ASN D 331 24.37 20.02 39.71
C ASN D 331 25.32 19.84 38.50
N PHE D 332 25.98 20.92 38.11
CA PHE D 332 26.87 20.95 36.95
C PHE D 332 27.90 22.04 37.14
N ASN D 333 29.14 21.66 36.93
CA ASN D 333 30.21 22.61 37.04
C ASN D 333 30.91 22.70 35.71
N GLY D 334 30.14 22.62 34.67
CA GLY D 334 30.64 22.78 33.33
C GLY D 334 30.71 21.51 32.50
N THR D 335 31.83 20.74 32.66
CA THR D 335 32.25 19.49 31.94
C THR D 335 31.73 18.17 32.50
N ASN D 336 31.27 18.24 33.76
CA ASN D 336 30.79 17.15 34.60
C ASN D 336 29.53 17.47 35.38
N PHE D 337 28.68 16.42 35.48
CA PHE D 337 27.40 16.41 36.17
C PHE D 337 27.51 15.90 37.60
N PHE D 338 26.58 16.31 38.44
CA PHE D 338 26.58 15.93 39.85
C PHE D 338 25.19 15.55 40.38
N ILE D 339 25.21 14.64 41.34
CA ILE D 339 24.00 14.20 42.01
C ILE D 339 24.35 14.14 43.51
N ASN D 340 23.75 15.03 44.29
CA ASN D 340 24.01 15.12 45.71
C ASN D 340 25.49 15.35 45.96
N GLY D 341 26.05 16.31 45.24
CA GLY D 341 27.45 16.65 45.39
C GLY D 341 28.47 15.64 44.88
N ALA D 342 28.00 14.65 44.13
CA ALA D 342 28.90 13.63 43.61
C ALA D 342 28.76 13.49 42.10
N SER D 343 29.89 13.28 41.44
CA SER D 343 29.92 13.10 40.01
C SER D 343 30.42 11.67 39.76
N PHE D 344 29.54 10.80 39.27
CA PHE D 344 29.93 9.42 39.01
C PHE D 344 31.15 9.24 38.13
N THR D 345 31.96 8.25 38.48
CA THR D 345 33.16 7.90 37.74
C THR D 345 33.37 6.40 37.98
N PRO D 346 33.32 5.60 36.90
CA PRO D 346 33.48 4.13 36.93
C PRO D 346 34.59 3.61 37.85
N PRO D 347 34.26 2.69 38.75
CA PRO D 347 35.30 2.15 39.64
C PRO D 347 36.05 1.07 38.85
N THR D 348 37.26 0.73 39.26
CA THR D 348 38.03 -0.29 38.55
C THR D 348 37.46 -1.69 38.77
N VAL D 349 36.94 -1.95 39.95
CA VAL D 349 36.33 -3.25 40.25
C VAL D 349 34.83 -3.05 40.14
N PRO D 350 34.16 -3.79 39.26
CA PRO D 350 32.71 -3.57 39.17
C PRO D 350 32.00 -3.74 40.51
N VAL D 351 31.00 -2.92 40.75
CA VAL D 351 30.26 -2.93 42.00
C VAL D 351 29.71 -4.31 42.41
N LEU D 352 29.28 -5.10 41.44
CA LEU D 352 28.74 -6.41 41.77
C LEU D 352 29.87 -7.25 42.35
N LEU D 353 31.06 -7.15 41.77
CA LEU D 353 32.22 -7.90 42.22
C LEU D 353 32.69 -7.40 43.58
N GLN D 354 32.61 -6.10 43.80
CA GLN D 354 33.01 -5.54 45.08
C GLN D 354 32.19 -6.19 46.18
N ILE D 355 30.87 -6.25 45.98
CA ILE D 355 29.96 -6.85 46.95
C ILE D 355 30.19 -8.37 47.11
N ILE D 356 30.40 -9.07 46.00
CA ILE D 356 30.64 -10.49 46.06
C ILE D 356 31.96 -10.75 46.80
N SER D 357 32.89 -9.83 46.67
CA SER D 357 34.19 -9.96 47.30
C SER D 357 34.23 -9.58 48.78
N GLY D 358 33.11 -9.10 49.30
CA GLY D 358 33.08 -8.74 50.71
C GLY D 358 32.49 -7.38 51.07
N ALA D 359 32.29 -6.51 50.09
CA ALA D 359 31.73 -5.19 50.36
C ALA D 359 30.50 -5.35 51.26
N GLN D 360 30.51 -4.67 52.39
CA GLN D 360 29.42 -4.77 53.36
C GLN D 360 28.42 -3.61 53.41
N ASN D 361 28.78 -2.45 52.87
CA ASN D 361 27.86 -1.32 52.89
C ASN D 361 28.23 -0.21 51.89
N ALA D 362 27.45 0.86 51.91
CA ALA D 362 27.66 1.98 51.01
C ALA D 362 29.04 2.60 51.19
N GLN D 363 29.47 2.74 52.45
CA GLN D 363 30.76 3.33 52.76
C GLN D 363 31.91 2.58 52.08
N ASP D 364 31.81 1.26 51.99
CA ASP D 364 32.86 0.48 51.35
C ASP D 364 32.81 0.58 49.83
N LEU D 365 31.63 0.35 49.26
CA LEU D 365 31.44 0.40 47.82
C LEU D 365 31.98 1.66 47.14
N LEU D 366 32.65 1.47 46.01
CA LEU D 366 33.21 2.58 45.23
C LEU D 366 32.44 2.72 43.92
N PRO D 367 32.35 3.94 43.38
CA PRO D 367 32.93 5.16 43.93
C PRO D 367 32.17 5.71 45.14
N SER D 368 32.91 6.35 46.04
CA SER D 368 32.34 6.91 47.24
C SER D 368 31.42 8.10 46.89
N GLY D 369 30.30 8.20 47.61
CA GLY D 369 29.35 9.28 47.38
C GLY D 369 28.35 9.03 46.26
N SER D 370 28.54 7.93 45.52
CA SER D 370 27.64 7.62 44.41
C SER D 370 26.84 6.36 44.66
N VAL D 371 27.05 5.75 45.82
CA VAL D 371 26.33 4.52 46.15
C VAL D 371 25.40 4.66 47.35
N TYR D 372 24.18 4.15 47.20
CA TYR D 372 23.19 4.21 48.28
C TYR D 372 22.74 2.81 48.65
N SER D 373 22.59 2.57 49.95
CA SER D 373 22.12 1.28 50.43
C SER D 373 20.62 1.31 50.42
N LEU D 374 20.02 0.21 49.99
CA LEU D 374 18.57 0.10 49.97
C LEU D 374 18.16 -1.19 50.66
N PRO D 375 17.34 -1.07 51.73
CA PRO D 375 16.88 -2.25 52.47
C PRO D 375 15.90 -3.04 51.62
N SER D 376 15.94 -4.35 51.72
CA SER D 376 15.05 -5.19 50.94
C SER D 376 13.61 -5.07 51.41
N ASN D 377 12.67 -5.50 50.57
CA ASN D 377 11.26 -5.46 50.88
C ASN D 377 10.86 -4.15 51.57
N ALA D 378 11.07 -3.04 50.88
CA ALA D 378 10.75 -1.73 51.43
C ALA D 378 10.24 -0.82 50.31
N ASP D 379 9.49 0.22 50.68
CA ASP D 379 8.96 1.15 49.70
C ASP D 379 9.91 2.32 49.58
N ILE D 380 10.23 2.69 48.34
CA ILE D 380 11.15 3.77 48.09
C ILE D 380 10.53 4.90 47.27
N GLU D 381 10.87 6.13 47.65
CA GLU D 381 10.37 7.30 46.95
C GLU D 381 11.57 8.19 46.63
N ILE D 382 11.70 8.55 45.36
CA ILE D 382 12.80 9.39 44.92
C ILE D 382 12.27 10.63 44.19
N SER D 383 12.92 11.76 44.42
CA SER D 383 12.50 13.01 43.79
C SER D 383 13.64 13.64 43.00
N PHE D 384 13.32 14.11 41.79
CA PHE D 384 14.29 14.73 40.90
C PHE D 384 13.93 16.20 40.63
N PRO D 385 14.15 17.08 41.62
CA PRO D 385 13.84 18.52 41.46
C PRO D 385 14.58 19.16 40.30
N ALA D 386 13.85 19.67 39.28
CA ALA D 386 14.45 20.36 38.16
C ALA D 386 15.17 21.61 38.72
N THR D 387 16.43 21.80 38.40
CA THR D 387 17.24 22.91 38.88
C THR D 387 18.14 23.30 37.71
N ALA D 388 18.05 24.58 37.29
CA ALA D 388 18.84 25.09 36.16
C ALA D 388 20.37 24.88 36.37
N ALA D 389 20.77 24.41 37.54
CA ALA D 389 22.17 24.13 37.83
C ALA D 389 22.59 22.97 36.95
N ALA D 390 21.61 22.26 36.40
CA ALA D 390 21.89 21.11 35.54
C ALA D 390 21.37 21.35 34.13
N PRO D 391 22.22 21.88 33.23
CA PRO D 391 21.85 22.15 31.84
C PRO D 391 21.52 20.88 31.07
N GLY D 392 20.67 20.98 30.06
CA GLY D 392 20.33 19.82 29.27
C GLY D 392 18.94 19.27 29.50
N ALA D 393 18.16 19.95 30.34
CA ALA D 393 16.80 19.51 30.63
C ALA D 393 15.98 19.48 29.35
N PRO D 394 14.95 18.62 29.29
CA PRO D 394 14.53 17.71 30.36
C PRO D 394 15.38 16.43 30.42
N HIS D 395 15.85 16.08 31.60
CA HIS D 395 16.68 14.89 31.78
C HIS D 395 15.84 13.64 32.01
N PRO D 396 15.88 12.69 31.08
CA PRO D 396 15.11 11.45 31.22
C PRO D 396 15.89 10.52 32.14
N PHE D 397 15.40 10.28 33.37
CA PHE D 397 16.12 9.39 34.28
C PHE D 397 15.63 7.96 34.21
N HIS D 398 16.58 7.04 34.32
CA HIS D 398 16.28 5.64 34.23
C HIS D 398 16.76 4.81 35.42
N LEU D 399 15.94 3.85 35.83
CA LEU D 399 16.27 2.99 36.96
C LEU D 399 16.37 1.55 36.45
N HIS D 400 17.45 0.88 36.81
CA HIS D 400 17.65 -0.51 36.43
C HIS D 400 17.00 -1.46 37.43
N GLY D 401 16.69 -2.67 36.96
CA GLY D 401 16.10 -3.70 37.82
C GLY D 401 14.67 -3.54 38.33
N HIS D 402 14.06 -2.40 38.05
CA HIS D 402 12.70 -2.17 38.50
C HIS D 402 11.93 -1.27 37.55
N ALA D 403 10.63 -1.34 37.66
CA ALA D 403 9.71 -0.44 36.98
C ALA D 403 9.23 0.44 38.15
N PHE D 404 9.06 1.74 37.91
CA PHE D 404 8.63 2.58 39.02
C PHE D 404 7.31 3.28 38.76
N ALA D 405 6.67 3.72 39.83
CA ALA D 405 5.40 4.42 39.73
C ALA D 405 5.72 5.92 39.66
N VAL D 406 5.16 6.62 38.69
CA VAL D 406 5.41 8.06 38.58
C VAL D 406 4.31 8.80 39.33
N VAL D 407 4.51 9.01 40.63
CA VAL D 407 3.51 9.71 41.43
C VAL D 407 3.32 11.17 41.02
N ARG D 408 4.37 11.78 40.49
CA ARG D 408 4.28 13.16 40.00
C ARG D 408 5.06 13.31 38.68
N SER D 409 4.35 13.68 37.62
CA SER D 409 4.96 13.82 36.29
C SER D 409 5.45 15.23 35.97
N ALA D 410 6.35 15.31 35.00
CA ALA D 410 6.89 16.60 34.57
C ALA D 410 5.73 17.42 34.02
N GLY D 411 5.77 18.72 34.27
CA GLY D 411 4.73 19.61 33.79
C GLY D 411 3.41 19.48 34.53
N SER D 412 3.47 18.93 35.73
CA SER D 412 2.27 18.74 36.55
C SER D 412 2.60 18.91 38.03
N THR D 413 1.65 19.44 38.80
CA THR D 413 1.87 19.65 40.23
C THR D 413 1.07 18.62 41.03
N VAL D 414 0.47 17.67 40.33
CA VAL D 414 -0.33 16.64 40.97
C VAL D 414 0.47 15.46 41.49
N TYR D 415 0.02 14.88 42.60
CA TYR D 415 0.66 13.71 43.18
C TYR D 415 -0.39 12.60 43.14
N ASN D 416 -0.22 11.64 42.24
CA ASN D 416 -1.18 10.55 42.11
C ASN D 416 -0.70 9.30 42.86
N TYR D 417 -1.34 9.00 43.98
CA TYR D 417 -0.99 7.84 44.79
C TYR D 417 -1.92 6.66 44.53
N ASP D 418 -2.89 6.85 43.64
CA ASP D 418 -3.85 5.79 43.34
C ASP D 418 -3.84 5.19 41.92
N ASN D 419 -3.61 6.04 40.92
CA ASN D 419 -3.66 5.62 39.53
C ASN D 419 -2.44 5.84 38.59
N PRO D 420 -1.28 6.23 39.13
CA PRO D 420 -0.12 6.46 38.25
C PRO D 420 0.43 5.28 37.48
N ILE D 421 0.88 5.53 36.24
CA ILE D 421 1.47 4.47 35.45
C ILE D 421 2.82 4.10 36.03
N PHE D 422 3.29 2.94 35.63
CA PHE D 422 4.60 2.45 36.02
C PHE D 422 5.40 2.44 34.73
N ARG D 423 6.69 2.70 34.84
CA ARG D 423 7.57 2.72 33.68
C ARG D 423 9.02 2.73 34.18
N ASP D 424 9.98 2.66 33.27
CA ASP D 424 11.37 2.65 33.72
C ASP D 424 12.19 3.86 33.31
N VAL D 425 11.63 4.72 32.46
CA VAL D 425 12.29 5.95 32.05
C VAL D 425 11.30 7.10 32.22
N VAL D 426 11.71 8.15 32.93
CA VAL D 426 10.83 9.29 33.15
C VAL D 426 11.51 10.66 33.00
N SER D 427 10.83 11.56 32.30
CA SER D 427 11.33 12.92 32.10
C SER D 427 11.22 13.65 33.45
N THR D 428 12.32 14.25 33.90
CA THR D 428 12.30 14.98 35.15
C THR D 428 11.95 16.46 34.95
N GLY D 429 11.28 16.73 33.83
CA GLY D 429 10.88 18.09 33.52
C GLY D 429 11.97 19.13 33.45
N THR D 430 11.59 20.38 33.72
CA THR D 430 12.52 21.52 33.67
C THR D 430 12.13 22.59 34.72
N PRO D 431 13.09 23.49 35.07
CA PRO D 431 12.90 24.67 36.06
C PRO D 431 11.90 25.81 35.93
N ALA D 432 11.34 26.13 34.77
CA ALA D 432 10.43 27.25 34.81
C ALA D 432 9.05 26.78 35.19
N ALA D 433 8.92 25.46 35.12
CA ALA D 433 7.67 24.78 35.40
C ALA D 433 7.69 24.35 36.86
N GLY D 434 8.84 24.56 37.50
CA GLY D 434 9.01 24.19 38.90
C GLY D 434 8.79 22.69 39.10
N ASP D 435 9.10 21.90 38.08
CA ASP D 435 8.93 20.45 38.17
C ASP D 435 9.63 19.81 39.34
N ASN D 436 9.11 18.67 39.76
CA ASN D 436 9.69 17.95 40.88
C ASN D 436 9.28 16.49 40.76
N VAL D 437 9.44 15.96 39.55
CA VAL D 437 9.10 14.58 39.24
C VAL D 437 9.49 13.68 40.41
N THR D 438 8.54 12.83 40.81
CA THR D 438 8.76 11.93 41.93
C THR D 438 8.30 10.51 41.60
N ILE D 439 9.12 9.53 41.96
CA ILE D 439 8.80 8.14 41.67
C ILE D 439 8.90 7.26 42.89
N ARG D 440 8.29 6.07 42.78
CA ARG D 440 8.31 5.10 43.85
C ARG D 440 8.47 3.68 43.32
N PHE D 441 9.14 2.86 44.11
CA PHE D 441 9.31 1.45 43.77
C PHE D 441 9.59 0.63 45.03
N ARG D 442 9.32 -0.67 44.97
CA ARG D 442 9.55 -1.58 46.09
C ARG D 442 10.83 -2.36 45.82
N THR D 443 11.69 -2.49 46.82
CA THR D 443 12.93 -3.22 46.63
C THR D 443 12.66 -4.71 46.64
N ASP D 444 12.38 -5.26 45.46
CA ASP D 444 12.07 -6.68 45.33
C ASP D 444 13.10 -7.43 44.47
N ASN D 445 14.24 -6.79 44.21
CA ASN D 445 15.29 -7.40 43.39
C ASN D 445 16.68 -7.08 43.96
N PRO D 446 17.23 -8.01 44.75
CA PRO D 446 18.56 -7.83 45.36
C PRO D 446 19.69 -7.65 44.36
N GLY D 447 20.57 -6.69 44.63
CA GLY D 447 21.70 -6.44 43.73
C GLY D 447 21.98 -4.98 43.47
N PRO D 448 23.14 -4.66 42.85
CA PRO D 448 23.49 -3.27 42.54
C PRO D 448 22.81 -2.84 41.23
N TRP D 449 22.09 -1.73 41.28
CA TRP D 449 21.37 -1.22 40.11
C TRP D 449 21.72 0.24 39.80
N PHE D 450 21.87 0.53 38.52
CA PHE D 450 22.20 1.88 38.07
C PHE D 450 20.96 2.76 38.04
N LEU D 451 21.16 4.05 38.28
CA LEU D 451 20.11 5.05 38.22
C LEU D 451 20.84 6.22 37.59
N HIS D 452 20.40 6.63 36.40
CA HIS D 452 21.08 7.71 35.70
C HIS D 452 20.23 8.36 34.63
N CYS D 453 20.75 9.45 34.10
CA CYS D 453 20.07 10.15 33.04
C CYS D 453 20.35 9.33 31.80
N HIS D 454 19.33 9.18 30.95
CA HIS D 454 19.56 8.36 29.76
C HIS D 454 20.06 9.14 28.55
N ILE D 455 20.46 10.37 28.78
CA ILE D 455 21.13 11.15 27.76
C ILE D 455 22.59 10.70 27.93
N ASP D 456 22.99 9.74 27.15
CA ASP D 456 24.31 9.14 27.26
C ASP D 456 25.47 10.11 27.49
N PHE D 457 25.47 11.25 26.80
CA PHE D 457 26.52 12.24 26.96
C PHE D 457 26.58 12.78 28.39
N HIS D 458 25.44 12.74 29.09
CA HIS D 458 25.38 13.21 30.46
C HIS D 458 25.80 12.09 31.40
N LEU D 459 25.50 10.85 31.01
CA LEU D 459 25.87 9.70 31.82
C LEU D 459 27.39 9.66 31.80
N GLU D 460 27.95 9.81 30.60
CA GLU D 460 29.39 9.80 30.42
C GLU D 460 30.07 10.89 31.27
N ALA D 461 29.33 11.95 31.56
CA ALA D 461 29.87 13.05 32.35
C ALA D 461 29.59 12.93 33.84
N GLY D 462 29.21 11.74 34.29
CA GLY D 462 28.97 11.51 35.71
C GLY D 462 27.58 11.71 36.30
N PHE D 463 26.59 11.98 35.45
CA PHE D 463 25.22 12.19 35.91
C PHE D 463 24.55 10.86 36.26
N ALA D 464 25.10 10.16 37.24
CA ALA D 464 24.55 8.88 37.64
C ALA D 464 24.77 8.55 39.11
N VAL D 465 24.09 7.50 39.56
CA VAL D 465 24.18 7.04 40.92
C VAL D 465 23.93 5.55 40.89
N VAL D 466 24.34 4.86 41.94
CA VAL D 466 24.15 3.42 42.05
C VAL D 466 23.36 3.07 43.32
N PHE D 467 22.44 2.13 43.19
CA PHE D 467 21.65 1.67 44.32
C PHE D 467 22.09 0.26 44.66
N ALA D 468 22.70 0.09 45.82
CA ALA D 468 23.13 -1.23 46.25
C ALA D 468 21.94 -1.76 47.04
N GLU D 469 21.09 -2.53 46.37
CA GLU D 469 19.87 -3.08 46.97
C GLU D 469 20.08 -4.37 47.73
N ASP D 470 19.75 -4.35 49.02
CA ASP D 470 19.86 -5.53 49.89
C ASP D 470 21.21 -6.23 49.72
N ILE D 471 22.27 -5.53 50.12
CA ILE D 471 23.64 -6.04 50.00
C ILE D 471 23.83 -7.46 50.54
N PRO D 472 23.28 -7.78 51.72
CA PRO D 472 23.45 -9.13 52.26
C PRO D 472 23.01 -10.25 51.34
N ASP D 473 21.83 -10.12 50.72
CA ASP D 473 21.31 -11.17 49.83
C ASP D 473 21.92 -11.14 48.42
N VAL D 474 22.64 -10.07 48.09
CA VAL D 474 23.22 -9.91 46.75
C VAL D 474 24.00 -11.10 46.19
N ALA D 475 25.10 -11.48 46.84
CA ALA D 475 25.93 -12.59 46.38
C ALA D 475 25.17 -13.91 46.21
N SER D 476 24.34 -14.25 47.20
CA SER D 476 23.56 -15.48 47.16
C SER D 476 22.44 -15.43 46.11
N ALA D 477 21.79 -14.27 46.02
CA ALA D 477 20.70 -14.11 45.06
C ALA D 477 21.16 -14.14 43.62
N ASN D 478 22.40 -13.71 43.35
CA ASN D 478 22.91 -13.68 41.98
C ASN D 478 24.13 -14.55 41.65
N PRO D 479 23.95 -15.89 41.59
CA PRO D 479 25.08 -16.77 41.26
C PRO D 479 25.69 -16.34 39.93
N VAL D 480 27.02 -16.23 39.89
CA VAL D 480 27.70 -15.80 38.66
C VAL D 480 28.48 -16.92 37.94
N PRO D 481 28.25 -17.05 36.63
CA PRO D 481 28.93 -18.07 35.82
C PRO D 481 30.42 -17.77 35.69
N GLN D 482 31.21 -18.82 35.47
CA GLN D 482 32.67 -18.70 35.32
C GLN D 482 33.07 -17.59 34.33
N ALA D 483 32.42 -17.57 33.17
CA ALA D 483 32.71 -16.57 32.15
C ALA D 483 32.65 -15.14 32.70
N TRP D 484 31.73 -14.89 33.62
CA TRP D 484 31.59 -13.57 34.23
C TRP D 484 32.78 -13.27 35.12
N SER D 485 33.21 -14.25 35.90
CA SER D 485 34.33 -14.06 36.80
C SER D 485 35.66 -13.94 36.04
N ASP D 486 35.65 -14.28 34.76
CA ASP D 486 36.86 -14.17 33.94
C ASP D 486 36.94 -12.81 33.25
N LEU D 487 35.79 -12.17 33.06
CA LEU D 487 35.71 -10.86 32.39
C LEU D 487 36.76 -9.82 32.85
N CYS D 488 36.79 -9.54 34.15
CA CYS D 488 37.73 -8.57 34.67
C CYS D 488 39.21 -8.90 34.47
N PRO D 489 39.61 -10.15 34.77
CA PRO D 489 41.02 -10.49 34.58
C PRO D 489 41.51 -10.27 33.16
N THR D 490 40.68 -10.68 32.20
CA THR D 490 41.02 -10.54 30.79
C THR D 490 40.95 -9.08 30.33
N TYR D 491 40.06 -8.30 30.94
CA TYR D 491 39.93 -6.89 30.57
C TYR D 491 41.05 -6.03 31.13
N ASP D 492 41.41 -6.28 32.40
CA ASP D 492 42.46 -5.51 33.08
C ASP D 492 43.86 -5.80 32.51
N ALA D 493 44.03 -6.96 31.89
CA ALA D 493 45.31 -7.32 31.31
C ALA D 493 45.56 -6.53 30.03
N ARG D 494 44.48 -6.06 29.41
CA ARG D 494 44.56 -5.29 28.18
C ARG D 494 45.27 -3.96 28.39
N ASP D 495 46.04 -3.54 27.38
CA ASP D 495 46.72 -2.26 27.44
C ASP D 495 45.70 -1.18 27.10
N PRO D 496 45.85 0.03 27.69
CA PRO D 496 44.93 1.16 27.46
C PRO D 496 44.42 1.28 26.02
N SER D 497 45.32 1.12 25.04
CA SER D 497 44.91 1.22 23.64
C SER D 497 44.61 -0.11 22.98
N ASP D 498 45.40 -1.15 23.30
CA ASP D 498 45.20 -2.49 22.73
C ASP D 498 43.85 -3.03 23.14
N GLN D 499 42.98 -2.13 23.62
CA GLN D 499 41.64 -2.49 24.06
C GLN D 499 41.10 -3.69 23.28
#